data_9EWQ
#
_entry.id   9EWQ
#
_cell.length_a   1.00
_cell.length_b   1.00
_cell.length_c   1.00
_cell.angle_alpha   90.00
_cell.angle_beta   90.00
_cell.angle_gamma   90.00
#
_symmetry.space_group_name_H-M   'P 1'
#
_entity_poly.entity_id   1
_entity_poly.type   'polypeptide(L)'
_entity_poly.pdbx_seq_one_letter_code
;VKLAGNSSLCPVSGWAIYSKDNSVRIGSKGDVFVIREPFISCSPLECRTFFLTQGALLNDKHSNGTIKDRSPYRTLMSCP
IGEVPSPYNSRFESVAWSASACHDGINWLTIGISGPDSGAVAVLKYNGIITDTIKSWRNNILRTQESECACVNGSCFTIM
TDGPSDGQASYKIFRIEKGKIVKSVEMNAPNYHYEECSCYPDSSEITCVCRDNWHGSNRPWVSFNQNLEYQIGYICSGVF
GDNPRPNDKTGSCGPVSSNGANGVKGFSFKYGNGVWIGRTKSISSRKGFEMIWDPNGWTGTDNNFSIKQDIVGINEWSGY
SGSFVQHPELTGLDCIRPCFWVELIRGRPEENTIWTSGSSISFCGVNSDTVGWSWPDGAELPFTI
;
_entity_poly.pdbx_strand_id   A,B,C,D
#
# COMPACT_ATOMS: atom_id res chain seq x y z
N VAL A 1 -25.36 -8.00 15.09
CA VAL A 1 -24.12 -7.55 14.47
C VAL A 1 -23.18 -6.99 15.54
N LYS A 2 -23.74 -6.59 16.67
CA LYS A 2 -22.95 -6.07 17.78
C LYS A 2 -22.52 -7.20 18.71
N LEU A 3 -21.42 -6.98 19.41
CA LEU A 3 -20.86 -8.00 20.29
C LEU A 3 -21.74 -8.16 21.52
N ALA A 4 -22.09 -9.42 21.84
CA ALA A 4 -22.93 -9.68 23.00
C ALA A 4 -22.12 -9.69 24.29
N GLY A 5 -21.06 -10.49 24.33
CA GLY A 5 -20.21 -10.55 25.51
C GLY A 5 -20.84 -11.22 26.70
N ASN A 6 -21.80 -12.12 26.48
CA ASN A 6 -22.50 -12.80 27.56
C ASN A 6 -21.94 -14.19 27.85
N SER A 7 -20.86 -14.58 27.19
CA SER A 7 -20.26 -15.89 27.39
C SER A 7 -19.19 -15.82 28.47
N SER A 8 -18.86 -16.98 29.03
CA SER A 8 -17.81 -17.08 30.03
C SER A 8 -16.45 -17.19 29.35
N LEU A 9 -15.40 -16.99 30.13
CA LEU A 9 -14.05 -16.98 29.61
C LEU A 9 -13.55 -18.42 29.43
N CYS A 10 -12.87 -18.67 28.31
CA CYS A 10 -12.44 -20.03 27.99
C CYS A 10 -11.42 -20.54 29.00
N PRO A 11 -11.59 -21.73 29.55
CA PRO A 11 -10.52 -22.34 30.35
C PRO A 11 -9.40 -22.82 29.45
N VAL A 12 -8.16 -22.46 29.80
CA VAL A 12 -6.99 -22.77 28.99
C VAL A 12 -5.95 -23.46 29.86
N SER A 13 -5.01 -24.14 29.19
CA SER A 13 -3.89 -24.78 29.86
C SER A 13 -2.55 -24.42 29.23
N GLY A 14 -2.53 -23.54 28.25
CA GLY A 14 -1.28 -23.18 27.58
C GLY A 14 -1.51 -22.00 26.67
N TRP A 15 -0.41 -21.52 26.09
CA TRP A 15 -0.43 -20.33 25.24
C TRP A 15 0.37 -20.60 23.99
N ALA A 16 -0.24 -20.40 22.83
CA ALA A 16 0.40 -20.59 21.53
C ALA A 16 0.71 -19.24 20.92
N ILE A 17 1.92 -19.08 20.39
CA ILE A 17 2.34 -17.78 19.90
C ILE A 17 1.51 -17.39 18.68
N TYR A 18 0.96 -16.18 18.71
CA TYR A 18 0.05 -15.69 17.68
C TYR A 18 0.78 -14.89 16.62
N SER A 19 1.54 -13.86 17.02
CA SER A 19 2.23 -13.01 16.09
C SER A 19 3.52 -12.52 16.70
N LYS A 20 4.45 -12.11 15.83
CA LYS A 20 5.71 -11.53 16.27
C LYS A 20 6.09 -10.41 15.31
N ASP A 21 6.49 -9.28 15.87
CA ASP A 21 6.86 -8.10 15.11
C ASP A 21 8.36 -7.89 15.23
N ASN A 22 9.07 -7.89 14.10
CA ASN A 22 10.50 -7.61 14.09
C ASN A 22 10.75 -6.15 13.73
N SER A 23 10.17 -5.26 14.53
CA SER A 23 10.19 -3.84 14.20
C SER A 23 11.59 -3.25 14.29
N VAL A 24 12.36 -3.60 15.32
CA VAL A 24 13.65 -2.97 15.50
C VAL A 24 14.71 -3.62 14.61
N ARG A 25 14.59 -4.91 14.31
CA ARG A 25 15.51 -5.54 13.37
C ARG A 25 15.33 -4.98 11.97
N ILE A 26 14.08 -4.76 11.56
CA ILE A 26 13.80 -4.21 10.23
C ILE A 26 14.00 -2.70 10.19
N GLY A 27 13.87 -2.02 11.33
CA GLY A 27 13.96 -0.58 11.36
C GLY A 27 15.36 -0.02 11.22
N SER A 28 16.38 -0.87 11.24
CA SER A 28 17.74 -0.39 11.03
C SER A 28 17.96 0.08 9.59
N LYS A 29 17.26 -0.52 8.64
CA LYS A 29 17.32 -0.11 7.24
C LYS A 29 16.02 0.45 6.71
N GLY A 30 14.88 -0.18 7.04
CA GLY A 30 13.60 0.29 6.58
C GLY A 30 13.11 1.50 7.36
N ASP A 31 11.96 2.01 6.92
CA ASP A 31 11.33 3.17 7.54
C ASP A 31 10.21 2.68 8.44
N VAL A 32 10.49 2.57 9.74
CA VAL A 32 9.47 2.20 10.72
C VAL A 32 9.46 3.26 11.82
N PHE A 33 8.31 3.38 12.48
CA PHE A 33 8.13 4.38 13.52
C PHE A 33 8.88 4.00 14.79
N VAL A 34 9.11 5.00 15.63
CA VAL A 34 9.58 4.78 17.00
C VAL A 34 8.34 4.73 17.87
N ILE A 35 7.91 3.51 18.23
CA ILE A 35 6.63 3.30 18.88
C ILE A 35 6.86 2.95 20.35
N ARG A 36 5.77 3.02 21.12
CA ARG A 36 5.76 2.61 22.52
C ARG A 36 4.33 2.23 22.89
N GLU A 37 4.21 1.28 23.82
CA GLU A 37 2.93 0.78 24.33
C GLU A 37 2.04 0.25 23.20
N PRO A 38 2.45 -0.82 22.51
CA PRO A 38 1.68 -1.32 21.35
C PRO A 38 0.60 -2.36 21.66
N PHE A 39 -0.55 -1.90 22.15
CA PHE A 39 -1.62 -2.82 22.49
C PHE A 39 -2.31 -3.34 21.23
N ILE A 40 -3.16 -4.34 21.39
CA ILE A 40 -3.82 -5.02 20.29
C ILE A 40 -5.32 -5.09 20.58
N SER A 41 -6.13 -4.79 19.57
CA SER A 41 -7.58 -4.93 19.66
C SER A 41 -8.07 -5.67 18.43
N CYS A 42 -9.12 -6.47 18.61
CA CYS A 42 -9.66 -7.30 17.55
C CYS A 42 -11.05 -6.85 17.15
N SER A 43 -11.39 -7.09 15.90
CA SER A 43 -12.68 -6.77 15.31
C SER A 43 -13.27 -8.04 14.68
N PRO A 44 -14.58 -8.08 14.45
CA PRO A 44 -15.21 -9.29 13.89
C PRO A 44 -14.65 -9.73 12.54
N LEU A 45 -13.72 -8.96 11.97
CA LEU A 45 -13.07 -9.33 10.72
C LEU A 45 -11.56 -9.47 10.82
N GLU A 46 -10.91 -8.70 11.69
CA GLU A 46 -9.45 -8.71 11.76
C GLU A 46 -9.02 -8.17 13.11
N CYS A 47 -7.74 -8.36 13.43
CA CYS A 47 -7.12 -7.82 14.63
C CYS A 47 -6.06 -6.80 14.24
N ARG A 48 -6.09 -5.63 14.89
CA ARG A 48 -5.17 -4.55 14.60
C ARG A 48 -4.23 -4.34 15.77
N THR A 49 -3.05 -3.79 15.48
CA THR A 49 -2.10 -3.39 16.50
C THR A 49 -2.07 -1.87 16.58
N PHE A 50 -2.30 -1.34 17.78
CA PHE A 50 -2.32 0.09 18.01
C PHE A 50 -1.07 0.50 18.77
N PHE A 51 -0.41 1.56 18.30
CA PHE A 51 0.82 2.03 18.92
C PHE A 51 0.80 3.54 19.02
N LEU A 52 1.71 4.07 19.82
CA LEU A 52 1.83 5.52 20.06
C LEU A 52 3.16 5.99 19.48
N THR A 53 3.13 6.48 18.25
CA THR A 53 4.34 6.99 17.61
C THR A 53 4.74 8.32 18.22
N GLN A 54 6.04 8.59 18.21
CA GLN A 54 6.56 9.87 18.66
C GLN A 54 6.65 10.88 17.51
N GLY A 55 6.40 10.45 16.28
CA GLY A 55 6.51 11.32 15.13
C GLY A 55 7.81 11.23 14.38
N ALA A 56 8.65 10.25 14.69
CA ALA A 56 9.96 10.12 14.06
C ALA A 56 10.19 8.66 13.69
N LEU A 57 11.08 8.46 12.72
CA LEU A 57 11.43 7.13 12.27
C LEU A 57 12.67 6.61 12.99
N LEU A 58 12.83 5.30 13.00
CA LEU A 58 14.00 4.69 13.59
C LEU A 58 15.25 5.01 12.78
N ASN A 59 16.39 5.06 13.48
CA ASN A 59 17.68 5.37 12.85
C ASN A 59 17.66 6.74 12.18
N ASP A 60 17.06 7.71 12.86
CA ASP A 60 16.91 9.06 12.35
C ASP A 60 17.27 10.05 13.46
N LYS A 61 17.65 11.27 13.06
CA LYS A 61 18.07 12.27 14.02
C LYS A 61 16.91 12.80 14.85
N HIS A 62 15.67 12.58 14.42
CA HIS A 62 14.51 13.05 15.17
C HIS A 62 14.04 12.05 16.21
N SER A 63 14.70 10.90 16.32
CA SER A 63 14.43 9.94 17.39
C SER A 63 15.27 10.22 18.62
N ASN A 64 16.02 11.31 18.64
CA ASN A 64 16.81 11.67 19.81
C ASN A 64 15.90 12.05 20.96
N GLY A 65 16.21 11.54 22.14
CA GLY A 65 15.47 11.89 23.35
C GLY A 65 14.02 11.48 23.31
N THR A 66 13.72 10.29 22.82
CA THR A 66 12.36 9.78 22.82
C THR A 66 11.97 9.11 24.13
N ILE A 67 12.81 9.22 25.16
CA ILE A 67 12.41 8.77 26.49
C ILE A 67 11.29 9.65 27.05
N LYS A 68 11.13 10.86 26.51
CA LYS A 68 9.98 11.69 26.85
C LYS A 68 8.69 11.04 26.37
N ASP A 69 7.62 11.25 27.13
CA ASP A 69 6.37 10.55 26.87
C ASP A 69 5.14 11.44 26.71
N ARG A 70 5.27 12.76 26.82
CA ARG A 70 4.13 13.66 26.64
C ARG A 70 4.59 14.86 25.81
N SER A 71 4.40 14.79 24.50
CA SER A 71 4.83 15.82 23.58
C SER A 71 3.69 16.09 22.60
N PRO A 72 3.68 17.28 21.97
CA PRO A 72 2.62 17.60 21.01
C PRO A 72 2.68 16.80 19.72
N TYR A 73 3.63 15.87 19.57
CA TYR A 73 3.80 15.13 18.34
C TYR A 73 3.34 13.68 18.42
N ARG A 74 3.04 13.17 19.62
CA ARG A 74 2.61 11.79 19.74
C ARG A 74 1.23 11.60 19.14
N THR A 75 1.08 10.55 18.33
CA THR A 75 -0.19 10.24 17.70
C THR A 75 -0.48 8.76 17.86
N LEU A 76 -1.75 8.42 17.85
CA LEU A 76 -2.19 7.03 17.89
C LEU A 76 -2.45 6.54 16.47
N MET A 77 -1.83 5.42 16.11
CA MET A 77 -2.03 4.81 14.80
C MET A 77 -2.28 3.33 14.97
N SER A 78 -2.61 2.67 13.86
CA SER A 78 -2.87 1.24 13.88
C SER A 78 -2.38 0.62 12.58
N CYS A 79 -1.94 -0.63 12.67
CA CYS A 79 -1.49 -1.42 11.55
C CYS A 79 -1.99 -2.84 11.73
N PRO A 80 -2.10 -3.61 10.65
CA PRO A 80 -2.50 -5.01 10.80
C PRO A 80 -1.51 -5.79 11.66
N ILE A 81 -2.04 -6.78 12.38
CA ILE A 81 -1.22 -7.51 13.33
C ILE A 81 -0.09 -8.23 12.62
N GLY A 82 1.08 -8.26 13.28
CA GLY A 82 2.25 -8.91 12.73
C GLY A 82 3.05 -8.10 11.74
N GLU A 83 2.66 -6.87 11.45
CA GLU A 83 3.35 -6.03 10.48
C GLU A 83 4.05 -4.88 11.19
N VAL A 84 5.16 -4.43 10.63
CA VAL A 84 5.95 -3.39 11.27
C VAL A 84 5.20 -2.07 11.22
N PRO A 85 5.33 -1.21 12.23
CA PRO A 85 4.70 0.11 12.16
C PRO A 85 5.43 1.02 11.18
N SER A 86 4.84 1.25 10.02
CA SER A 86 5.51 2.00 8.97
C SER A 86 4.62 3.13 8.49
N PRO A 87 5.20 4.22 8.00
CA PRO A 87 4.36 5.31 7.46
C PRO A 87 3.53 4.89 6.26
N TYR A 88 3.94 3.85 5.53
CA TYR A 88 3.30 3.45 4.30
C TYR A 88 2.25 2.36 4.49
N ASN A 89 2.10 1.81 5.70
CA ASN A 89 1.07 0.82 5.92
C ASN A 89 0.33 1.00 7.24
N SER A 90 0.34 2.19 7.81
CA SER A 90 -0.35 2.48 9.06
C SER A 90 -1.54 3.40 8.81
N ARG A 91 -2.52 3.32 9.70
CA ARG A 91 -3.72 4.14 9.64
C ARG A 91 -3.75 5.08 10.83
N PHE A 92 -4.05 6.35 10.57
CA PHE A 92 -4.08 7.36 11.62
C PHE A 92 -5.39 7.26 12.40
N GLU A 93 -5.29 7.29 13.73
CA GLU A 93 -6.45 7.17 14.60
C GLU A 93 -6.76 8.44 15.36
N SER A 94 -5.78 9.00 16.07
CA SER A 94 -6.00 10.19 16.88
C SER A 94 -4.66 10.81 17.24
N VAL A 95 -4.72 12.00 17.83
CA VAL A 95 -3.56 12.69 18.36
C VAL A 95 -3.62 12.56 19.88
N ALA A 96 -2.67 11.83 20.46
CA ALA A 96 -2.72 11.54 21.88
C ALA A 96 -1.34 11.13 22.38
N TRP A 97 -1.11 11.37 23.67
CA TRP A 97 0.00 10.74 24.38
C TRP A 97 -0.48 9.71 25.39
N SER A 98 -1.78 9.38 25.36
CA SER A 98 -2.35 8.32 26.19
C SER A 98 -3.68 7.94 25.56
N ALA A 99 -3.80 6.71 25.09
CA ALA A 99 -4.91 6.34 24.24
C ALA A 99 -5.38 4.92 24.53
N SER A 100 -6.57 4.61 24.03
CA SER A 100 -7.14 3.27 24.05
C SER A 100 -8.16 3.16 22.92
N ALA A 101 -8.38 1.95 22.43
CA ALA A 101 -9.25 1.74 21.29
C ALA A 101 -10.03 0.45 21.45
N CYS A 102 -11.22 0.41 20.86
CA CYS A 102 -12.13 -0.73 21.00
C CYS A 102 -13.02 -0.83 19.77
N HIS A 103 -13.66 -1.99 19.63
CA HIS A 103 -14.59 -2.24 18.54
C HIS A 103 -15.83 -2.92 19.13
N ASP A 104 -16.98 -2.26 19.00
CA ASP A 104 -18.22 -2.76 19.59
C ASP A 104 -19.00 -3.65 18.64
N GLY A 105 -18.35 -4.20 17.62
CA GLY A 105 -19.01 -5.04 16.65
C GLY A 105 -19.53 -4.32 15.43
N ILE A 106 -19.56 -2.99 15.45
CA ILE A 106 -20.02 -2.18 14.32
C ILE A 106 -18.96 -1.19 13.86
N ASN A 107 -18.37 -0.46 14.81
CA ASN A 107 -17.41 0.58 14.45
C ASN A 107 -16.34 0.68 15.53
N TRP A 108 -15.21 1.29 15.16
CA TRP A 108 -14.07 1.46 16.05
C TRP A 108 -14.28 2.68 16.93
N LEU A 109 -14.03 2.52 18.23
CA LEU A 109 -14.03 3.63 19.18
C LEU A 109 -12.61 3.82 19.69
N THR A 110 -12.11 5.06 19.59
CA THR A 110 -10.78 5.39 20.07
C THR A 110 -10.86 6.59 21.00
N ILE A 111 -10.22 6.47 22.16
CA ILE A 111 -10.08 7.57 23.11
C ILE A 111 -8.64 8.06 23.06
N GLY A 112 -8.46 9.37 22.97
CA GLY A 112 -7.13 9.93 22.88
C GLY A 112 -6.95 11.19 23.72
N ILE A 113 -5.96 11.18 24.61
CA ILE A 113 -5.72 12.28 25.53
C ILE A 113 -4.51 13.07 25.05
N SER A 114 -4.68 14.39 24.88
CA SER A 114 -3.60 15.26 24.46
C SER A 114 -3.86 16.66 24.98
N GLY A 115 -2.84 17.27 25.57
CA GLY A 115 -2.94 18.60 26.10
C GLY A 115 -1.91 18.85 27.18
N PRO A 116 -2.02 19.97 27.88
CA PRO A 116 -1.09 20.26 28.97
C PRO A 116 -1.25 19.26 30.09
N ASP A 117 -0.21 19.18 30.93
CA ASP A 117 -0.27 18.29 32.08
C ASP A 117 -1.41 18.68 33.02
N SER A 118 -1.61 19.98 33.22
CA SER A 118 -2.71 20.49 34.03
C SER A 118 -3.78 21.01 33.09
N GLY A 119 -4.67 20.11 32.66
CA GLY A 119 -5.72 20.50 31.74
C GLY A 119 -5.83 19.64 30.50
N ALA A 120 -5.28 18.42 30.55
CA ALA A 120 -5.35 17.53 29.41
C ALA A 120 -6.81 17.18 29.10
N VAL A 121 -7.08 16.96 27.81
CA VAL A 121 -8.43 16.76 27.31
C VAL A 121 -8.48 15.50 26.47
N ALA A 122 -9.44 14.62 26.76
CA ALA A 122 -9.61 13.37 26.04
C ALA A 122 -10.67 13.54 24.95
N VAL A 123 -10.34 13.13 23.73
CA VAL A 123 -11.21 13.26 22.58
C VAL A 123 -11.65 11.87 22.15
N LEU A 124 -12.96 11.65 22.11
CA LEU A 124 -13.54 10.36 21.76
C LEU A 124 -13.97 10.39 20.30
N LYS A 125 -13.61 9.35 19.56
CA LYS A 125 -13.91 9.26 18.13
C LYS A 125 -14.65 7.96 17.85
N TYR A 126 -15.76 8.06 17.12
CA TYR A 126 -16.52 6.90 16.69
C TYR A 126 -16.58 6.90 15.17
N ASN A 127 -15.97 5.88 14.55
CA ASN A 127 -15.86 5.79 13.10
C ASN A 127 -15.13 7.01 12.53
N GLY A 128 -14.13 7.49 13.25
CA GLY A 128 -13.33 8.60 12.78
C GLY A 128 -13.93 9.97 12.95
N ILE A 129 -15.05 10.08 13.65
CA ILE A 129 -15.75 11.35 13.85
C ILE A 129 -15.74 11.65 15.35
N ILE A 130 -15.36 12.88 15.72
CA ILE A 130 -15.34 13.27 17.11
C ILE A 130 -16.78 13.31 17.63
N THR A 131 -17.03 12.59 18.72
CA THR A 131 -18.38 12.47 19.27
C THR A 131 -18.53 13.07 20.66
N ASP A 132 -17.52 12.93 21.52
CA ASP A 132 -17.60 13.46 22.87
C ASP A 132 -16.20 13.83 23.33
N THR A 133 -16.13 14.58 24.42
CA THR A 133 -14.88 15.15 24.89
C THR A 133 -14.90 15.23 26.41
N ILE A 134 -13.77 14.91 27.04
CA ILE A 134 -13.64 14.91 28.49
C ILE A 134 -12.47 15.79 28.88
N LYS A 135 -12.55 16.39 30.06
CA LYS A 135 -11.48 17.24 30.55
C LYS A 135 -11.04 16.77 31.94
N SER A 136 -9.79 17.07 32.28
CA SER A 136 -9.22 16.66 33.55
C SER A 136 -9.96 17.31 34.71
N TRP A 137 -10.04 16.57 35.82
CA TRP A 137 -10.80 17.03 36.99
C TRP A 137 -9.90 17.62 38.07
N ARG A 138 -8.85 16.89 38.45
CA ARG A 138 -7.93 17.31 39.49
C ARG A 138 -6.71 18.04 38.95
N ASN A 139 -6.68 18.29 37.63
CA ASN A 139 -5.61 19.08 37.00
C ASN A 139 -4.24 18.46 37.24
N ASN A 140 -4.14 17.14 37.08
CA ASN A 140 -2.89 16.43 36.95
C ASN A 140 -2.93 15.64 35.65
N ILE A 141 -1.95 14.74 35.48
CA ILE A 141 -1.83 14.01 34.22
C ILE A 141 -3.03 13.08 34.09
N LEU A 142 -3.96 13.42 33.22
CA LEU A 142 -5.10 12.56 32.92
C LEU A 142 -4.63 11.43 32.02
N ARG A 143 -4.85 10.19 32.46
CA ARG A 143 -4.29 9.04 31.77
C ARG A 143 -5.35 7.96 31.64
N THR A 144 -5.16 7.08 30.65
CA THR A 144 -6.13 6.04 30.36
C THR A 144 -5.48 4.67 30.34
N GLN A 145 -6.20 3.66 29.84
CA GLN A 145 -5.80 2.27 30.03
C GLN A 145 -4.46 1.96 29.40
N GLU A 146 -4.19 2.52 28.22
CA GLU A 146 -3.08 2.13 27.32
C GLU A 146 -3.33 0.78 26.67
N SER A 147 -4.51 0.18 26.86
CA SER A 147 -4.87 -1.10 26.30
C SER A 147 -6.30 -1.00 25.78
N GLU A 148 -6.77 -2.06 25.14
CA GLU A 148 -8.15 -2.06 24.66
C GLU A 148 -9.12 -2.14 25.83
N CYS A 149 -10.30 -1.57 25.64
CA CYS A 149 -11.34 -1.62 26.65
C CYS A 149 -12.26 -2.82 26.40
N ALA A 150 -13.29 -2.96 27.23
CA ALA A 150 -14.22 -4.08 27.13
C ALA A 150 -15.57 -3.58 26.67
N CYS A 151 -16.10 -4.17 25.61
CA CYS A 151 -17.40 -3.80 25.05
C CYS A 151 -18.37 -4.95 25.25
N VAL A 152 -19.48 -4.66 25.92
CA VAL A 152 -20.52 -5.64 26.21
C VAL A 152 -21.86 -5.07 25.79
N ASN A 153 -22.57 -5.78 24.90
CA ASN A 153 -23.90 -5.41 24.45
C ASN A 153 -23.94 -4.01 23.85
N GLY A 154 -22.89 -3.63 23.12
CA GLY A 154 -22.86 -2.35 22.47
C GLY A 154 -22.35 -1.19 23.31
N SER A 155 -21.96 -1.44 24.56
CA SER A 155 -21.43 -0.43 25.45
C SER A 155 -20.00 -0.79 25.81
N CYS A 156 -19.09 0.18 25.73
CA CYS A 156 -17.68 -0.04 25.99
C CYS A 156 -17.28 0.69 27.27
N PHE A 157 -16.51 0.01 28.12
CA PHE A 157 -16.19 0.49 29.46
C PHE A 157 -14.69 0.73 29.60
N THR A 158 -14.32 1.92 30.10
CA THR A 158 -12.93 2.29 30.29
C THR A 158 -12.76 2.90 31.67
N ILE A 159 -11.51 2.98 32.12
CA ILE A 159 -11.16 3.58 33.40
C ILE A 159 -10.10 4.65 33.17
N MET A 160 -10.28 5.80 33.80
CA MET A 160 -9.34 6.91 33.69
C MET A 160 -8.91 7.37 35.06
N THR A 161 -7.64 7.77 35.16
CA THR A 161 -7.03 8.19 36.41
C THR A 161 -6.60 9.64 36.30
N ASP A 162 -6.67 10.36 37.42
CA ASP A 162 -6.32 11.77 37.45
C ASP A 162 -5.84 12.13 38.84
N GLY A 163 -4.55 12.42 38.97
CA GLY A 163 -3.98 12.76 40.26
C GLY A 163 -2.51 12.39 40.33
N PRO A 164 -1.94 12.41 41.53
CA PRO A 164 -0.53 12.08 41.69
C PRO A 164 -0.23 10.64 41.28
N SER A 165 0.98 10.43 40.78
CA SER A 165 1.44 9.10 40.44
C SER A 165 2.17 8.42 41.59
N ASP A 166 2.38 9.12 42.71
CA ASP A 166 2.98 8.55 43.90
C ASP A 166 2.16 8.87 45.14
N GLY A 167 0.87 9.15 44.98
CA GLY A 167 0.00 9.48 46.08
C GLY A 167 -1.40 8.98 45.78
N GLN A 168 -2.39 9.61 46.38
CA GLN A 168 -3.78 9.22 46.21
C GLN A 168 -4.38 10.00 45.04
N ALA A 169 -4.85 9.28 44.04
CA ALA A 169 -5.41 9.86 42.84
C ALA A 169 -6.93 9.73 42.86
N SER A 170 -7.57 10.10 41.74
CA SER A 170 -9.00 9.94 41.56
C SER A 170 -9.25 9.03 40.37
N TYR A 171 -10.15 8.06 40.54
CA TYR A 171 -10.39 7.03 39.54
C TYR A 171 -11.84 7.10 39.08
N LYS A 172 -12.07 6.92 37.79
CA LYS A 172 -13.41 7.03 37.24
C LYS A 172 -13.67 5.91 36.24
N ILE A 173 -14.89 5.41 36.22
CA ILE A 173 -15.34 4.39 35.28
C ILE A 173 -16.33 5.03 34.32
N PHE A 174 -16.19 4.73 33.03
CA PHE A 174 -17.03 5.33 32.00
C PHE A 174 -17.76 4.24 31.23
N ARG A 175 -19.00 4.54 30.85
CA ARG A 175 -19.76 3.72 29.91
C ARG A 175 -20.02 4.54 28.66
N ILE A 176 -19.63 4.01 27.51
CA ILE A 176 -19.68 4.72 26.25
C ILE A 176 -20.56 3.95 25.27
N GLU A 177 -21.57 4.62 24.74
CA GLU A 177 -22.48 4.03 23.76
C GLU A 177 -22.39 4.83 22.47
N LYS A 178 -21.80 4.24 21.44
CA LYS A 178 -21.66 4.87 20.12
C LYS A 178 -20.92 6.20 20.22
N GLY A 179 -19.89 6.26 21.07
CA GLY A 179 -19.04 7.41 21.18
C GLY A 179 -19.47 8.44 22.21
N LYS A 180 -20.69 8.34 22.72
CA LYS A 180 -21.20 9.30 23.70
C LYS A 180 -21.16 8.68 25.09
N ILE A 181 -20.69 9.46 26.06
CA ILE A 181 -20.64 8.97 27.44
C ILE A 181 -22.03 8.98 28.04
N VAL A 182 -22.46 7.83 28.54
CA VAL A 182 -23.80 7.68 29.10
C VAL A 182 -23.77 7.76 30.62
N LYS A 183 -22.81 7.11 31.26
CA LYS A 183 -22.75 7.09 32.72
C LYS A 183 -21.29 7.06 33.16
N SER A 184 -20.95 7.86 34.15
CA SER A 184 -19.63 7.87 34.75
C SER A 184 -19.77 7.77 36.26
N VAL A 185 -18.93 6.95 36.88
CA VAL A 185 -18.95 6.72 38.31
C VAL A 185 -17.54 6.87 38.85
N GLU A 186 -17.38 7.66 39.91
CA GLU A 186 -16.08 7.87 40.53
C GLU A 186 -15.86 6.83 41.62
N MET A 187 -14.78 6.07 41.50
CA MET A 187 -14.46 5.01 42.45
C MET A 187 -14.10 5.60 43.81
N ASN A 188 -14.59 4.97 44.87
CA ASN A 188 -14.25 5.34 46.24
C ASN A 188 -13.33 4.24 46.78
N ALA A 189 -12.03 4.41 46.57
CA ALA A 189 -11.03 3.42 46.93
C ALA A 189 -9.91 4.08 47.71
N PRO A 190 -10.12 4.36 48.99
CA PRO A 190 -9.03 4.88 49.83
C PRO A 190 -7.90 3.87 49.97
N ASN A 191 -6.67 4.39 49.98
CA ASN A 191 -5.47 3.57 50.10
C ASN A 191 -5.36 2.56 48.96
N TYR A 192 -5.73 2.98 47.76
CA TYR A 192 -5.61 2.17 46.56
C TYR A 192 -4.97 3.01 45.46
N HIS A 193 -4.39 2.34 44.47
CA HIS A 193 -3.86 3.02 43.30
C HIS A 193 -4.17 2.20 42.06
N TYR A 194 -4.91 2.80 41.14
CA TYR A 194 -5.30 2.17 39.89
C TYR A 194 -4.68 2.95 38.74
N GLU A 195 -4.00 2.25 37.84
CA GLU A 195 -3.26 2.90 36.77
C GLU A 195 -2.98 1.88 35.68
N GLU A 196 -3.25 2.24 34.43
CA GLU A 196 -2.96 1.40 33.28
C GLU A 196 -3.62 0.03 33.42
N CYS A 197 -4.96 0.04 33.45
CA CYS A 197 -5.72 -1.18 33.67
C CYS A 197 -5.87 -1.98 32.39
N SER A 198 -5.94 -3.30 32.55
CA SER A 198 -6.23 -4.23 31.46
C SER A 198 -7.58 -4.87 31.73
N CYS A 199 -8.55 -4.59 30.87
CA CYS A 199 -9.94 -4.97 31.10
C CYS A 199 -10.39 -5.98 30.06
N TYR A 200 -11.15 -6.98 30.51
CA TYR A 200 -11.73 -7.98 29.62
C TYR A 200 -13.15 -8.28 30.07
N PRO A 201 -14.04 -8.62 29.15
CA PRO A 201 -15.40 -9.01 29.51
C PRO A 201 -15.53 -10.50 29.79
N ASP A 202 -16.39 -10.82 30.76
CA ASP A 202 -16.58 -12.20 31.17
C ASP A 202 -17.93 -12.33 31.84
N SER A 203 -18.87 -13.00 31.17
CA SER A 203 -20.22 -13.22 31.69
C SER A 203 -20.94 -11.90 31.95
N SER A 204 -20.95 -11.02 30.94
CA SER A 204 -21.62 -9.73 30.96
C SER A 204 -21.05 -8.78 32.01
N GLU A 205 -19.87 -9.06 32.55
CA GLU A 205 -19.22 -8.24 33.55
C GLU A 205 -17.81 -7.91 33.09
N ILE A 206 -17.26 -6.84 33.65
CA ILE A 206 -15.94 -6.33 33.26
C ILE A 206 -15.00 -6.49 34.45
N THR A 207 -13.82 -7.05 34.20
CA THR A 207 -12.79 -7.19 35.21
C THR A 207 -11.52 -6.51 34.72
N CYS A 208 -10.94 -5.66 35.55
CA CYS A 208 -9.75 -4.89 35.20
C CYS A 208 -8.66 -5.13 36.24
N VAL A 209 -7.46 -5.44 35.76
CA VAL A 209 -6.29 -5.60 36.62
C VAL A 209 -5.32 -4.47 36.31
N CYS A 210 -4.98 -3.68 37.33
CA CYS A 210 -4.30 -2.41 37.14
C CYS A 210 -2.91 -2.45 37.79
N ARG A 211 -2.27 -1.28 37.82
CA ARG A 211 -0.91 -1.13 38.32
C ARG A 211 -0.90 -0.18 39.51
N ASP A 212 -0.33 -0.63 40.62
CA ASP A 212 -0.18 0.19 41.82
C ASP A 212 1.18 0.85 41.77
N ASN A 213 1.21 2.15 41.49
CA ASN A 213 2.44 2.91 41.32
C ASN A 213 2.86 3.63 42.59
N TRP A 214 2.17 3.39 43.71
CA TRP A 214 2.39 4.16 44.93
C TRP A 214 2.98 3.32 46.06
N HIS A 215 2.28 2.26 46.50
CA HIS A 215 2.82 1.47 47.60
C HIS A 215 2.51 -0.03 47.50
N GLY A 216 2.20 -0.56 46.33
CA GLY A 216 1.84 -1.95 46.18
C GLY A 216 2.76 -2.68 45.22
N SER A 217 3.17 -3.89 45.62
CA SER A 217 3.96 -4.75 44.75
C SER A 217 3.14 -5.89 44.14
N ASN A 218 1.89 -6.08 44.59
CA ASN A 218 0.94 -6.92 43.89
C ASN A 218 0.02 -6.02 43.05
N ARG A 219 -0.99 -6.64 42.44
CA ARG A 219 -1.80 -5.89 41.49
C ARG A 219 -3.23 -5.75 41.98
N PRO A 220 -3.80 -4.56 41.93
CA PRO A 220 -5.21 -4.38 42.28
C PRO A 220 -6.13 -4.77 41.14
N TRP A 221 -7.41 -4.92 41.47
CA TRP A 221 -8.41 -5.28 40.47
C TRP A 221 -9.72 -4.58 40.81
N VAL A 222 -10.59 -4.48 39.80
CA VAL A 222 -11.93 -3.93 39.96
C VAL A 222 -12.86 -4.64 39.00
N SER A 223 -14.07 -4.96 39.46
CA SER A 223 -15.07 -5.62 38.64
C SER A 223 -16.40 -4.92 38.77
N PHE A 224 -17.08 -4.71 37.65
CA PHE A 224 -18.32 -3.97 37.65
C PHE A 224 -19.24 -4.51 36.55
N ASN A 225 -20.54 -4.29 36.73
CA ASN A 225 -21.53 -4.66 35.74
C ASN A 225 -21.82 -3.47 34.83
N GLN A 226 -22.87 -3.56 34.02
CA GLN A 226 -23.20 -2.52 33.07
C GLN A 226 -23.75 -1.25 33.73
N ASN A 227 -24.13 -1.33 34.99
CA ASN A 227 -24.59 -0.16 35.75
C ASN A 227 -23.48 0.45 36.59
N LEU A 228 -22.24 0.01 36.39
CA LEU A 228 -21.08 0.51 37.11
C LEU A 228 -21.25 0.36 38.62
N GLU A 229 -21.49 -0.88 39.04
CA GLU A 229 -21.51 -1.25 40.45
C GLU A 229 -20.25 -2.06 40.70
N TYR A 230 -19.26 -1.43 41.32
CA TYR A 230 -17.89 -1.94 41.34
C TYR A 230 -17.57 -2.65 42.64
N GLN A 231 -16.59 -3.56 42.56
CA GLN A 231 -16.00 -4.23 43.70
C GLN A 231 -14.48 -4.11 43.56
N ILE A 232 -13.80 -3.79 44.66
CA ILE A 232 -12.38 -3.48 44.61
C ILE A 232 -11.62 -4.42 45.54
N GLY A 233 -10.32 -4.56 45.27
CA GLY A 233 -9.48 -5.41 46.07
C GLY A 233 -8.11 -5.54 45.44
N TYR A 234 -7.33 -6.48 45.98
CA TYR A 234 -6.01 -6.80 45.45
C TYR A 234 -5.91 -8.29 45.20
N ILE A 235 -5.07 -8.66 44.24
CA ILE A 235 -4.82 -10.06 43.93
C ILE A 235 -3.88 -10.60 45.01
N CYS A 236 -4.45 -11.32 45.97
CA CYS A 236 -3.69 -11.80 47.13
C CYS A 236 -3.13 -13.19 46.86
N SER A 237 -1.96 -13.21 46.22
CA SER A 237 -1.25 -14.44 45.92
C SER A 237 0.22 -14.21 46.25
N GLY A 238 0.95 -15.28 46.51
CA GLY A 238 2.36 -15.18 46.79
C GLY A 238 3.20 -14.94 45.55
N VAL A 239 2.55 -15.04 44.39
CA VAL A 239 3.20 -14.79 43.11
C VAL A 239 2.90 -13.35 42.75
N PHE A 240 3.80 -12.45 43.09
CA PHE A 240 3.59 -11.02 42.91
C PHE A 240 3.63 -10.66 41.43
N GLY A 241 3.00 -9.54 41.09
CA GLY A 241 2.86 -9.15 39.70
C GLY A 241 3.75 -8.03 39.20
N ASP A 242 3.91 -6.96 39.98
CA ASP A 242 4.70 -5.83 39.51
C ASP A 242 6.17 -6.20 39.40
N ASN A 243 6.93 -5.35 38.69
CA ASN A 243 8.32 -5.66 38.46
C ASN A 243 9.17 -5.39 39.69
N PRO A 244 9.14 -4.19 40.29
CA PRO A 244 9.83 -4.04 41.57
C PRO A 244 9.05 -4.73 42.68
N ARG A 245 9.27 -6.03 42.82
CA ARG A 245 8.57 -6.87 43.76
C ARG A 245 9.57 -7.61 44.62
N PRO A 246 9.19 -8.05 45.80
CA PRO A 246 10.08 -8.84 46.65
C PRO A 246 10.19 -10.27 46.12
N ASN A 247 10.99 -11.06 46.82
CA ASN A 247 11.01 -12.49 46.55
C ASN A 247 9.70 -13.12 47.03
N ASP A 248 9.33 -14.23 46.40
CA ASP A 248 8.03 -14.84 46.65
C ASP A 248 7.87 -15.22 48.12
N LYS A 249 6.73 -14.83 48.69
CA LYS A 249 6.38 -15.15 50.07
C LYS A 249 4.87 -15.00 50.19
N THR A 250 4.35 -15.11 51.41
CA THR A 250 2.91 -15.02 51.63
C THR A 250 2.43 -13.61 51.33
N GLY A 251 1.48 -13.49 50.41
CA GLY A 251 0.92 -12.21 50.04
C GLY A 251 -0.15 -11.73 50.99
N SER A 252 -0.84 -10.68 50.59
CA SER A 252 -1.89 -10.08 51.40
C SER A 252 -2.98 -9.54 50.48
N CYS A 253 -4.18 -9.39 51.06
CA CYS A 253 -5.32 -8.86 50.32
C CYS A 253 -5.30 -7.34 50.21
N GLY A 254 -4.48 -6.67 51.01
CA GLY A 254 -4.27 -5.25 50.87
C GLY A 254 -2.95 -4.98 50.19
N PRO A 255 -2.64 -3.70 49.96
CA PRO A 255 -1.37 -3.36 49.31
C PRO A 255 -0.17 -3.85 50.09
N VAL A 256 0.59 -4.78 49.53
CA VAL A 256 1.84 -5.23 50.16
C VAL A 256 2.94 -4.26 49.76
N SER A 257 3.58 -3.66 50.76
CA SER A 257 4.56 -2.58 50.53
C SER A 257 5.90 -3.04 51.06
N SER A 258 6.65 -3.74 50.21
CA SER A 258 8.03 -4.10 50.51
C SER A 258 8.99 -3.54 49.49
N ASN A 259 8.74 -3.77 48.20
CA ASN A 259 9.54 -3.18 47.13
C ASN A 259 8.67 -2.46 46.11
N GLY A 260 7.39 -2.26 46.40
CA GLY A 260 6.48 -1.69 45.44
C GLY A 260 6.37 -0.18 45.49
N ALA A 261 7.08 0.49 44.59
CA ALA A 261 6.95 1.95 44.46
C ALA A 261 6.87 2.43 43.02
N ASN A 262 7.23 1.62 42.02
CA ASN A 262 7.13 2.05 40.62
C ASN A 262 6.89 0.80 39.77
N GLY A 263 5.62 0.49 39.53
CA GLY A 263 5.25 -0.76 38.88
C GLY A 263 5.47 -0.75 37.39
N VAL A 264 4.94 -1.80 36.75
CA VAL A 264 4.91 -1.93 35.30
C VAL A 264 3.53 -2.42 34.91
N LYS A 265 3.09 -2.06 33.71
CA LYS A 265 1.75 -2.43 33.25
C LYS A 265 1.67 -3.93 33.01
N GLY A 266 0.63 -4.56 33.55
CA GLY A 266 0.47 -6.00 33.43
C GLY A 266 -0.98 -6.43 33.37
N PHE A 267 -1.24 -7.72 33.61
CA PHE A 267 -2.57 -8.27 33.48
C PHE A 267 -2.67 -9.55 34.31
N SER A 268 -3.86 -10.14 34.30
CA SER A 268 -4.16 -11.43 34.92
C SER A 268 -5.57 -11.82 34.53
N PHE A 269 -5.84 -13.12 34.51
CA PHE A 269 -7.15 -13.66 34.18
C PHE A 269 -7.69 -14.44 35.38
N LYS A 270 -8.93 -14.16 35.75
CA LYS A 270 -9.56 -14.86 36.88
C LYS A 270 -10.38 -16.03 36.38
N TYR A 271 -10.23 -17.18 37.02
CA TYR A 271 -10.94 -18.41 36.68
C TYR A 271 -11.61 -18.97 37.91
N GLY A 272 -12.35 -18.13 38.63
CA GLY A 272 -12.94 -18.53 39.90
C GLY A 272 -12.09 -18.06 41.05
N ASN A 273 -11.30 -18.98 41.61
CA ASN A 273 -10.28 -18.62 42.59
C ASN A 273 -8.89 -18.61 42.00
N GLY A 274 -8.71 -19.10 40.78
CA GLY A 274 -7.40 -19.16 40.17
C GLY A 274 -7.07 -17.93 39.36
N VAL A 275 -5.79 -17.81 39.01
CA VAL A 275 -5.27 -16.70 38.23
C VAL A 275 -4.28 -17.23 37.20
N TRP A 276 -4.12 -16.48 36.12
CA TRP A 276 -3.07 -16.71 35.13
C TRP A 276 -2.18 -15.47 35.15
N ILE A 277 -1.17 -15.49 36.01
CA ILE A 277 -0.33 -14.32 36.25
C ILE A 277 0.74 -14.23 35.17
N GLY A 278 0.80 -13.08 34.51
CA GLY A 278 1.88 -12.80 33.58
C GLY A 278 2.83 -11.75 34.13
N ARG A 279 4.07 -12.14 34.41
CA ARG A 279 5.04 -11.26 35.06
C ARG A 279 6.40 -11.42 34.40
N THR A 280 7.35 -10.60 34.83
CA THR A 280 8.73 -10.67 34.35
C THR A 280 9.55 -11.58 35.25
N LYS A 281 10.61 -12.14 34.69
CA LYS A 281 11.46 -13.06 35.42
C LYS A 281 12.40 -12.36 36.40
N SER A 282 12.68 -11.08 36.19
CA SER A 282 13.60 -10.34 37.04
C SER A 282 12.81 -9.43 37.97
N ILE A 283 13.15 -9.47 39.27
CA ILE A 283 12.46 -8.64 40.25
C ILE A 283 13.03 -7.24 40.33
N SER A 284 14.00 -6.89 39.50
CA SER A 284 14.64 -5.59 39.51
C SER A 284 14.35 -4.78 38.25
N SER A 285 14.67 -5.33 37.08
CA SER A 285 14.47 -4.66 35.81
C SER A 285 13.55 -5.49 34.92
N ARG A 286 13.07 -4.86 33.85
CA ARG A 286 12.10 -5.48 32.95
C ARG A 286 12.83 -6.46 32.03
N LYS A 287 13.12 -7.63 32.58
CA LYS A 287 13.83 -8.68 31.86
C LYS A 287 13.08 -10.00 32.01
N GLY A 288 12.81 -10.66 30.89
CA GLY A 288 12.12 -11.92 30.90
C GLY A 288 10.62 -11.77 30.99
N PHE A 289 9.92 -12.90 30.83
CA PHE A 289 8.47 -12.93 30.96
C PHE A 289 8.03 -14.38 31.10
N GLU A 290 6.94 -14.59 31.83
CA GLU A 290 6.42 -15.93 32.06
C GLU A 290 4.95 -15.84 32.44
N MET A 291 4.24 -16.96 32.25
CA MET A 291 2.86 -17.09 32.67
C MET A 291 2.76 -18.20 33.71
N ILE A 292 2.10 -17.90 34.82
CA ILE A 292 2.02 -18.79 35.96
C ILE A 292 0.55 -19.04 36.30
N TRP A 293 0.19 -20.30 36.50
CA TRP A 293 -1.18 -20.69 36.84
C TRP A 293 -1.22 -21.05 38.32
N ASP A 294 -1.86 -20.20 39.12
CA ASP A 294 -2.07 -20.45 40.54
C ASP A 294 -3.50 -20.91 40.76
N PRO A 295 -3.73 -22.14 41.19
CA PRO A 295 -5.11 -22.64 41.29
C PRO A 295 -6.00 -21.83 42.24
N ASN A 296 -5.45 -21.24 43.29
CA ASN A 296 -6.22 -20.46 44.25
C ASN A 296 -5.56 -19.11 44.49
N GLY A 297 -5.03 -18.50 43.42
CA GLY A 297 -4.27 -17.28 43.58
C GLY A 297 -5.10 -16.04 43.83
N TRP A 298 -6.34 -16.01 43.33
CA TRP A 298 -7.14 -14.80 43.46
C TRP A 298 -7.57 -14.53 44.89
N THR A 299 -7.60 -15.55 45.76
CA THR A 299 -8.04 -15.39 47.14
C THR A 299 -7.12 -16.01 48.17
N GLY A 300 -6.23 -16.93 47.79
CA GLY A 300 -5.37 -17.60 48.75
C GLY A 300 -3.96 -17.02 48.71
N THR A 301 -3.45 -16.71 49.90
CA THR A 301 -2.16 -16.02 50.03
C THR A 301 -1.07 -17.05 50.33
N ASP A 302 -0.57 -17.66 49.25
CA ASP A 302 0.60 -18.53 49.34
C ASP A 302 1.34 -18.47 48.01
N ASN A 303 2.61 -18.86 48.05
CA ASN A 303 3.48 -18.74 46.89
C ASN A 303 3.52 -20.00 46.03
N ASN A 304 2.71 -21.00 46.34
CA ASN A 304 2.70 -22.23 45.56
C ASN A 304 1.83 -22.09 44.33
N PHE A 305 2.34 -22.56 43.19
CA PHE A 305 1.60 -22.55 41.93
C PHE A 305 1.69 -23.93 41.29
N SER A 306 1.12 -24.07 40.10
CA SER A 306 1.04 -25.35 39.41
C SER A 306 1.79 -25.37 38.09
N ILE A 307 1.53 -24.41 37.20
CA ILE A 307 2.08 -24.42 35.85
C ILE A 307 2.86 -23.13 35.63
N LYS A 308 4.02 -23.25 34.98
CA LYS A 308 4.80 -22.11 34.54
C LYS A 308 5.22 -22.31 33.10
N GLN A 309 5.10 -21.26 32.28
CA GLN A 309 5.48 -21.30 30.89
C GLN A 309 6.46 -20.17 30.61
N ASP A 310 7.50 -20.47 29.84
CA ASP A 310 8.56 -19.51 29.55
C ASP A 310 8.27 -18.81 28.23
N ILE A 311 8.31 -17.48 28.24
CA ILE A 311 7.95 -16.74 27.04
C ILE A 311 9.10 -15.84 26.59
N VAL A 312 9.90 -15.35 27.53
CA VAL A 312 11.10 -14.57 27.22
C VAL A 312 12.17 -14.98 28.22
N GLY A 313 13.41 -15.14 27.75
CA GLY A 313 14.48 -15.53 28.63
C GLY A 313 14.83 -14.47 29.65
N ILE A 314 15.43 -14.91 30.75
CA ILE A 314 15.73 -14.01 31.86
C ILE A 314 16.78 -12.97 31.49
N ASN A 315 17.53 -13.19 30.40
CA ASN A 315 18.56 -12.26 29.98
C ASN A 315 18.12 -11.37 28.82
N GLU A 316 16.84 -11.42 28.45
CA GLU A 316 16.33 -10.63 27.34
C GLU A 316 15.37 -9.58 27.85
N TRP A 317 15.37 -8.43 27.16
CA TRP A 317 14.61 -7.28 27.63
C TRP A 317 13.11 -7.47 27.39
N SER A 318 12.32 -7.01 28.36
CA SER A 318 10.87 -7.08 28.30
C SER A 318 10.27 -5.71 28.54
N GLY A 319 8.97 -5.64 28.76
CA GLY A 319 8.34 -4.35 29.02
C GLY A 319 6.89 -4.45 29.43
N TYR A 320 6.06 -3.59 28.84
CA TYR A 320 4.63 -3.58 29.15
C TYR A 320 3.97 -4.86 28.69
N SER A 321 2.87 -5.20 29.36
CA SER A 321 2.09 -6.39 29.01
C SER A 321 0.62 -6.11 29.24
N GLY A 322 -0.22 -6.58 28.32
CA GLY A 322 -1.65 -6.35 28.41
C GLY A 322 -2.41 -7.52 27.83
N SER A 323 -3.73 -7.45 27.96
CA SER A 323 -4.61 -8.56 27.60
C SER A 323 -5.69 -8.10 26.63
N PHE A 324 -5.98 -8.94 25.65
CA PHE A 324 -7.12 -8.75 24.76
C PHE A 324 -7.84 -10.09 24.60
N VAL A 325 -9.06 -10.04 24.08
CA VAL A 325 -9.89 -11.23 23.95
C VAL A 325 -10.45 -11.31 22.53
N GLN A 326 -10.82 -12.53 22.13
CA GLN A 326 -11.45 -12.78 20.85
C GLN A 326 -12.85 -13.31 21.09
N HIS A 327 -13.85 -12.59 20.63
CA HIS A 327 -15.25 -12.92 20.89
C HIS A 327 -15.72 -14.07 20.00
N PRO A 328 -16.77 -14.77 20.41
CA PRO A 328 -17.30 -15.86 19.57
C PRO A 328 -17.76 -15.41 18.20
N GLU A 329 -18.09 -14.14 18.03
CA GLU A 329 -18.47 -13.62 16.72
C GLU A 329 -17.31 -13.63 15.73
N LEU A 330 -16.08 -13.83 16.20
CA LEU A 330 -14.91 -13.90 15.34
C LEU A 330 -14.32 -15.30 15.30
N THR A 331 -14.02 -15.90 16.45
CA THR A 331 -13.43 -17.24 16.47
C THR A 331 -14.42 -18.29 16.00
N GLY A 332 -15.68 -18.18 16.41
CA GLY A 332 -16.68 -19.18 16.11
C GLY A 332 -16.95 -20.15 17.23
N LEU A 333 -16.26 -20.03 18.36
CA LEU A 333 -16.47 -20.92 19.49
C LEU A 333 -17.71 -20.46 20.26
N ASP A 334 -17.91 -21.01 21.45
CA ASP A 334 -19.05 -20.65 22.29
C ASP A 334 -18.63 -19.91 23.56
N CYS A 335 -17.39 -19.42 23.62
CA CYS A 335 -16.89 -18.74 24.80
C CYS A 335 -15.82 -17.74 24.37
N ILE A 336 -15.48 -16.83 25.28
CA ILE A 336 -14.49 -15.79 25.00
C ILE A 336 -13.10 -16.35 25.24
N ARG A 337 -12.22 -16.21 24.24
CA ARG A 337 -10.86 -16.73 24.30
C ARG A 337 -9.90 -15.68 24.85
N PRO A 338 -9.13 -15.99 25.88
CA PRO A 338 -8.17 -15.02 26.42
C PRO A 338 -6.87 -15.00 25.64
N CYS A 339 -6.33 -13.79 25.47
CA CYS A 339 -5.07 -13.59 24.76
C CYS A 339 -4.31 -12.47 25.45
N PHE A 340 -3.04 -12.32 25.11
CA PHE A 340 -2.23 -11.25 25.68
C PHE A 340 -1.11 -10.87 24.73
N TRP A 341 -0.50 -9.72 25.00
CA TRP A 341 0.61 -9.19 24.22
C TRP A 341 1.72 -8.72 25.16
N VAL A 342 2.94 -8.73 24.66
CA VAL A 342 4.11 -8.26 25.40
C VAL A 342 4.88 -7.28 24.53
N GLU A 343 5.41 -6.23 25.14
CA GLU A 343 6.24 -5.25 24.45
C GLU A 343 7.69 -5.43 24.88
N LEU A 344 8.59 -5.44 23.89
CA LEU A 344 10.01 -5.70 24.12
C LEU A 344 10.76 -4.37 23.92
N ILE A 345 11.07 -3.70 25.02
CA ILE A 345 11.63 -2.35 24.97
C ILE A 345 13.14 -2.44 24.77
N ARG A 346 13.65 -1.70 23.79
CA ARG A 346 15.07 -1.57 23.53
C ARG A 346 15.40 -0.09 23.34
N GLY A 347 16.32 0.45 24.12
CA GLY A 347 16.70 1.83 23.95
C GLY A 347 17.37 2.40 25.18
N ARG A 348 17.14 3.71 25.36
CA ARG A 348 17.97 4.51 26.25
C ARG A 348 17.96 4.07 27.72
N PRO A 349 16.81 3.79 28.37
CA PRO A 349 16.82 3.65 29.84
C PRO A 349 17.83 2.63 30.35
N GLU A 350 18.09 1.59 29.57
CA GLU A 350 19.03 0.56 29.98
C GLU A 350 20.18 0.33 29.01
N GLU A 351 20.22 1.03 27.88
CA GLU A 351 21.26 0.84 26.88
C GLU A 351 21.80 2.18 26.43
N ASN A 352 22.95 2.15 25.78
CA ASN A 352 23.68 3.37 25.41
C ASN A 352 23.30 3.79 23.99
N THR A 353 22.05 4.21 23.86
CA THR A 353 21.53 4.75 22.60
C THR A 353 20.98 6.14 22.86
N ILE A 354 20.35 6.72 21.83
CA ILE A 354 19.70 8.02 21.95
C ILE A 354 18.19 7.92 21.88
N TRP A 355 17.63 6.74 21.62
CA TRP A 355 16.21 6.56 21.37
C TRP A 355 15.66 5.48 22.30
N THR A 356 14.37 5.19 22.14
CA THR A 356 13.71 4.13 22.89
C THR A 356 12.53 3.64 22.07
N SER A 357 12.56 2.39 21.66
CA SER A 357 11.49 1.80 20.86
C SER A 357 11.27 0.37 21.31
N GLY A 358 10.09 -0.15 21.03
CA GLY A 358 9.71 -1.49 21.45
C GLY A 358 8.99 -2.26 20.36
N SER A 359 9.34 -3.54 20.25
CA SER A 359 8.65 -4.48 19.39
C SER A 359 7.54 -5.17 20.19
N SER A 360 6.89 -6.17 19.60
CA SER A 360 5.78 -6.82 20.28
C SER A 360 5.67 -8.28 19.86
N ILE A 361 5.07 -9.08 20.76
CA ILE A 361 4.70 -10.46 20.48
C ILE A 361 3.32 -10.70 21.06
N SER A 362 2.65 -11.73 20.56
CA SER A 362 1.28 -12.02 20.96
C SER A 362 1.11 -13.52 21.17
N PHE A 363 0.26 -13.88 22.14
CA PHE A 363 -0.02 -15.28 22.44
C PHE A 363 -1.52 -15.47 22.63
N CYS A 364 -2.00 -16.67 22.32
CA CYS A 364 -3.39 -17.04 22.45
C CYS A 364 -3.53 -18.28 23.32
N GLY A 365 -4.58 -18.30 24.15
CA GLY A 365 -4.80 -19.41 25.06
C GLY A 365 -5.50 -20.56 24.36
N VAL A 366 -4.95 -21.77 24.55
CA VAL A 366 -5.47 -22.97 23.90
C VAL A 366 -5.53 -24.11 24.90
N ASN A 367 -6.31 -25.13 24.55
CA ASN A 367 -6.41 -26.37 25.32
C ASN A 367 -5.65 -27.52 24.65
N SER A 368 -4.52 -27.22 24.03
CA SER A 368 -3.73 -28.20 23.29
C SER A 368 -2.31 -28.22 23.84
N ASP A 369 -1.43 -28.92 23.12
CA ASP A 369 -0.03 -29.05 23.53
C ASP A 369 0.75 -27.83 23.10
N THR A 370 1.44 -27.20 24.05
CA THR A 370 2.23 -26.00 23.81
C THR A 370 3.58 -26.12 24.49
N VAL A 371 4.53 -25.33 24.01
CA VAL A 371 5.91 -25.39 24.50
C VAL A 371 6.31 -24.00 24.98
N GLY A 372 7.23 -23.96 25.92
CA GLY A 372 7.82 -22.72 26.39
C GLY A 372 9.19 -22.50 25.78
N TRP A 373 9.43 -21.28 25.33
CA TRP A 373 10.68 -20.93 24.67
C TRP A 373 10.99 -19.49 24.99
N SER A 374 11.91 -18.89 24.22
CA SER A 374 12.23 -17.47 24.33
C SER A 374 12.08 -16.86 22.95
N TRP A 375 11.27 -15.81 22.84
CA TRP A 375 11.02 -15.10 21.59
C TRP A 375 11.38 -13.64 21.80
N PRO A 376 12.67 -13.32 21.88
CA PRO A 376 13.07 -11.95 22.20
C PRO A 376 13.15 -11.05 20.99
N ASP A 377 13.60 -9.82 21.19
CA ASP A 377 13.89 -8.91 20.10
C ASP A 377 15.36 -9.07 19.72
N GLY A 378 15.61 -9.52 18.49
CA GLY A 378 16.97 -9.83 18.09
C GLY A 378 17.74 -8.67 17.49
N ALA A 379 17.45 -7.46 17.95
CA ALA A 379 18.16 -6.30 17.47
C ALA A 379 19.57 -6.26 18.03
N GLU A 380 20.47 -5.61 17.28
CA GLU A 380 21.88 -5.47 17.66
C GLU A 380 22.18 -3.99 17.79
N LEU A 381 22.14 -3.49 19.01
CA LEU A 381 22.41 -2.09 19.29
C LEU A 381 23.88 -1.88 19.61
N PRO A 382 24.41 -0.66 19.43
CA PRO A 382 23.76 0.57 18.93
C PRO A 382 23.60 0.60 17.41
N PHE A 383 22.76 1.51 16.93
CA PHE A 383 22.52 1.68 15.51
C PHE A 383 23.54 2.67 14.93
N THR A 384 23.32 3.08 13.68
CA THR A 384 24.22 4.03 13.05
C THR A 384 24.09 5.43 13.65
N ILE A 385 22.87 5.81 14.04
CA ILE A 385 22.63 7.15 14.57
C ILE A 385 23.04 7.24 16.03
N VAL B 1 -26.43 8.82 -3.03
CA VAL B 1 -27.37 9.88 -2.67
C VAL B 1 -26.65 11.23 -2.69
N LYS B 2 -27.39 12.29 -2.96
CA LYS B 2 -26.83 13.63 -3.01
C LYS B 2 -26.44 14.10 -1.61
N LEU B 3 -25.97 15.34 -1.53
CA LEU B 3 -25.51 15.95 -0.28
C LEU B 3 -26.26 17.26 -0.11
N ALA B 4 -27.40 17.21 0.59
CA ALA B 4 -28.16 18.41 0.85
C ALA B 4 -27.43 19.32 1.83
N GLY B 5 -27.65 20.62 1.69
CA GLY B 5 -27.02 21.59 2.56
C GLY B 5 -28.01 22.55 3.18
N ASN B 6 -29.18 22.05 3.57
CA ASN B 6 -30.27 22.87 4.07
C ASN B 6 -30.24 23.06 5.58
N SER B 7 -29.30 22.45 6.28
CA SER B 7 -29.23 22.51 7.74
C SER B 7 -28.17 23.52 8.17
N SER B 8 -28.53 24.34 9.15
CA SER B 8 -27.70 25.47 9.56
C SER B 8 -26.40 24.99 10.21
N LEU B 9 -25.48 25.92 10.39
CA LEU B 9 -24.16 25.62 10.92
C LEU B 9 -24.23 25.41 12.43
N CYS B 10 -23.52 24.40 12.92
CA CYS B 10 -23.57 24.07 14.34
C CYS B 10 -22.97 25.19 15.18
N PRO B 11 -23.64 25.63 16.25
CA PRO B 11 -23.00 26.55 17.20
C PRO B 11 -21.98 25.81 18.04
N VAL B 12 -20.79 26.39 18.18
CA VAL B 12 -19.70 25.75 18.89
C VAL B 12 -19.14 26.72 19.92
N SER B 13 -18.42 26.17 20.90
CA SER B 13 -17.74 26.96 21.91
C SER B 13 -16.27 26.60 22.07
N GLY B 14 -15.74 25.71 21.24
CA GLY B 14 -14.36 25.28 21.36
C GLY B 14 -14.00 24.41 20.18
N TRP B 15 -12.71 24.05 20.13
CA TRP B 15 -12.17 23.28 19.02
C TRP B 15 -11.32 22.15 19.56
N ALA B 16 -11.59 20.93 19.10
CA ALA B 16 -10.86 19.74 19.50
C ALA B 16 -9.99 19.29 18.34
N ILE B 17 -8.73 18.96 18.64
CA ILE B 17 -7.78 18.64 17.58
C ILE B 17 -8.19 17.34 16.89
N TYR B 18 -8.31 17.41 15.56
CA TYR B 18 -8.73 16.28 14.75
C TYR B 18 -7.57 15.41 14.31
N SER B 19 -6.60 15.99 13.60
CA SER B 19 -5.47 15.23 13.10
C SER B 19 -4.22 16.09 13.15
N LYS B 20 -3.08 15.42 13.23
CA LYS B 20 -1.78 16.07 13.15
C LYS B 20 -0.88 15.24 12.25
N ASP B 21 -0.23 15.89 11.30
CA ASP B 21 0.60 15.23 10.31
C ASP B 21 2.04 15.66 10.50
N ASN B 22 2.92 14.70 10.77
CA ASN B 22 4.33 14.98 11.03
C ASN B 22 5.16 14.77 9.76
N SER B 23 4.89 15.60 8.76
CA SER B 23 5.50 15.39 7.44
C SER B 23 6.99 15.69 7.47
N VAL B 24 7.39 16.82 8.06
CA VAL B 24 8.78 17.23 7.98
C VAL B 24 9.66 16.46 8.97
N ARG B 25 9.09 16.04 10.11
CA ARG B 25 9.85 15.20 11.03
C ARG B 25 10.14 13.83 10.42
N ILE B 26 9.15 13.25 9.72
CA ILE B 26 9.33 11.95 9.10
C ILE B 26 10.07 12.06 7.77
N GLY B 27 9.99 13.21 7.10
CA GLY B 27 10.61 13.37 5.80
C GLY B 27 12.11 13.48 5.79
N SER B 28 12.75 13.60 6.96
CA SER B 28 14.20 13.64 7.00
C SER B 28 14.81 12.29 6.67
N LYS B 29 14.09 11.20 6.91
CA LYS B 29 14.53 9.86 6.59
C LYS B 29 13.64 9.15 5.58
N GLY B 30 12.32 9.29 5.71
CA GLY B 30 11.39 8.66 4.80
C GLY B 30 11.27 9.43 3.50
N ASP B 31 10.44 8.88 2.60
CA ASP B 31 10.18 9.47 1.30
C ASP B 31 8.83 10.15 1.34
N VAL B 32 8.83 11.47 1.57
CA VAL B 32 7.60 12.25 1.55
C VAL B 32 7.78 13.40 0.56
N PHE B 33 6.66 13.88 0.04
CA PHE B 33 6.68 14.96 -0.94
C PHE B 33 7.00 16.30 -0.29
N VAL B 34 7.39 17.26 -1.12
CA VAL B 34 7.50 18.66 -0.73
C VAL B 34 6.18 19.30 -1.12
N ILE B 35 5.30 19.51 -0.16
CA ILE B 35 3.92 19.90 -0.42
C ILE B 35 3.70 21.36 -0.07
N ARG B 36 2.56 21.89 -0.51
CA ARG B 36 2.14 23.26 -0.26
C ARG B 36 0.63 23.32 -0.36
N GLU B 37 0.03 24.21 0.43
CA GLU B 37 -1.41 24.43 0.49
C GLU B 37 -2.18 23.13 0.72
N PRO B 38 -2.01 22.48 1.88
CA PRO B 38 -2.65 21.17 2.11
C PRO B 38 -4.07 21.22 2.70
N PHE B 39 -5.05 21.50 1.84
CA PHE B 39 -6.41 21.59 2.34
C PHE B 39 -7.01 20.20 2.54
N ILE B 40 -8.14 20.16 3.25
CA ILE B 40 -8.82 18.92 3.61
C ILE B 40 -10.25 18.98 3.12
N SER B 41 -10.71 17.90 2.51
CA SER B 41 -12.09 17.76 2.06
C SER B 41 -12.63 16.43 2.53
N CYS B 42 -13.91 16.39 2.90
CA CYS B 42 -14.53 15.20 3.45
C CYS B 42 -15.57 14.63 2.49
N SER B 43 -15.79 13.33 2.60
CA SER B 43 -16.75 12.59 1.80
C SER B 43 -17.62 11.78 2.75
N PRO B 44 -18.81 11.34 2.29
CA PRO B 44 -19.71 10.59 3.18
C PRO B 44 -19.13 9.31 3.76
N LEU B 45 -17.89 8.97 3.39
CA LEU B 45 -17.23 7.80 3.96
C LEU B 45 -15.91 8.12 4.65
N GLU B 46 -15.18 9.14 4.19
CA GLU B 46 -13.85 9.44 4.73
C GLU B 46 -13.51 10.88 4.41
N CYS B 47 -12.45 11.38 5.06
CA CYS B 47 -11.91 12.70 4.79
C CYS B 47 -10.51 12.56 4.24
N ARG B 48 -10.22 13.28 3.16
CA ARG B 48 -8.93 13.21 2.48
C ARG B 48 -8.19 14.53 2.65
N THR B 49 -6.88 14.48 2.57
CA THR B 49 -6.03 15.66 2.56
C THR B 49 -5.49 15.86 1.15
N PHE B 50 -5.71 17.04 0.60
CA PHE B 50 -5.26 17.38 -0.75
C PHE B 50 -4.09 18.35 -0.66
N PHE B 51 -3.03 18.08 -1.40
CA PHE B 51 -1.83 18.90 -1.37
C PHE B 51 -1.33 19.11 -2.80
N LEU B 52 -0.44 20.08 -2.96
CA LEU B 52 0.15 20.42 -4.25
C LEU B 52 1.63 20.07 -4.22
N THR B 53 1.95 18.85 -4.66
CA THR B 53 3.34 18.43 -4.72
C THR B 53 4.10 19.24 -5.76
N GLN B 54 5.41 19.34 -5.57
CA GLN B 54 6.26 20.06 -6.50
C GLN B 54 7.09 19.13 -7.38
N GLY B 55 6.76 17.84 -7.37
CA GLY B 55 7.47 16.87 -8.19
C GLY B 55 8.75 16.33 -7.59
N ALA B 56 9.06 16.66 -6.34
CA ALA B 56 10.32 16.27 -5.73
C ALA B 56 10.06 15.77 -4.31
N LEU B 57 10.97 14.92 -3.83
CA LEU B 57 10.89 14.39 -2.48
C LEU B 57 11.67 15.28 -1.52
N LEU B 58 11.29 15.20 -0.25
CA LEU B 58 11.97 15.97 0.78
C LEU B 58 13.35 15.40 1.06
N ASN B 59 14.28 16.30 1.41
CA ASN B 59 15.68 15.94 1.62
C ASN B 59 16.29 15.32 0.35
N ASP B 60 16.13 16.03 -0.76
CA ASP B 60 16.59 15.57 -2.06
C ASP B 60 17.10 16.78 -2.84
N LYS B 61 17.95 16.51 -3.84
CA LYS B 61 18.53 17.60 -4.62
C LYS B 61 17.52 18.27 -5.53
N HIS B 62 16.38 17.63 -5.80
CA HIS B 62 15.36 18.21 -6.65
C HIS B 62 14.39 19.11 -5.89
N SER B 63 14.56 19.22 -4.57
CA SER B 63 13.79 20.16 -3.77
C SER B 63 14.44 21.53 -3.70
N ASN B 64 15.53 21.74 -4.44
CA ASN B 64 16.18 23.05 -4.47
C ASN B 64 15.28 24.07 -5.15
N GLY B 65 15.18 25.24 -4.52
CA GLY B 65 14.42 26.33 -5.10
C GLY B 65 12.94 26.04 -5.27
N THR B 66 12.30 25.44 -4.27
CA THR B 66 10.88 25.18 -4.30
C THR B 66 10.05 26.36 -3.81
N ILE B 67 10.68 27.52 -3.59
CA ILE B 67 9.92 28.73 -3.32
C ILE B 67 9.12 29.16 -4.55
N LYS B 68 9.50 28.68 -5.73
CA LYS B 68 8.69 28.90 -6.92
C LYS B 68 7.36 28.16 -6.78
N ASP B 69 6.32 28.74 -7.38
CA ASP B 69 4.97 28.23 -7.20
C ASP B 69 4.19 27.95 -8.48
N ARG B 70 4.76 28.16 -9.65
CA ARG B 70 4.07 27.88 -10.92
C ARG B 70 5.07 27.22 -11.87
N SER B 71 5.08 25.90 -11.89
CA SER B 71 6.00 25.13 -12.71
C SER B 71 5.24 24.00 -13.38
N PRO B 72 5.76 23.47 -14.49
CA PRO B 72 5.06 22.37 -15.18
C PRO B 72 5.07 21.05 -14.43
N TYR B 73 5.62 21.01 -13.21
CA TYR B 73 5.74 19.76 -12.47
C TYR B 73 4.78 19.66 -11.30
N ARG B 74 4.13 20.74 -10.91
CA ARG B 74 3.22 20.70 -9.78
C ARG B 74 1.98 19.88 -10.13
N THR B 75 1.60 18.99 -9.24
CA THR B 75 0.44 18.13 -9.43
C THR B 75 -0.40 18.14 -8.16
N LEU B 76 -1.70 17.92 -8.31
CA LEU B 76 -2.60 17.79 -7.17
C LEU B 76 -2.74 16.31 -6.81
N MET B 77 -2.54 16.00 -5.53
CA MET B 77 -2.64 14.64 -5.04
C MET B 77 -3.49 14.63 -3.78
N SER B 78 -3.82 13.44 -3.30
CA SER B 78 -4.59 13.29 -2.08
C SER B 78 -4.15 12.05 -1.33
N CYS B 79 -4.22 12.12 -0.02
CA CYS B 79 -3.90 11.02 0.88
C CYS B 79 -4.90 11.02 2.02
N PRO B 80 -5.09 9.89 2.70
CA PRO B 80 -5.99 9.87 3.85
C PRO B 80 -5.51 10.82 4.94
N ILE B 81 -6.48 11.37 5.68
CA ILE B 81 -6.16 12.39 6.67
C ILE B 81 -5.24 11.81 7.75
N GLY B 82 -4.30 12.63 8.21
CA GLY B 82 -3.37 12.25 9.24
C GLY B 82 -2.17 11.46 8.77
N GLU B 83 -2.05 11.18 7.48
CA GLU B 83 -0.95 10.40 6.94
C GLU B 83 -0.02 11.29 6.13
N VAL B 84 1.26 10.95 6.12
CA VAL B 84 2.26 11.78 5.44
C VAL B 84 2.05 11.70 3.94
N PRO B 85 2.30 12.79 3.20
CA PRO B 85 2.22 12.71 1.74
C PRO B 85 3.39 11.94 1.16
N SER B 86 3.15 10.71 0.71
CA SER B 86 4.21 9.85 0.25
C SER B 86 3.88 9.30 -1.13
N PRO B 87 4.89 9.00 -1.95
CA PRO B 87 4.61 8.41 -3.27
C PRO B 87 3.91 7.07 -3.19
N TYR B 88 4.03 6.35 -2.07
CA TYR B 88 3.51 5.01 -1.95
C TYR B 88 2.12 4.95 -1.31
N ASN B 89 1.58 6.08 -0.85
CA ASN B 89 0.23 6.07 -0.30
C ASN B 89 -0.60 7.27 -0.72
N SER B 90 -0.27 7.90 -1.84
CA SER B 90 -1.01 9.05 -2.35
C SER B 90 -1.72 8.68 -3.64
N ARG B 91 -2.80 9.41 -3.93
CA ARG B 91 -3.60 9.22 -5.14
C ARG B 91 -3.48 10.46 -6.00
N PHE B 92 -3.25 10.25 -7.30
CA PHE B 92 -3.10 11.35 -8.24
C PHE B 92 -4.47 11.90 -8.62
N GLU B 93 -4.61 13.23 -8.60
CA GLU B 93 -5.87 13.88 -8.91
C GLU B 93 -5.82 14.69 -10.19
N SER B 94 -4.85 15.59 -10.34
CA SER B 94 -4.76 16.43 -11.53
C SER B 94 -3.38 17.07 -11.59
N VAL B 95 -3.09 17.69 -12.73
CA VAL B 95 -1.86 18.46 -12.94
C VAL B 95 -2.24 19.93 -12.81
N ALA B 96 -1.71 20.60 -11.79
CA ALA B 96 -2.11 21.98 -11.52
C ALA B 96 -1.09 22.65 -10.62
N TRP B 97 -1.02 23.97 -10.72
CA TRP B 97 -0.37 24.78 -9.70
C TRP B 97 -1.36 25.56 -8.85
N SER B 98 -2.65 25.50 -9.18
CA SER B 98 -3.72 26.06 -8.35
C SER B 98 -4.93 25.14 -8.50
N ALA B 99 -5.50 24.70 -7.38
CA ALA B 99 -6.47 23.63 -7.45
C ALA B 99 -7.46 23.71 -6.30
N SER B 100 -8.55 22.97 -6.45
CA SER B 100 -9.56 22.80 -5.42
C SER B 100 -10.31 21.50 -5.71
N ALA B 101 -10.90 20.92 -4.66
CA ALA B 101 -11.56 19.63 -4.81
C ALA B 101 -12.75 19.55 -3.87
N CYS B 102 -13.78 18.81 -4.30
CA CYS B 102 -15.03 18.70 -3.56
C CYS B 102 -15.68 17.36 -3.82
N HIS B 103 -16.65 17.01 -2.98
CA HIS B 103 -17.42 15.78 -3.09
C HIS B 103 -18.89 16.11 -2.92
N ASP B 104 -19.69 15.84 -3.96
CA ASP B 104 -21.11 16.19 -3.95
C ASP B 104 -21.98 15.06 -3.41
N GLY B 105 -21.40 14.12 -2.67
CA GLY B 105 -22.14 13.00 -2.14
C GLY B 105 -22.15 11.77 -3.02
N ILE B 106 -21.70 11.89 -4.27
CA ILE B 106 -21.63 10.77 -5.21
C ILE B 106 -20.22 10.55 -5.73
N ASN B 107 -19.57 11.63 -6.19
CA ASN B 107 -18.26 11.51 -6.81
C ASN B 107 -17.43 12.75 -6.50
N TRP B 108 -16.12 12.60 -6.65
CA TRP B 108 -15.18 13.67 -6.38
C TRP B 108 -15.09 14.61 -7.58
N LEU B 109 -15.13 15.91 -7.32
CA LEU B 109 -14.89 16.93 -8.34
C LEU B 109 -13.60 17.67 -8.00
N THR B 110 -12.69 17.75 -8.96
CA THR B 110 -11.42 18.45 -8.77
C THR B 110 -11.23 19.45 -9.90
N ILE B 111 -10.89 20.69 -9.55
CA ILE B 111 -10.53 21.72 -10.50
C ILE B 111 -9.03 21.93 -10.42
N GLY B 112 -8.36 21.98 -11.57
CA GLY B 112 -6.92 22.17 -11.59
C GLY B 112 -6.45 23.10 -12.69
N ILE B 113 -5.70 24.13 -12.34
CA ILE B 113 -5.23 25.13 -13.29
C ILE B 113 -3.76 24.90 -13.57
N SER B 114 -3.41 24.78 -14.85
CA SER B 114 -2.03 24.61 -15.26
C SER B 114 -1.85 25.18 -16.66
N GLY B 115 -0.83 26.01 -16.84
CA GLY B 115 -0.57 26.62 -18.12
C GLY B 115 0.30 27.86 -17.98
N PRO B 116 0.46 28.60 -19.06
CA PRO B 116 1.25 29.84 -18.99
C PRO B 116 0.57 30.87 -18.10
N ASP B 117 1.38 31.81 -17.61
CA ASP B 117 0.84 32.87 -16.77
C ASP B 117 -0.19 33.69 -17.51
N SER B 118 -0.04 33.85 -18.82
CA SER B 118 -0.98 34.56 -19.68
C SER B 118 -1.66 33.53 -20.57
N GLY B 119 -2.75 32.94 -20.07
CA GLY B 119 -3.46 31.93 -20.81
C GLY B 119 -3.59 30.60 -20.09
N ALA B 120 -3.57 30.62 -18.77
CA ALA B 120 -3.73 29.40 -18.01
C ALA B 120 -5.12 28.83 -18.22
N VAL B 121 -5.23 27.50 -18.10
CA VAL B 121 -6.44 26.77 -18.41
C VAL B 121 -6.80 25.86 -17.25
N ALA B 122 -8.05 25.91 -16.80
CA ALA B 122 -8.54 25.09 -15.71
C ALA B 122 -9.25 23.86 -16.25
N VAL B 123 -8.88 22.69 -15.76
CA VAL B 123 -9.43 21.42 -16.21
C VAL B 123 -10.26 20.84 -15.08
N LEU B 124 -11.54 20.58 -15.36
CA LEU B 124 -12.48 20.05 -14.38
C LEU B 124 -12.61 18.55 -14.58
N LYS B 125 -12.50 17.80 -13.50
CA LYS B 125 -12.56 16.34 -13.54
C LYS B 125 -13.66 15.85 -12.61
N TYR B 126 -14.52 14.97 -13.12
CA TYR B 126 -15.56 14.33 -12.33
C TYR B 126 -15.34 12.83 -12.37
N ASN B 127 -15.04 12.24 -11.21
CA ASN B 127 -14.73 10.82 -11.09
C ASN B 127 -13.52 10.46 -11.96
N GLY B 128 -12.55 11.36 -12.05
CA GLY B 128 -11.33 11.11 -12.78
C GLY B 128 -11.43 11.27 -14.28
N ILE B 129 -12.53 11.81 -14.78
CA ILE B 129 -12.74 12.00 -16.22
C ILE B 129 -12.90 13.49 -16.48
N ILE B 130 -12.18 14.00 -17.47
CA ILE B 130 -12.27 15.41 -17.82
C ILE B 130 -13.65 15.70 -18.38
N THR B 131 -14.34 16.67 -17.79
CA THR B 131 -15.71 17.00 -18.17
C THR B 131 -15.86 18.38 -18.76
N ASP B 132 -15.18 19.38 -18.22
CA ASP B 132 -15.29 20.74 -18.73
C ASP B 132 -13.95 21.43 -18.58
N THR B 133 -13.83 22.60 -19.19
CA THR B 133 -12.56 23.30 -19.26
C THR B 133 -12.81 24.80 -19.34
N ILE B 134 -12.02 25.57 -18.61
CA ILE B 134 -12.13 27.03 -18.59
C ILE B 134 -10.78 27.63 -18.99
N LYS B 135 -10.83 28.81 -19.58
CA LYS B 135 -9.63 29.55 -19.96
C LYS B 135 -9.63 30.93 -19.33
N SER B 136 -8.44 31.46 -19.10
CA SER B 136 -8.32 32.79 -18.51
C SER B 136 -8.96 33.84 -19.40
N TRP B 137 -9.76 34.71 -18.79
CA TRP B 137 -10.49 35.74 -19.53
C TRP B 137 -9.83 37.11 -19.46
N ARG B 138 -8.79 37.29 -18.64
CA ARG B 138 -8.07 38.54 -18.58
C ARG B 138 -6.56 38.37 -18.76
N ASN B 139 -6.09 37.15 -19.05
CA ASN B 139 -4.70 36.90 -19.40
C ASN B 139 -3.72 37.32 -18.30
N ASN B 140 -4.10 37.05 -17.05
CA ASN B 140 -3.16 37.08 -15.94
C ASN B 140 -3.23 35.75 -15.21
N ILE B 141 -2.60 35.66 -14.04
CA ILE B 141 -2.58 34.41 -13.30
C ILE B 141 -3.99 34.09 -12.86
N LEU B 142 -4.55 33.00 -13.40
CA LEU B 142 -5.88 32.55 -13.00
C LEU B 142 -5.77 31.72 -11.74
N ARG B 143 -6.54 32.08 -10.70
CA ARG B 143 -6.42 31.44 -9.41
C ARG B 143 -7.73 30.80 -9.00
N THR B 144 -7.64 29.82 -8.11
CA THR B 144 -8.82 29.18 -7.51
C THR B 144 -8.72 29.34 -6.00
N GLN B 145 -9.60 28.65 -5.26
CA GLN B 145 -9.71 28.87 -3.82
C GLN B 145 -8.48 28.40 -3.04
N GLU B 146 -7.80 27.35 -3.53
CA GLU B 146 -6.81 26.58 -2.79
C GLU B 146 -7.41 25.81 -1.63
N SER B 147 -8.74 25.72 -1.57
CA SER B 147 -9.46 25.03 -0.51
C SER B 147 -10.64 24.31 -1.14
N GLU B 148 -11.36 23.54 -0.33
CA GLU B 148 -12.54 22.85 -0.85
C GLU B 148 -13.65 23.84 -1.12
N CYS B 149 -14.49 23.51 -2.10
CA CYS B 149 -15.64 24.34 -2.42
C CYS B 149 -16.87 23.83 -1.66
N ALA B 150 -18.01 24.48 -1.87
CA ALA B 150 -19.23 24.14 -1.17
C ALA B 150 -20.23 23.53 -2.14
N CYS B 151 -20.73 22.35 -1.79
CA CYS B 151 -21.69 21.62 -2.62
C CYS B 151 -23.03 21.58 -1.92
N VAL B 152 -24.07 22.08 -2.59
CA VAL B 152 -25.42 22.14 -2.06
C VAL B 152 -26.38 21.54 -3.09
N ASN B 153 -27.11 20.51 -2.69
CA ASN B 153 -28.13 19.89 -3.54
C ASN B 153 -27.55 19.38 -4.86
N GLY B 154 -26.33 18.86 -4.83
CA GLY B 154 -25.71 18.32 -6.02
C GLY B 154 -24.98 19.32 -6.89
N SER B 155 -24.94 20.59 -6.50
CA SER B 155 -24.24 21.64 -7.24
C SER B 155 -23.12 22.19 -6.36
N CYS B 156 -21.93 22.32 -6.93
CA CYS B 156 -20.76 22.79 -6.20
C CYS B 156 -20.34 24.16 -6.72
N PHE B 157 -20.04 25.07 -5.80
CA PHE B 157 -19.81 26.47 -6.12
C PHE B 157 -18.37 26.87 -5.79
N THR B 158 -17.69 27.49 -6.74
CA THR B 158 -16.31 27.94 -6.58
C THR B 158 -16.18 29.36 -7.07
N ILE B 159 -15.09 30.02 -6.67
CA ILE B 159 -14.78 31.39 -7.09
C ILE B 159 -13.38 31.41 -7.68
N MET B 160 -13.24 32.07 -8.83
CA MET B 160 -11.96 32.18 -9.51
C MET B 160 -11.64 33.65 -9.77
N THR B 161 -10.35 33.98 -9.70
CA THR B 161 -9.86 35.34 -9.84
C THR B 161 -8.92 35.41 -11.04
N ASP B 162 -8.93 36.56 -11.72
CA ASP B 162 -8.09 36.76 -12.90
C ASP B 162 -7.76 38.24 -13.00
N GLY B 163 -6.48 38.58 -12.83
CA GLY B 163 -6.06 39.95 -12.92
C GLY B 163 -4.87 40.23 -12.03
N PRO B 164 -4.56 41.51 -11.83
CA PRO B 164 -3.40 41.87 -11.00
C PRO B 164 -3.59 41.41 -9.56
N SER B 165 -2.47 41.08 -8.93
CA SER B 165 -2.46 40.71 -7.52
C SER B 165 -2.24 41.91 -6.60
N ASP B 166 -1.99 43.10 -7.17
CA ASP B 166 -1.86 44.33 -6.40
C ASP B 166 -2.71 45.44 -6.98
N GLY B 167 -3.74 45.09 -7.72
CA GLY B 167 -4.62 46.07 -8.35
C GLY B 167 -6.03 45.52 -8.40
N GLN B 168 -6.82 46.01 -9.34
CA GLN B 168 -8.20 45.58 -9.49
C GLN B 168 -8.26 44.39 -10.44
N ALA B 169 -8.74 43.26 -9.94
CA ALA B 169 -8.85 42.04 -10.71
C ALA B 169 -10.30 41.83 -11.16
N SER B 170 -10.58 40.65 -11.72
CA SER B 170 -11.92 40.26 -12.10
C SER B 170 -12.28 38.97 -11.38
N TYR B 171 -13.47 38.93 -10.81
CA TYR B 171 -13.89 37.83 -9.95
C TYR B 171 -15.11 37.16 -10.55
N LYS B 172 -15.14 35.83 -10.50
CA LYS B 172 -16.24 35.08 -11.10
C LYS B 172 -16.69 33.98 -10.15
N ILE B 173 -18.00 33.73 -10.14
CA ILE B 173 -18.61 32.66 -9.36
C ILE B 173 -19.11 31.59 -10.34
N PHE B 174 -18.84 30.33 -10.03
CA PHE B 174 -19.21 29.23 -10.91
C PHE B 174 -20.12 28.26 -10.17
N ARG B 175 -21.09 27.73 -10.88
CA ARG B 175 -21.93 26.63 -10.40
C ARG B 175 -21.68 25.41 -11.28
N ILE B 176 -21.31 24.29 -10.65
CA ILE B 176 -20.88 23.10 -11.36
C ILE B 176 -21.80 21.96 -11.00
N GLU B 177 -22.38 21.31 -12.01
CA GLU B 177 -23.30 20.20 -11.82
C GLU B 177 -22.73 18.98 -12.55
N LYS B 178 -22.26 18.00 -11.78
CA LYS B 178 -21.69 16.76 -12.32
C LYS B 178 -20.52 17.04 -13.24
N GLY B 179 -19.70 18.03 -12.88
CA GLY B 179 -18.50 18.36 -13.62
C GLY B 179 -18.69 19.36 -14.74
N LYS B 180 -19.91 19.66 -15.13
CA LYS B 180 -20.19 20.61 -16.19
C LYS B 180 -20.64 21.95 -15.60
N ILE B 181 -20.09 23.02 -16.13
CA ILE B 181 -20.46 24.36 -15.68
C ILE B 181 -21.82 24.72 -16.26
N VAL B 182 -22.76 25.09 -15.39
CA VAL B 182 -24.11 25.40 -15.80
C VAL B 182 -24.47 26.87 -15.63
N LYS B 183 -23.68 27.63 -14.87
CA LYS B 183 -23.96 29.06 -14.69
C LYS B 183 -22.73 29.72 -14.09
N SER B 184 -22.31 30.83 -14.70
CA SER B 184 -21.22 31.65 -14.19
C SER B 184 -21.66 33.10 -14.13
N VAL B 185 -21.26 33.79 -13.06
CA VAL B 185 -21.63 35.19 -12.84
C VAL B 185 -20.37 35.95 -12.45
N GLU B 186 -20.14 37.09 -13.10
CA GLU B 186 -18.98 37.91 -12.80
C GLU B 186 -19.35 38.96 -11.76
N MET B 187 -18.60 38.95 -10.65
CA MET B 187 -18.87 39.87 -9.55
C MET B 187 -18.55 41.31 -9.95
N ASN B 188 -19.41 42.23 -9.54
CA ASN B 188 -19.20 43.66 -9.74
C ASN B 188 -18.86 44.26 -8.38
N ALA B 189 -17.57 44.27 -8.07
CA ALA B 189 -17.07 44.71 -6.76
C ALA B 189 -15.94 45.71 -6.95
N PRO B 190 -16.25 46.96 -7.27
CA PRO B 190 -15.21 47.99 -7.35
C PRO B 190 -14.56 48.22 -5.99
N ASN B 191 -13.25 48.47 -6.02
CA ASN B 191 -12.46 48.72 -4.80
C ASN B 191 -12.53 47.54 -3.83
N TYR B 192 -12.51 46.32 -4.38
CA TYR B 192 -12.49 45.10 -3.59
C TYR B 192 -11.41 44.18 -4.16
N HIS B 193 -10.96 43.24 -3.33
CA HIS B 193 -10.01 42.23 -3.78
C HIS B 193 -10.39 40.90 -3.14
N TYR B 194 -10.66 39.90 -3.98
CA TYR B 194 -11.02 38.56 -3.53
C TYR B 194 -9.98 37.59 -4.05
N GLU B 195 -9.46 36.75 -3.15
CA GLU B 195 -8.36 35.86 -3.49
C GLU B 195 -8.30 34.75 -2.45
N GLU B 196 -8.09 33.52 -2.92
CA GLU B 196 -7.94 32.35 -2.06
C GLU B 196 -9.04 32.29 -0.99
N CYS B 197 -10.27 32.11 -1.48
CA CYS B 197 -11.44 32.16 -0.63
C CYS B 197 -11.72 30.82 0.02
N SER B 198 -12.30 30.86 1.22
CA SER B 198 -12.73 29.67 1.95
C SER B 198 -14.24 29.70 2.05
N CYS B 199 -14.90 28.71 1.44
CA CYS B 199 -16.34 28.70 1.30
C CYS B 199 -16.95 27.54 2.05
N TYR B 200 -18.09 27.77 2.69
CA TYR B 200 -18.84 26.75 3.39
C TYR B 200 -20.33 26.96 3.17
N PRO B 201 -21.12 25.89 3.11
CA PRO B 201 -22.57 26.03 3.00
C PRO B 201 -23.24 26.09 4.37
N ASP B 202 -24.20 27.00 4.50
CA ASP B 202 -24.87 27.21 5.78
C ASP B 202 -26.34 26.82 5.74
N SER B 203 -27.14 27.48 4.91
CA SER B 203 -28.59 27.29 4.91
C SER B 203 -29.11 27.21 3.49
N SER B 204 -28.47 26.36 2.68
CA SER B 204 -28.61 26.32 1.23
C SER B 204 -28.00 27.56 0.57
N GLU B 205 -27.12 28.25 1.30
CA GLU B 205 -26.41 29.41 0.80
C GLU B 205 -24.92 29.23 1.07
N ILE B 206 -24.11 29.90 0.26
CA ILE B 206 -22.65 29.76 0.33
C ILE B 206 -22.07 31.07 0.84
N THR B 207 -21.18 30.97 1.82
CA THR B 207 -20.46 32.13 2.35
C THR B 207 -18.96 31.89 2.19
N CYS B 208 -18.28 32.86 1.60
CA CYS B 208 -16.85 32.75 1.33
C CYS B 208 -16.12 33.91 1.99
N VAL B 209 -15.00 33.63 2.65
CA VAL B 209 -14.14 34.64 3.25
C VAL B 209 -12.79 34.59 2.54
N CYS B 210 -12.35 35.72 2.02
CA CYS B 210 -11.25 35.79 1.08
C CYS B 210 -10.11 36.60 1.72
N ARG B 211 -9.08 36.91 0.93
CA ARG B 211 -8.00 37.79 1.38
C ARG B 211 -7.86 38.97 0.42
N ASP B 212 -7.64 40.14 1.00
CA ASP B 212 -7.39 41.36 0.23
C ASP B 212 -5.87 41.52 0.10
N ASN B 213 -5.35 41.27 -1.09
CA ASN B 213 -3.92 41.34 -1.36
C ASN B 213 -3.49 42.70 -1.87
N TRP B 214 -4.40 43.68 -1.90
CA TRP B 214 -4.14 44.97 -2.53
C TRP B 214 -4.11 46.10 -1.52
N HIS B 215 -5.21 46.35 -0.80
CA HIS B 215 -5.20 47.46 0.14
C HIS B 215 -6.00 47.20 1.42
N GLY B 216 -6.28 45.97 1.78
CA GLY B 216 -7.10 45.66 2.94
C GLY B 216 -6.35 44.80 3.94
N SER B 217 -6.47 45.15 5.22
CA SER B 217 -5.92 44.36 6.31
C SER B 217 -6.98 43.61 7.09
N ASN B 218 -8.26 43.76 6.75
CA ASN B 218 -9.31 42.87 7.19
C ASN B 218 -9.67 41.95 6.02
N ARG B 219 -10.72 41.14 6.20
CA ARG B 219 -11.02 40.12 5.23
C ARG B 219 -12.37 40.39 4.57
N PRO B 220 -12.45 40.34 3.24
CA PRO B 220 -13.74 40.49 2.57
C PRO B 220 -14.52 39.18 2.58
N TRP B 221 -15.81 39.30 2.28
CA TRP B 221 -16.68 38.13 2.23
C TRP B 221 -17.69 38.31 1.11
N VAL B 222 -18.28 37.19 0.68
CA VAL B 222 -19.33 37.17 -0.33
C VAL B 222 -20.26 36.02 -0.02
N SER B 223 -21.57 36.26 -0.16
CA SER B 223 -22.58 35.25 0.08
C SER B 223 -23.57 35.23 -1.07
N PHE B 224 -23.92 34.02 -1.53
CA PHE B 224 -24.79 33.88 -2.68
C PHE B 224 -25.63 32.61 -2.52
N ASN B 225 -26.78 32.61 -3.20
CA ASN B 225 -27.65 31.44 -3.22
C ASN B 225 -27.31 30.58 -4.44
N GLN B 226 -28.19 29.62 -4.75
CA GLN B 226 -27.94 28.70 -5.86
C GLN B 226 -28.10 29.35 -7.23
N ASN B 227 -28.70 30.54 -7.30
CA ASN B 227 -28.82 31.27 -8.55
C ASN B 227 -27.73 32.33 -8.69
N LEU B 228 -26.72 32.29 -7.83
CA LEU B 228 -25.59 33.23 -7.87
C LEU B 228 -26.08 34.68 -7.77
N GLU B 229 -26.82 34.97 -6.70
CA GLU B 229 -27.22 36.32 -6.35
C GLU B 229 -26.40 36.71 -5.13
N TYR B 230 -25.38 37.53 -5.33
CA TYR B 230 -24.31 37.71 -4.36
C TYR B 230 -24.49 39.01 -3.56
N GLN B 231 -23.92 39.01 -2.37
CA GLN B 231 -23.81 40.18 -1.50
C GLN B 231 -22.36 40.29 -1.05
N ILE B 232 -21.81 41.50 -1.13
CA ILE B 232 -20.39 41.71 -0.90
C ILE B 232 -20.18 42.66 0.28
N GLY B 233 -18.99 42.59 0.86
CA GLY B 233 -18.66 43.46 1.96
C GLY B 233 -17.35 43.02 2.59
N TYR B 234 -17.06 43.61 3.75
CA TYR B 234 -15.90 43.24 4.55
C TYR B 234 -16.36 42.88 5.96
N ILE B 235 -15.50 42.15 6.67
CA ILE B 235 -15.79 41.77 8.05
C ILE B 235 -15.47 42.97 8.94
N CYS B 236 -16.52 43.57 9.50
CA CYS B 236 -16.37 44.76 10.34
C CYS B 236 -16.03 44.35 11.77
N SER B 237 -14.75 44.36 12.12
CA SER B 237 -14.35 43.97 13.47
C SER B 237 -12.98 44.58 13.75
N GLY B 238 -12.74 44.91 15.01
CA GLY B 238 -11.44 45.43 15.41
C GLY B 238 -10.40 44.35 15.52
N VAL B 239 -10.85 43.09 15.48
CA VAL B 239 -9.95 41.94 15.52
C VAL B 239 -9.61 41.63 14.07
N PHE B 240 -8.58 42.31 13.55
CA PHE B 240 -8.18 42.12 12.16
C PHE B 240 -7.68 40.69 11.96
N GLY B 241 -7.93 40.16 10.76
CA GLY B 241 -7.61 38.77 10.50
C GLY B 241 -6.50 38.52 9.51
N ASP B 242 -6.12 39.54 8.73
CA ASP B 242 -5.12 39.35 7.70
C ASP B 242 -3.71 39.35 8.32
N ASN B 243 -2.71 39.22 7.46
CA ASN B 243 -1.31 39.25 7.87
C ASN B 243 -0.44 39.70 6.70
N PRO B 244 0.22 40.85 6.78
CA PRO B 244 0.35 41.76 7.92
C PRO B 244 -0.90 42.56 8.22
N ARG B 245 -1.06 42.98 9.48
CA ARG B 245 -2.20 43.74 9.94
C ARG B 245 -1.72 44.74 10.98
N PRO B 246 -2.48 45.80 11.22
CA PRO B 246 -2.13 46.76 12.25
C PRO B 246 -2.45 46.20 13.64
N ASN B 247 -2.11 46.98 14.65
CA ASN B 247 -2.55 46.67 16.01
C ASN B 247 -4.05 46.90 16.13
N ASP B 248 -4.66 46.18 17.07
CA ASP B 248 -6.12 46.19 17.18
C ASP B 248 -6.63 47.59 17.49
N LYS B 249 -7.64 48.00 16.71
CA LYS B 249 -8.32 49.28 16.89
C LYS B 249 -9.69 49.15 16.23
N THR B 250 -10.40 50.27 16.08
CA THR B 250 -11.74 50.23 15.50
C THR B 250 -11.63 49.97 14.00
N GLY B 251 -12.31 48.92 13.53
CA GLY B 251 -12.32 48.60 12.12
C GLY B 251 -13.36 49.38 11.36
N SER B 252 -13.60 48.94 10.12
CA SER B 252 -14.57 49.61 9.27
C SER B 252 -15.05 48.65 8.19
N CYS B 253 -16.21 48.97 7.61
CA CYS B 253 -16.80 48.18 6.54
C CYS B 253 -15.98 48.26 5.27
N GLY B 254 -15.45 49.44 4.96
CA GLY B 254 -14.57 49.59 3.83
C GLY B 254 -13.23 48.94 4.08
N PRO B 255 -12.46 48.67 3.01
CA PRO B 255 -11.11 48.13 3.18
C PRO B 255 -10.25 49.03 4.05
N VAL B 256 -9.82 48.53 5.21
CA VAL B 256 -8.95 49.31 6.09
C VAL B 256 -7.52 49.19 5.58
N SER B 257 -6.93 50.32 5.21
CA SER B 257 -5.62 50.37 4.59
C SER B 257 -4.65 51.05 5.55
N SER B 258 -4.10 50.26 6.47
CA SER B 258 -3.03 50.72 7.34
C SER B 258 -1.76 49.90 7.16
N ASN B 259 -1.85 48.58 7.26
CA ASN B 259 -0.74 47.69 6.94
C ASN B 259 -1.16 46.64 5.92
N GLY B 260 -2.22 46.90 5.16
CA GLY B 260 -2.70 45.94 4.20
C GLY B 260 -2.15 46.12 2.81
N ALA B 261 -1.11 45.35 2.49
CA ALA B 261 -0.58 45.29 1.12
C ALA B 261 -0.30 43.87 0.68
N ASN B 262 -0.27 42.91 1.59
CA ASN B 262 -0.18 41.49 1.28
C ASN B 262 -1.22 40.79 2.13
N GLY B 263 -1.13 39.47 2.23
CA GLY B 263 -2.08 38.75 3.05
C GLY B 263 -1.68 37.29 3.16
N VAL B 264 -2.47 36.56 3.93
CA VAL B 264 -2.35 35.12 4.06
C VAL B 264 -3.73 34.53 3.95
N LYS B 265 -3.81 33.30 3.43
CA LYS B 265 -5.10 32.64 3.25
C LYS B 265 -5.71 32.34 4.61
N GLY B 266 -6.96 32.77 4.80
CA GLY B 266 -7.63 32.60 6.07
C GLY B 266 -9.10 32.28 5.93
N PHE B 267 -9.87 32.49 7.00
CA PHE B 267 -11.27 32.12 7.03
C PHE B 267 -11.93 32.78 8.24
N SER B 268 -13.22 32.49 8.42
CA SER B 268 -14.06 32.94 9.52
C SER B 268 -15.42 32.27 9.34
N PHE B 269 -16.14 32.13 10.45
CA PHE B 269 -17.47 31.53 10.45
C PHE B 269 -18.47 32.54 10.95
N LYS B 270 -19.54 32.74 10.18
CA LYS B 270 -20.59 33.68 10.54
C LYS B 270 -21.66 32.97 11.37
N TYR B 271 -22.02 33.56 12.49
CA TYR B 271 -23.02 33.02 13.41
C TYR B 271 -24.07 34.06 13.72
N GLY B 272 -24.60 34.70 12.69
CA GLY B 272 -25.52 35.80 12.87
C GLY B 272 -24.80 37.12 12.79
N ASN B 273 -24.52 37.72 13.94
CA ASN B 273 -23.67 38.89 14.02
C ASN B 273 -22.26 38.57 14.49
N GLY B 274 -22.02 37.35 14.98
CA GLY B 274 -20.72 36.99 15.50
C GLY B 274 -19.83 36.33 14.47
N VAL B 275 -18.56 36.18 14.84
CA VAL B 275 -17.55 35.58 13.99
C VAL B 275 -16.64 34.70 14.84
N TRP B 276 -16.05 33.70 14.19
CA TRP B 276 -15.00 32.86 14.77
C TRP B 276 -13.74 33.13 13.95
N ILE B 277 -12.99 34.15 14.35
CA ILE B 277 -11.83 34.60 13.57
C ILE B 277 -10.65 33.70 13.86
N GLY B 278 -10.05 33.16 12.80
CA GLY B 278 -8.80 32.42 12.92
C GLY B 278 -7.66 33.17 12.29
N ARG B 279 -6.71 33.63 13.11
CA ARG B 279 -5.62 34.47 12.64
C ARG B 279 -4.32 34.01 13.27
N THR B 280 -3.21 34.58 12.81
CA THR B 280 -1.91 34.32 13.40
C THR B 280 -1.74 35.14 14.68
N LYS B 281 -0.57 35.01 15.31
CA LYS B 281 -0.28 35.75 16.53
C LYS B 281 0.70 36.89 16.33
N SER B 282 1.45 36.90 15.24
CA SER B 282 2.39 37.97 14.92
C SER B 282 1.80 38.83 13.82
N ILE B 283 1.78 40.15 14.05
CA ILE B 283 1.18 41.06 13.07
C ILE B 283 2.09 41.33 11.88
N SER B 284 3.29 40.76 11.86
CA SER B 284 4.24 40.99 10.78
C SER B 284 4.58 39.71 10.02
N SER B 285 4.94 38.64 10.72
CA SER B 285 5.27 37.37 10.10
C SER B 285 4.24 36.32 10.47
N ARG B 286 4.27 35.21 9.73
CA ARG B 286 3.31 34.12 9.92
C ARG B 286 3.79 33.23 11.05
N LYS B 287 3.56 33.70 12.28
CA LYS B 287 3.97 33.00 13.49
C LYS B 287 2.78 32.88 14.43
N GLY B 288 2.50 31.67 14.89
CA GLY B 288 1.41 31.44 15.82
C GLY B 288 0.08 31.33 15.13
N PHE B 289 -0.93 30.99 15.92
CA PHE B 289 -2.30 30.88 15.44
C PHE B 289 -3.23 30.84 16.64
N GLU B 290 -4.43 31.42 16.48
CA GLU B 290 -5.37 31.48 17.58
C GLU B 290 -6.79 31.58 17.03
N MET B 291 -7.75 31.23 17.88
CA MET B 291 -9.18 31.34 17.58
C MET B 291 -9.82 32.36 18.50
N ILE B 292 -10.56 33.30 17.91
CA ILE B 292 -11.17 34.40 18.64
C ILE B 292 -12.66 34.43 18.31
N TRP B 293 -13.50 34.51 19.35
CA TRP B 293 -14.95 34.58 19.19
C TRP B 293 -15.40 36.00 19.51
N ASP B 294 -15.82 36.74 18.50
CA ASP B 294 -16.35 38.09 18.67
C ASP B 294 -17.87 38.03 18.58
N PRO B 295 -18.60 38.34 19.64
CA PRO B 295 -20.07 38.17 19.61
C PRO B 295 -20.76 39.02 18.55
N ASN B 296 -20.22 40.20 18.22
CA ASN B 296 -20.82 41.07 17.22
C ASN B 296 -19.78 41.51 16.21
N GLY B 297 -18.88 40.62 15.83
CA GLY B 297 -17.76 40.94 14.99
C GLY B 297 -17.99 40.91 13.50
N TRP B 298 -19.21 40.61 13.05
CA TRP B 298 -19.49 40.64 11.62
C TRP B 298 -20.02 41.99 11.15
N THR B 299 -20.57 42.79 12.06
CA THR B 299 -21.09 44.11 11.71
C THR B 299 -20.66 45.22 12.65
N GLY B 300 -20.17 44.93 13.85
CA GLY B 300 -19.79 45.95 14.81
C GLY B 300 -18.29 46.15 14.83
N THR B 301 -17.89 47.42 14.75
CA THR B 301 -16.48 47.79 14.61
C THR B 301 -15.91 48.15 15.97
N ASP B 302 -15.50 47.12 16.72
CA ASP B 302 -14.77 47.32 17.96
C ASP B 302 -13.84 46.13 18.15
N ASN B 303 -12.82 46.33 18.97
CA ASN B 303 -11.77 45.33 19.18
C ASN B 303 -12.03 44.42 20.36
N ASN B 304 -13.20 44.50 20.99
CA ASN B 304 -13.51 43.66 22.14
C ASN B 304 -14.04 42.30 21.67
N PHE B 305 -13.52 41.23 22.26
CA PHE B 305 -13.98 39.87 21.98
C PHE B 305 -14.29 39.17 23.29
N SER B 306 -14.66 37.90 23.19
CA SER B 306 -15.09 37.13 24.36
C SER B 306 -14.20 35.94 24.66
N ILE B 307 -13.89 35.11 23.66
CA ILE B 307 -13.17 33.86 23.84
C ILE B 307 -11.94 33.86 22.96
N LYS B 308 -10.83 33.39 23.51
CA LYS B 308 -9.61 33.17 22.73
C LYS B 308 -9.06 31.79 23.05
N GLN B 309 -8.67 31.06 22.02
CA GLN B 309 -8.09 29.73 22.18
C GLN B 309 -6.74 29.69 21.46
N ASP B 310 -5.76 29.08 22.12
CA ASP B 310 -4.41 29.01 21.59
C ASP B 310 -4.23 27.71 20.82
N ILE B 311 -3.63 27.79 19.64
CA ILE B 311 -3.45 26.65 18.75
C ILE B 311 -1.99 26.42 18.40
N VAL B 312 -1.27 27.49 18.03
CA VAL B 312 0.17 27.44 17.80
C VAL B 312 0.80 28.60 18.56
N GLY B 313 1.93 28.32 19.22
CA GLY B 313 2.58 29.33 20.02
C GLY B 313 3.14 30.46 19.18
N ILE B 314 3.35 31.60 19.84
CA ILE B 314 3.77 32.81 19.14
C ILE B 314 5.17 32.69 18.56
N ASN B 315 5.96 31.72 19.02
CA ASN B 315 7.33 31.54 18.55
C ASN B 315 7.45 30.40 17.55
N GLU B 316 6.34 29.83 17.11
CA GLU B 316 6.34 28.71 16.17
C GLU B 316 5.76 29.14 14.84
N TRP B 317 6.31 28.58 13.77
CA TRP B 317 5.94 29.00 12.42
C TRP B 317 4.54 28.52 12.05
N SER B 318 3.82 29.35 11.31
CA SER B 318 2.47 29.04 10.86
C SER B 318 2.35 29.32 9.36
N GLY B 319 1.14 29.33 8.84
CA GLY B 319 0.96 29.60 7.42
C GLY B 319 -0.49 29.74 7.01
N TYR B 320 -0.85 29.12 5.89
CA TYR B 320 -2.21 29.15 5.39
C TYR B 320 -3.17 28.44 6.33
N SER B 321 -4.40 28.94 6.39
CA SER B 321 -5.46 28.27 7.13
C SER B 321 -6.75 28.36 6.33
N GLY B 322 -7.53 27.27 6.36
CA GLY B 322 -8.79 27.22 5.64
C GLY B 322 -9.79 26.41 6.42
N SER B 323 -11.01 26.38 5.90
CA SER B 323 -12.14 25.77 6.59
C SER B 323 -12.77 24.68 5.73
N PHE B 324 -13.13 23.57 6.37
CA PHE B 324 -13.90 22.52 5.73
C PHE B 324 -15.09 22.17 6.61
N VAL B 325 -15.95 21.28 6.10
CA VAL B 325 -17.28 21.04 6.67
C VAL B 325 -17.56 19.55 6.69
N GLN B 326 -18.14 19.08 7.78
CA GLN B 326 -18.63 17.71 7.90
C GLN B 326 -20.16 17.74 7.88
N HIS B 327 -20.75 17.14 6.85
CA HIS B 327 -22.19 17.18 6.64
C HIS B 327 -22.91 16.18 7.53
N PRO B 328 -24.21 16.38 7.77
CA PRO B 328 -24.96 15.40 8.58
C PRO B 328 -24.98 14.00 7.98
N GLU B 329 -24.80 13.87 6.67
CA GLU B 329 -24.74 12.56 6.04
C GLU B 329 -23.51 11.76 6.47
N LEU B 330 -22.54 12.40 7.10
CA LEU B 330 -21.34 11.73 7.60
C LEU B 330 -21.29 11.67 9.12
N THR B 331 -21.44 12.82 9.79
CA THR B 331 -21.40 12.83 11.25
C THR B 331 -22.60 12.13 11.86
N GLY B 332 -23.78 12.34 11.29
CA GLY B 332 -25.01 11.82 11.84
C GLY B 332 -25.81 12.80 12.66
N LEU B 333 -25.31 14.01 12.86
CA LEU B 333 -26.03 15.04 13.62
C LEU B 333 -27.14 15.62 12.76
N ASP B 334 -27.79 16.66 13.24
CA ASP B 334 -28.87 17.33 12.51
C ASP B 334 -28.46 18.67 11.94
N CYS B 335 -27.17 19.01 12.00
CA CYS B 335 -26.70 20.30 11.51
C CYS B 335 -25.30 20.13 10.94
N ILE B 336 -24.79 21.22 10.38
CA ILE B 336 -23.47 21.22 9.73
C ILE B 336 -22.41 21.61 10.76
N ARG B 337 -21.36 20.79 10.87
CA ARG B 337 -20.28 20.99 11.83
C ARG B 337 -19.12 21.72 11.18
N PRO B 338 -18.64 22.82 11.76
CA PRO B 338 -17.49 23.53 11.20
C PRO B 338 -16.16 22.99 11.70
N CYS B 339 -15.22 22.86 10.77
CA CYS B 339 -13.86 22.42 11.07
C CYS B 339 -12.90 23.30 10.28
N PHE B 340 -11.61 23.24 10.63
CA PHE B 340 -10.61 24.03 9.92
C PHE B 340 -9.27 23.32 9.98
N TRP B 341 -8.35 23.78 9.13
CA TRP B 341 -7.00 23.24 9.03
C TRP B 341 -6.00 24.38 9.01
N VAL B 342 -4.77 24.08 9.44
CA VAL B 342 -3.67 25.04 9.44
C VAL B 342 -2.45 24.37 8.80
N GLU B 343 -1.70 25.15 8.02
CA GLU B 343 -0.47 24.68 7.41
C GLU B 343 0.72 25.32 8.11
N LEU B 344 1.73 24.51 8.43
CA LEU B 344 2.89 24.94 9.19
C LEU B 344 4.09 24.98 8.23
N ILE B 345 4.38 26.16 7.70
CA ILE B 345 5.40 26.31 6.66
C ILE B 345 6.77 26.42 7.31
N ARG B 346 7.72 25.64 6.81
CA ARG B 346 9.11 25.67 7.27
C ARG B 346 10.03 25.50 6.08
N GLY B 347 10.89 26.49 5.85
CA GLY B 347 11.84 26.37 4.75
C GLY B 347 12.45 27.70 4.38
N ARG B 348 12.60 27.90 3.07
CA ARG B 348 13.47 28.94 2.52
C ARG B 348 13.11 30.36 2.95
N PRO B 349 11.83 30.82 2.88
CA PRO B 349 11.57 32.25 3.04
C PRO B 349 12.08 32.84 4.35
N GLU B 350 12.01 32.06 5.44
CA GLU B 350 12.39 32.57 6.74
C GLU B 350 13.52 31.78 7.40
N GLU B 351 14.01 30.71 6.77
CA GLU B 351 15.08 29.90 7.34
C GLU B 351 16.13 29.63 6.28
N ASN B 352 17.31 29.20 6.73
CA ASN B 352 18.47 29.05 5.86
C ASN B 352 18.52 27.63 5.31
N THR B 353 17.55 27.34 4.43
CA THR B 353 17.51 26.06 3.73
C THR B 353 17.44 26.30 2.24
N ILE B 354 17.26 25.24 1.46
CA ILE B 354 17.11 25.35 0.02
C ILE B 354 15.70 25.04 -0.46
N TRP B 355 14.81 24.60 0.43
CA TRP B 355 13.49 24.13 0.06
C TRP B 355 12.44 24.87 0.89
N THR B 356 11.18 24.50 0.67
CA THR B 356 10.06 25.05 1.42
C THR B 356 8.95 24.02 1.43
N SER B 357 8.60 23.51 2.61
CA SER B 357 7.55 22.52 2.75
C SER B 357 6.75 22.81 4.01
N GLY B 358 5.52 22.31 4.04
CA GLY B 358 4.66 22.55 5.17
C GLY B 358 3.87 21.35 5.65
N SER B 359 3.83 21.15 6.97
CA SER B 359 3.00 20.13 7.58
C SER B 359 1.59 20.71 7.82
N SER B 360 0.74 19.95 8.49
CA SER B 360 -0.63 20.41 8.68
C SER B 360 -1.20 19.87 9.99
N ILE B 361 -2.17 20.60 10.52
CA ILE B 361 -2.98 20.17 11.66
C ILE B 361 -4.43 20.53 11.36
N SER B 362 -5.35 19.87 12.05
CA SER B 362 -6.78 20.06 11.78
C SER B 362 -7.56 20.01 13.08
N PHE B 363 -8.58 20.88 13.17
CA PHE B 363 -9.43 20.98 14.36
C PHE B 363 -10.89 20.97 13.94
N CYS B 364 -11.75 20.46 14.82
CA CYS B 364 -13.19 20.46 14.62
C CYS B 364 -13.89 21.04 15.83
N GLY B 365 -14.95 21.80 15.58
CA GLY B 365 -15.64 22.49 16.65
C GLY B 365 -16.61 21.59 17.40
N VAL B 366 -16.65 21.77 18.72
CA VAL B 366 -17.47 20.96 19.61
C VAL B 366 -18.14 21.85 20.64
N ASN B 367 -19.16 21.31 21.30
CA ASN B 367 -19.83 21.96 22.42
C ASN B 367 -19.42 21.34 23.75
N SER B 368 -18.16 20.94 23.87
CA SER B 368 -17.68 20.29 25.08
C SER B 368 -16.46 21.02 25.64
N ASP B 369 -15.80 20.40 26.61
CA ASP B 369 -14.64 21.02 27.24
C ASP B 369 -13.40 20.81 26.38
N THR B 370 -12.69 21.90 26.07
CA THR B 370 -11.51 21.86 25.24
C THR B 370 -10.42 22.74 25.86
N VAL B 371 -9.18 22.49 25.46
CA VAL B 371 -8.03 23.18 26.02
C VAL B 371 -7.26 23.83 24.88
N GLY B 372 -6.54 24.90 25.21
CA GLY B 372 -5.65 25.55 24.27
C GLY B 372 -4.21 25.20 24.56
N TRP B 373 -3.47 24.88 23.51
CA TRP B 373 -2.09 24.44 23.63
C TRP B 373 -1.33 24.92 22.40
N SER B 374 -0.15 24.36 22.18
CA SER B 374 0.64 24.64 20.98
C SER B 374 1.01 23.32 20.33
N TRP B 375 0.53 23.09 19.12
CA TRP B 375 0.84 21.89 18.36
C TRP B 375 1.67 22.27 17.14
N PRO B 376 2.96 22.56 17.31
CA PRO B 376 3.75 23.05 16.18
C PRO B 376 4.38 21.93 15.37
N ASP B 377 5.18 22.30 14.38
CA ASP B 377 5.98 21.35 13.62
C ASP B 377 7.33 21.21 14.30
N GLY B 378 7.65 20.00 14.76
CA GLY B 378 8.84 19.79 15.55
C GLY B 378 10.07 19.43 14.74
N ALA B 379 10.16 19.95 13.52
CA ALA B 379 11.32 19.68 12.68
C ALA B 379 12.55 20.39 13.22
N GLU B 380 13.72 19.83 12.94
CA GLU B 380 15.00 20.33 13.41
C GLU B 380 15.83 20.69 12.18
N LEU B 381 15.68 21.91 11.71
CA LEU B 381 16.36 22.35 10.51
C LEU B 381 17.74 22.91 10.84
N PRO B 382 18.69 22.90 9.87
CA PRO B 382 18.59 22.41 8.50
C PRO B 382 18.78 20.90 8.37
N PHE B 383 18.43 20.36 7.20
CA PHE B 383 18.57 18.95 6.91
C PHE B 383 19.99 18.67 6.40
N THR B 384 20.22 17.46 5.88
CA THR B 384 21.53 17.07 5.37
C THR B 384 21.75 17.51 3.92
N ILE B 385 20.77 18.14 3.29
CA ILE B 385 20.89 18.53 1.89
C ILE B 385 21.20 20.03 1.77
N VAL C 1 -17.89 -21.48 -2.07
CA VAL C 1 -18.06 -22.90 -2.38
C VAL C 1 -16.72 -23.62 -2.27
N LYS C 2 -16.74 -24.80 -1.64
CA LYS C 2 -15.52 -25.54 -1.42
C LYS C 2 -14.95 -26.08 -2.73
N LEU C 3 -13.66 -26.38 -2.72
CA LEU C 3 -12.97 -26.91 -3.89
C LEU C 3 -13.14 -28.42 -3.94
N ALA C 4 -13.54 -28.92 -5.10
CA ALA C 4 -13.62 -30.35 -5.35
C ALA C 4 -12.44 -30.78 -6.20
N GLY C 5 -11.83 -31.91 -5.84
CA GLY C 5 -10.68 -32.39 -6.57
C GLY C 5 -10.93 -33.69 -7.30
N ASN C 6 -12.10 -33.79 -7.94
CA ASN C 6 -12.48 -35.02 -8.63
C ASN C 6 -12.00 -35.06 -10.09
N SER C 7 -11.68 -33.91 -10.68
CA SER C 7 -11.22 -33.88 -12.06
C SER C 7 -9.75 -34.24 -12.14
N SER C 8 -9.40 -35.02 -13.16
CA SER C 8 -8.05 -35.55 -13.32
C SER C 8 -7.07 -34.44 -13.70
N LEU C 9 -5.79 -34.81 -13.74
CA LEU C 9 -4.72 -33.84 -13.99
C LEU C 9 -4.57 -33.61 -15.48
N CYS C 10 -4.39 -32.36 -15.88
CA CYS C 10 -4.32 -32.01 -17.29
C CYS C 10 -3.08 -32.61 -17.94
N PRO C 11 -3.21 -33.26 -19.10
CA PRO C 11 -2.02 -33.67 -19.85
C PRO C 11 -1.39 -32.46 -20.55
N VAL C 12 -0.08 -32.30 -20.37
CA VAL C 12 0.64 -31.15 -20.90
C VAL C 12 1.81 -31.63 -21.74
N SER C 13 2.31 -30.74 -22.59
CA SER C 13 3.48 -31.00 -23.40
C SER C 13 4.54 -29.91 -23.29
N GLY C 14 4.35 -28.92 -22.44
CA GLY C 14 5.30 -27.83 -22.32
C GLY C 14 4.94 -26.97 -21.13
N TRP C 15 5.81 -26.01 -20.85
CA TRP C 15 5.67 -25.13 -19.69
C TRP C 15 5.91 -23.69 -20.12
N ALA C 16 4.95 -22.82 -19.80
CA ALA C 16 5.03 -21.40 -20.12
C ALA C 16 5.30 -20.61 -18.85
N ILE C 17 6.23 -19.66 -18.91
CA ILE C 17 6.64 -18.96 -17.70
C ILE C 17 5.50 -18.10 -17.19
N TYR C 18 5.19 -18.25 -15.91
CA TYR C 18 4.06 -17.58 -15.28
C TYR C 18 4.47 -16.26 -14.63
N SER C 19 5.46 -16.30 -13.73
CA SER C 19 5.88 -15.11 -13.03
C SER C 19 7.38 -15.18 -12.77
N LYS C 20 7.97 -14.02 -12.54
CA LYS C 20 9.38 -13.91 -12.18
C LYS C 20 9.55 -12.80 -11.16
N ASP C 21 10.31 -13.09 -10.11
CA ASP C 21 10.57 -12.16 -9.02
C ASP C 21 12.02 -11.73 -9.07
N ASN C 22 12.25 -10.43 -9.22
CA ASN C 22 13.60 -9.87 -9.18
C ASN C 22 13.92 -9.35 -7.80
N SER C 23 13.83 -10.23 -6.81
CA SER C 23 13.94 -9.82 -5.41
C SER C 23 15.35 -9.33 -5.08
N VAL C 24 16.38 -10.03 -5.57
CA VAL C 24 17.73 -9.68 -5.16
C VAL C 24 18.28 -8.52 -5.98
N ARG C 25 17.87 -8.38 -7.25
CA ARG C 25 18.26 -7.21 -8.02
C ARG C 25 17.66 -5.93 -7.44
N ILE C 26 16.39 -5.99 -7.03
CA ILE C 26 15.74 -4.83 -6.44
C ILE C 26 16.14 -4.62 -4.99
N GLY C 27 16.55 -5.68 -4.30
CA GLY C 27 16.88 -5.57 -2.88
C GLY C 27 18.19 -4.90 -2.59
N SER C 28 19.00 -4.60 -3.61
CA SER C 28 20.24 -3.89 -3.36
C SER C 28 19.99 -2.44 -2.96
N LYS C 29 18.90 -1.84 -3.43
CA LYS C 29 18.50 -0.49 -3.06
C LYS C 29 17.21 -0.43 -2.29
N GLY C 30 16.19 -1.19 -2.70
CA GLY C 30 14.92 -1.20 -2.02
C GLY C 30 14.95 -2.01 -0.74
N ASP C 31 13.81 -2.02 -0.06
CA ASP C 31 13.64 -2.74 1.20
C ASP C 31 12.87 -4.03 0.91
N VAL C 32 13.59 -5.13 0.79
CA VAL C 32 12.97 -6.44 0.61
C VAL C 32 13.52 -7.38 1.68
N PHE C 33 12.74 -8.40 2.01
CA PHE C 33 13.13 -9.35 3.04
C PHE C 33 14.22 -10.29 2.53
N VAL C 34 14.91 -10.93 3.48
CA VAL C 34 15.80 -12.04 3.18
C VAL C 34 14.97 -13.32 3.35
N ILE C 35 14.51 -13.88 2.23
CA ILE C 35 13.52 -14.95 2.24
C ILE C 35 14.18 -16.28 1.91
N ARG C 36 13.44 -17.35 2.17
CA ARG C 36 13.87 -18.72 1.93
C ARG C 36 12.63 -19.59 1.78
N GLU C 37 12.73 -20.61 0.93
CA GLU C 37 11.64 -21.54 0.62
C GLU C 37 10.38 -20.81 0.18
N PRO C 38 10.38 -20.11 -0.96
CA PRO C 38 9.20 -19.33 -1.40
C PRO C 38 8.17 -20.09 -2.23
N PHE C 39 7.33 -20.89 -1.56
CA PHE C 39 6.34 -21.67 -2.28
C PHE C 39 5.16 -20.78 -2.68
N ILE C 40 4.29 -21.32 -3.52
CA ILE C 40 3.15 -20.59 -4.08
C ILE C 40 1.89 -21.41 -3.89
N SER C 41 0.82 -20.76 -3.44
CA SER C 41 -0.49 -21.37 -3.32
C SER C 41 -1.53 -20.47 -3.98
N CYS C 42 -2.53 -21.07 -4.60
CA CYS C 42 -3.54 -20.33 -5.34
C CYS C 42 -4.90 -20.43 -4.65
N SER C 43 -5.71 -19.41 -4.84
CA SER C 43 -7.07 -19.31 -4.31
C SER C 43 -8.03 -19.03 -5.45
N PRO C 44 -9.33 -19.29 -5.26
CA PRO C 44 -10.29 -19.08 -6.36
C PRO C 44 -10.36 -17.66 -6.89
N LEU C 45 -9.59 -16.73 -6.30
CA LEU C 45 -9.52 -15.37 -6.78
C LEU C 45 -8.12 -14.92 -7.18
N GLU C 46 -7.08 -15.44 -6.55
CA GLU C 46 -5.72 -14.98 -6.81
C GLU C 46 -4.75 -16.05 -6.34
N CYS C 47 -3.48 -15.89 -6.75
CA CYS C 47 -2.39 -16.75 -6.31
C CYS C 47 -1.41 -15.93 -5.49
N ARG C 48 -1.01 -16.45 -4.34
CA ARG C 48 -0.10 -15.76 -3.43
C ARG C 48 1.23 -16.49 -3.37
N THR C 49 2.29 -15.75 -3.08
CA THR C 49 3.60 -16.32 -2.84
C THR C 49 3.89 -16.30 -1.34
N PHE C 50 4.20 -17.45 -0.77
CA PHE C 50 4.49 -17.59 0.65
C PHE C 50 5.98 -17.82 0.83
N PHE C 51 6.58 -17.08 1.76
CA PHE C 51 8.00 -17.19 2.02
C PHE C 51 8.24 -17.17 3.52
N LEU C 52 9.47 -17.48 3.91
CA LEU C 52 9.86 -17.55 5.31
C LEU C 52 10.87 -16.43 5.57
N THR C 53 10.37 -15.27 5.96
CA THR C 53 11.25 -14.16 6.29
C THR C 53 12.08 -14.50 7.52
N GLN C 54 13.27 -13.91 7.59
CA GLN C 54 14.18 -14.16 8.69
C GLN C 54 14.29 -12.99 9.65
N GLY C 55 13.39 -12.02 9.54
CA GLY C 55 13.38 -10.87 10.42
C GLY C 55 14.30 -9.74 10.02
N ALA C 56 14.97 -9.83 8.88
CA ALA C 56 15.95 -8.83 8.48
C ALA C 56 15.74 -8.45 7.03
N LEU C 57 16.17 -7.24 6.68
CA LEU C 57 16.08 -6.75 5.32
C LEU C 57 17.37 -7.04 4.56
N LEU C 58 17.26 -7.09 3.25
CA LEU C 58 18.41 -7.35 2.41
C LEU C 58 19.32 -6.14 2.37
N ASN C 59 20.64 -6.39 2.31
CA ASN C 59 21.66 -5.35 2.35
C ASN C 59 21.58 -4.56 3.66
N ASP C 60 21.65 -5.30 4.77
CA ASP C 60 21.53 -4.74 6.11
C ASP C 60 22.45 -5.51 7.04
N LYS C 61 22.79 -4.89 8.17
CA LYS C 61 23.70 -5.52 9.12
C LYS C 61 23.06 -6.70 9.84
N HIS C 62 21.74 -6.82 9.81
CA HIS C 62 21.06 -7.95 10.42
C HIS C 62 20.94 -9.14 9.48
N SER C 63 21.49 -9.03 8.27
CA SER C 63 21.57 -10.15 7.35
C SER C 63 22.76 -11.05 7.63
N ASN C 64 23.59 -10.72 8.61
CA ASN C 64 24.77 -11.50 8.90
C ASN C 64 24.37 -12.88 9.42
N GLY C 65 25.01 -13.91 8.88
CA GLY C 65 24.78 -15.27 9.35
C GLY C 65 23.36 -15.76 9.17
N THR C 66 22.79 -15.55 7.99
CA THR C 66 21.44 -16.02 7.71
C THR C 66 21.41 -17.44 7.15
N ILE C 67 22.56 -18.12 7.09
CA ILE C 67 22.57 -19.53 6.73
C ILE C 67 21.87 -20.37 7.78
N LYS C 68 21.72 -19.85 9.00
CA LYS C 68 20.92 -20.52 10.02
C LYS C 68 19.46 -20.57 9.59
N ASP C 69 18.78 -21.64 9.99
CA ASP C 69 17.43 -21.90 9.52
C ASP C 69 16.38 -22.12 10.61
N ARG C 70 16.76 -22.12 11.88
CA ARG C 70 15.79 -22.30 12.97
C ARG C 70 16.10 -21.29 14.07
N SER C 71 15.44 -20.14 13.99
CA SER C 71 15.61 -19.06 14.94
C SER C 71 14.25 -18.54 15.37
N PRO C 72 14.15 -17.93 16.55
CA PRO C 72 12.86 -17.40 17.01
C PRO C 72 12.37 -16.16 16.29
N TYR C 73 13.04 -15.75 15.21
CA TYR C 73 12.64 -14.57 14.44
C TYR C 73 12.00 -14.91 13.11
N ARG C 74 12.10 -16.14 12.64
CA ARG C 74 11.53 -16.50 11.35
C ARG C 74 10.01 -16.46 11.42
N THR C 75 9.40 -15.84 10.42
CA THR C 75 7.96 -15.74 10.32
C THR C 75 7.51 -16.11 8.92
N LEU C 76 6.29 -16.61 8.81
CA LEU C 76 5.70 -16.92 7.51
C LEU C 76 4.89 -15.72 7.03
N MET C 77 5.16 -15.27 5.81
CA MET C 77 4.47 -14.13 5.24
C MET C 77 3.99 -14.49 3.84
N SER C 78 3.20 -13.61 3.24
CA SER C 78 2.71 -13.83 1.89
C SER C 78 2.55 -12.50 1.18
N CYS C 79 2.78 -12.52 -0.13
CA CYS C 79 2.65 -11.36 -0.99
C CYS C 79 2.04 -11.82 -2.30
N PRO C 80 1.43 -10.92 -3.07
CA PRO C 80 0.89 -11.31 -4.37
C PRO C 80 1.99 -11.81 -5.30
N ILE C 81 1.61 -12.72 -6.19
CA ILE C 81 2.60 -13.38 -7.04
C ILE C 81 3.26 -12.37 -7.95
N GLY C 82 4.56 -12.55 -8.17
CA GLY C 82 5.33 -11.68 -9.03
C GLY C 82 5.83 -10.41 -8.39
N GLU C 83 5.58 -10.19 -7.11
CA GLU C 83 5.99 -8.98 -6.41
C GLU C 83 7.06 -9.30 -5.38
N VAL C 84 7.93 -8.32 -5.12
CA VAL C 84 9.05 -8.50 -4.20
C VAL C 84 8.54 -8.63 -2.78
N PRO C 85 9.20 -9.41 -1.93
CA PRO C 85 8.83 -9.53 -0.50
C PRO C 85 9.24 -8.30 0.31
N SER C 86 8.45 -7.29 0.24
CA SER C 86 8.74 -6.04 0.92
C SER C 86 7.93 -5.93 2.20
N PRO C 87 8.43 -5.24 3.22
CA PRO C 87 7.61 -5.04 4.44
C PRO C 87 6.35 -4.25 4.19
N TYR C 88 6.28 -3.47 3.12
CA TYR C 88 5.15 -2.59 2.86
C TYR C 88 4.10 -3.21 1.97
N ASN C 89 4.31 -4.43 1.47
CA ASN C 89 3.28 -5.07 0.65
C ASN C 89 3.11 -6.55 1.00
N SER C 90 3.51 -6.97 2.18
CA SER C 90 3.41 -8.37 2.60
C SER C 90 2.38 -8.51 3.71
N ARG C 91 1.82 -9.71 3.81
CA ARG C 91 0.81 -10.04 4.81
C ARG C 91 1.39 -11.07 5.77
N PHE C 92 1.20 -10.84 7.07
CA PHE C 92 1.71 -11.74 8.08
C PHE C 92 0.79 -12.94 8.22
N GLU C 93 1.37 -14.14 8.25
CA GLU C 93 0.61 -15.38 8.35
C GLU C 93 0.82 -16.11 9.66
N SER C 94 2.07 -16.37 10.04
CA SER C 94 2.35 -17.11 11.27
C SER C 94 3.82 -16.94 11.64
N VAL C 95 4.16 -17.38 12.84
CA VAL C 95 5.53 -17.41 13.31
C VAL C 95 6.01 -18.85 13.21
N ALA C 96 6.99 -19.10 12.33
CA ALA C 96 7.41 -20.46 12.07
C ALA C 96 8.79 -20.46 11.42
N TRP C 97 9.52 -21.55 11.63
CA TRP C 97 10.69 -21.85 10.80
C TRP C 97 10.45 -23.00 9.84
N SER C 98 9.26 -23.62 9.87
CA SER C 98 8.83 -24.60 8.90
C SER C 98 7.32 -24.47 8.75
N ALA C 99 6.84 -24.31 7.52
CA ALA C 99 5.45 -23.92 7.34
C ALA C 99 4.90 -24.43 6.02
N SER C 100 3.58 -24.40 5.92
CA SER C 100 2.84 -24.70 4.70
C SER C 100 1.49 -23.99 4.77
N ALA C 101 0.89 -23.78 3.61
CA ALA C 101 -0.36 -23.01 3.54
C ALA C 101 -1.21 -23.51 2.40
N CYS C 102 -2.53 -23.44 2.58
CA CYS C 102 -3.48 -23.98 1.61
C CYS C 102 -4.77 -23.17 1.68
N HIS C 103 -5.58 -23.32 0.62
CA HIS C 103 -6.89 -22.67 0.53
C HIS C 103 -7.90 -23.70 0.08
N ASP C 104 -8.92 -23.95 0.92
CA ASP C 104 -9.92 -24.97 0.65
C ASP C 104 -11.13 -24.44 -0.10
N GLY C 105 -11.00 -23.29 -0.76
CA GLY C 105 -12.10 -22.68 -1.48
C GLY C 105 -12.91 -21.70 -0.68
N ILE C 106 -12.71 -21.63 0.63
CA ILE C 106 -13.43 -20.71 1.51
C ILE C 106 -12.46 -19.82 2.28
N ASN C 107 -11.45 -20.42 2.92
CA ASN C 107 -10.53 -19.68 3.76
C ASN C 107 -9.14 -20.29 3.69
N TRP C 108 -8.15 -19.49 4.08
CA TRP C 108 -6.76 -19.90 4.06
C TRP C 108 -6.42 -20.70 5.30
N LEU C 109 -5.74 -21.83 5.12
CA LEU C 109 -5.21 -22.63 6.21
C LEU C 109 -3.68 -22.57 6.17
N THR C 110 -3.07 -22.21 7.29
CA THR C 110 -1.63 -22.14 7.39
C THR C 110 -1.16 -22.95 8.59
N ILE C 111 -0.16 -23.81 8.38
CA ILE C 111 0.49 -24.57 9.44
C ILE C 111 1.86 -23.96 9.66
N GLY C 112 2.20 -23.70 10.92
CA GLY C 112 3.49 -23.12 11.23
C GLY C 112 4.15 -23.72 12.44
N ILE C 113 5.40 -24.17 12.30
CA ILE C 113 6.13 -24.85 13.37
C ILE C 113 7.18 -23.91 13.92
N SER C 114 7.16 -23.69 15.23
CA SER C 114 8.15 -22.86 15.90
C SER C 114 8.29 -23.32 17.33
N GLY C 115 9.53 -23.47 17.77
CA GLY C 115 9.83 -23.92 19.10
C GLY C 115 11.21 -24.52 19.20
N PRO C 116 11.53 -25.13 20.34
CA PRO C 116 12.83 -25.80 20.48
C PRO C 116 12.93 -26.97 19.54
N ASP C 117 14.18 -27.40 19.29
CA ASP C 117 14.39 -28.56 18.43
C ASP C 117 13.72 -29.79 19.02
N SER C 118 13.90 -30.01 20.32
CA SER C 118 13.26 -31.11 21.03
C SER C 118 12.01 -30.57 21.71
N GLY C 119 10.90 -30.55 20.97
CA GLY C 119 9.66 -30.03 21.52
C GLY C 119 8.99 -28.97 20.66
N ALA C 120 9.33 -28.94 19.38
CA ALA C 120 8.70 -27.98 18.48
C ALA C 120 7.20 -28.23 18.38
N VAL C 121 6.44 -27.16 18.20
CA VAL C 121 4.99 -27.19 18.24
C VAL C 121 4.44 -26.52 16.99
N ALA C 122 3.51 -27.20 16.30
CA ALA C 122 2.89 -26.68 15.09
C ALA C 122 1.56 -26.04 15.43
N VAL C 123 1.35 -24.82 14.96
CA VAL C 123 0.14 -24.04 15.22
C VAL C 123 -0.63 -23.92 13.93
N LEU C 124 -1.88 -24.38 13.94
CA LEU C 124 -2.76 -24.36 12.77
C LEU C 124 -3.68 -23.16 12.87
N LYS C 125 -3.77 -22.40 11.78
CA LYS C 125 -4.59 -21.20 11.73
C LYS C 125 -5.59 -21.30 10.58
N TYR C 126 -6.85 -21.01 10.86
CA TYR C 126 -7.89 -20.97 9.85
C TYR C 126 -8.50 -19.58 9.84
N ASN C 127 -8.34 -18.87 8.73
CA ASN C 127 -8.78 -17.48 8.61
C ASN C 127 -8.13 -16.59 9.67
N GLY C 128 -6.88 -16.87 9.98
CA GLY C 128 -6.14 -16.06 10.92
C GLY C 128 -6.43 -16.32 12.38
N ILE C 129 -7.16 -17.38 12.69
CA ILE C 129 -7.51 -17.72 14.07
C ILE C 129 -6.93 -19.10 14.38
N ILE C 130 -6.25 -19.21 15.52
CA ILE C 130 -5.66 -20.48 15.92
C ILE C 130 -6.78 -21.48 16.20
N THR C 131 -6.71 -22.64 15.57
CA THR C 131 -7.75 -23.65 15.69
C THR C 131 -7.28 -24.95 16.33
N ASP C 132 -6.10 -25.44 15.96
CA ASP C 132 -5.58 -26.68 16.51
C ASP C 132 -4.07 -26.55 16.66
N THR C 133 -3.47 -27.52 17.33
CA THR C 133 -2.06 -27.45 17.68
C THR C 133 -1.50 -28.86 17.82
N ILE C 134 -0.30 -29.07 17.29
CA ILE C 134 0.37 -30.36 17.33
C ILE C 134 1.71 -30.21 18.02
N LYS C 135 2.16 -31.27 18.68
CA LYS C 135 3.47 -31.29 19.31
C LYS C 135 4.29 -32.45 18.77
N SER C 136 5.61 -32.28 18.81
CA SER C 136 6.52 -33.31 18.33
C SER C 136 6.35 -34.59 19.13
N TRP C 137 6.26 -35.72 18.43
CA TRP C 137 6.04 -37.00 19.09
C TRP C 137 7.31 -37.82 19.27
N ARG C 138 8.37 -37.52 18.52
CA ARG C 138 9.67 -38.15 18.73
C ARG C 138 10.73 -37.20 19.24
N ASN C 139 10.43 -35.91 19.30
CA ASN C 139 11.27 -34.91 19.98
C ASN C 139 12.67 -34.82 19.37
N ASN C 140 12.75 -34.82 18.04
CA ASN C 140 14.03 -34.52 17.40
C ASN C 140 13.98 -33.23 16.60
N ILE C 141 13.17 -33.16 15.54
CA ILE C 141 12.87 -31.94 14.78
C ILE C 141 11.57 -32.21 14.05
N LEU C 142 10.63 -31.27 14.09
CA LEU C 142 9.35 -31.42 13.42
C LEU C 142 9.38 -30.62 12.12
N ARG C 143 9.17 -31.30 10.99
CA ARG C 143 9.21 -30.66 9.69
C ARG C 143 7.85 -30.76 9.00
N THR C 144 7.62 -29.86 8.05
CA THR C 144 6.41 -29.89 7.22
C THR C 144 6.85 -29.89 5.75
N GLN C 145 5.92 -29.69 4.83
CA GLN C 145 6.20 -29.85 3.41
C GLN C 145 7.11 -28.76 2.87
N GLU C 146 7.04 -27.55 3.42
CA GLU C 146 7.61 -26.33 2.86
C GLU C 146 6.92 -25.92 1.56
N SER C 147 5.79 -26.53 1.24
CA SER C 147 5.03 -26.26 0.02
C SER C 147 3.55 -26.31 0.36
N GLU C 148 2.71 -26.00 -0.61
CA GLU C 148 1.28 -26.06 -0.36
C GLU C 148 0.81 -27.51 -0.29
N CYS C 149 -0.29 -27.72 0.42
CA CYS C 149 -0.87 -29.04 0.58
C CYS C 149 -2.04 -29.23 -0.38
N ALA C 150 -2.57 -30.45 -0.41
CA ALA C 150 -3.66 -30.82 -1.31
C ALA C 150 -4.98 -30.75 -0.57
N CYS C 151 -5.96 -30.06 -1.15
CA CYS C 151 -7.27 -29.90 -0.55
C CYS C 151 -8.32 -30.54 -1.45
N VAL C 152 -9.01 -31.54 -0.94
CA VAL C 152 -10.09 -32.23 -1.65
C VAL C 152 -11.34 -32.15 -0.78
N ASN C 153 -12.45 -31.73 -1.39
CA ASN C 153 -13.67 -31.35 -0.65
C ASN C 153 -13.27 -30.26 0.33
N GLY C 154 -13.70 -30.33 1.59
CA GLY C 154 -13.28 -29.38 2.60
C GLY C 154 -12.08 -29.82 3.42
N SER C 155 -11.42 -30.92 3.04
CA SER C 155 -10.31 -31.48 3.81
C SER C 155 -9.01 -31.21 3.09
N CYS C 156 -7.98 -30.84 3.85
CA CYS C 156 -6.65 -30.59 3.32
C CYS C 156 -5.65 -31.53 3.99
N PHE C 157 -4.75 -32.10 3.19
CA PHE C 157 -3.89 -33.20 3.61
C PHE C 157 -2.43 -32.77 3.57
N THR C 158 -1.73 -33.00 4.68
CA THR C 158 -0.31 -32.66 4.81
C THR C 158 0.44 -33.83 5.40
N ILE C 159 1.76 -33.80 5.25
CA ILE C 159 2.65 -34.83 5.79
C ILE C 159 3.71 -34.15 6.65
N MET C 160 3.94 -34.70 7.85
CA MET C 160 4.93 -34.16 8.77
C MET C 160 5.90 -35.27 9.18
N THR C 161 7.16 -34.88 9.35
CA THR C 161 8.24 -35.79 9.66
C THR C 161 8.85 -35.44 11.01
N ASP C 162 9.30 -36.45 11.74
CA ASP C 162 9.88 -36.25 13.06
C ASP C 162 10.91 -37.34 13.30
N GLY C 163 12.17 -36.95 13.47
CA GLY C 163 13.23 -37.90 13.71
C GLY C 163 14.53 -37.49 13.07
N PRO C 164 15.49 -38.41 13.00
CA PRO C 164 16.79 -38.07 12.42
C PRO C 164 16.68 -37.68 10.95
N SER C 165 17.56 -36.78 10.53
CA SER C 165 17.65 -36.39 9.13
C SER C 165 18.64 -37.25 8.34
N ASP C 166 19.35 -38.15 9.01
CA ASP C 166 20.25 -39.09 8.34
C ASP C 166 20.01 -40.52 8.81
N GLY C 167 18.82 -40.80 9.31
CA GLY C 167 18.48 -42.13 9.81
C GLY C 167 17.01 -42.39 9.55
N GLN C 168 16.43 -43.26 10.37
CA GLN C 168 15.03 -43.63 10.22
C GLN C 168 14.17 -42.74 11.10
N ALA C 169 13.23 -42.03 10.49
CA ALA C 169 12.32 -41.13 11.18
C ALA C 169 10.93 -41.75 11.24
N SER C 170 9.97 -40.97 11.75
CA SER C 170 8.57 -41.36 11.76
C SER C 170 7.77 -40.39 10.90
N TYR C 171 6.81 -40.90 10.17
CA TYR C 171 6.11 -40.14 9.14
C TYR C 171 4.63 -40.17 9.44
N LYS C 172 3.95 -39.03 9.31
CA LYS C 172 2.55 -38.95 9.64
C LYS C 172 1.78 -38.18 8.57
N ILE C 173 0.56 -38.64 8.30
CA ILE C 173 -0.34 -38.00 7.36
C ILE C 173 -1.50 -37.41 8.16
N PHE C 174 -1.88 -36.17 7.85
CA PHE C 174 -2.94 -35.48 8.56
C PHE C 174 -4.05 -35.08 7.61
N ARG C 175 -5.29 -35.17 8.08
CA ARG C 175 -6.44 -34.63 7.38
C ARG C 175 -7.04 -33.52 8.23
N ILE C 176 -7.22 -32.35 7.63
CA ILE C 176 -7.62 -31.14 8.37
C ILE C 176 -8.91 -30.61 7.75
N GLU C 177 -9.93 -30.44 8.58
CA GLU C 177 -11.21 -29.89 8.16
C GLU C 177 -11.48 -28.61 8.93
N LYS C 178 -11.46 -27.48 8.22
CA LYS C 178 -11.72 -26.16 8.81
C LYS C 178 -10.77 -25.86 9.95
N GLY C 179 -9.51 -26.27 9.81
CA GLY C 179 -8.48 -25.99 10.77
C GLY C 179 -8.34 -27.01 11.88
N LYS C 180 -9.28 -27.92 12.03
CA LYS C 180 -9.23 -28.94 13.07
C LYS C 180 -8.79 -30.27 12.48
N ILE C 181 -7.93 -30.97 13.20
CA ILE C 181 -7.45 -32.27 12.75
C ILE C 181 -8.50 -33.32 13.06
N VAL C 182 -8.91 -34.06 12.04
CA VAL C 182 -9.96 -35.06 12.19
C VAL C 182 -9.45 -36.49 12.06
N LYS C 183 -8.26 -36.69 11.50
CA LYS C 183 -7.70 -38.04 11.35
C LYS C 183 -6.22 -37.94 11.03
N SER C 184 -5.40 -38.68 11.77
CA SER C 184 -3.98 -38.77 11.51
C SER C 184 -3.57 -40.24 11.46
N VAL C 185 -2.69 -40.57 10.53
CA VAL C 185 -2.22 -41.93 10.33
C VAL C 185 -0.70 -41.91 10.23
N GLU C 186 -0.04 -42.78 10.98
CA GLU C 186 1.42 -42.87 10.97
C GLU C 186 1.86 -43.89 9.92
N MET C 187 2.69 -43.43 8.99
CA MET C 187 3.16 -44.28 7.91
C MET C 187 4.08 -45.37 8.43
N ASN C 188 3.92 -46.58 7.90
CA ASN C 188 4.81 -47.70 8.22
C ASN C 188 5.65 -47.95 6.98
N ALA C 189 6.80 -47.27 6.91
CA ALA C 189 7.68 -47.32 5.75
C ALA C 189 9.11 -47.58 6.21
N PRO C 190 9.44 -48.84 6.54
CA PRO C 190 10.82 -49.17 6.89
C PRO C 190 11.75 -48.96 5.70
N ASN C 191 12.94 -48.44 5.99
CA ASN C 191 13.97 -48.19 4.97
C ASN C 191 13.48 -47.19 3.92
N TYR C 192 12.79 -46.15 4.36
CA TYR C 192 12.33 -45.07 3.51
C TYR C 192 12.65 -43.74 4.18
N HIS C 193 12.55 -42.66 3.42
CA HIS C 193 12.76 -41.33 3.98
C HIS C 193 11.91 -40.32 3.23
N TYR C 194 11.00 -39.66 3.94
CA TYR C 194 10.16 -38.60 3.41
C TYR C 194 10.40 -37.36 4.24
N GLU C 195 10.94 -36.31 3.63
CA GLU C 195 11.28 -35.11 4.39
C GLU C 195 10.53 -33.87 3.93
N GLU C 196 10.57 -33.53 2.64
CA GLU C 196 9.92 -32.32 2.12
C GLU C 196 9.12 -32.69 0.89
N CYS C 197 7.81 -32.90 1.09
CA CYS C 197 6.95 -33.47 0.07
C CYS C 197 6.22 -32.38 -0.71
N SER C 198 5.98 -32.64 -1.99
CA SER C 198 5.15 -31.79 -2.83
C SER C 198 3.90 -32.57 -3.23
N CYS C 199 2.74 -32.12 -2.76
CA CYS C 199 1.51 -32.87 -2.88
C CYS C 199 0.53 -32.16 -3.80
N TYR C 200 -0.17 -32.94 -4.62
CA TYR C 200 -1.20 -32.42 -5.51
C TYR C 200 -2.36 -33.42 -5.56
N PRO C 201 -3.58 -32.94 -5.74
CA PRO C 201 -4.73 -33.84 -5.89
C PRO C 201 -5.00 -34.17 -7.35
N ASP C 202 -5.32 -35.44 -7.61
CA ASP C 202 -5.53 -35.90 -8.98
C ASP C 202 -6.97 -36.35 -9.24
N SER C 203 -7.46 -37.35 -8.52
CA SER C 203 -8.79 -37.92 -8.78
C SER C 203 -9.50 -38.18 -7.46
N SER C 204 -9.53 -37.16 -6.60
CA SER C 204 -9.90 -37.28 -5.19
C SER C 204 -8.86 -38.07 -4.41
N GLU C 205 -7.65 -38.17 -4.95
CA GLU C 205 -6.53 -38.82 -4.30
C GLU C 205 -5.35 -37.86 -4.31
N ILE C 206 -4.43 -38.04 -3.37
CA ILE C 206 -3.31 -37.13 -3.17
C ILE C 206 -2.02 -37.89 -3.40
N THR C 207 -1.15 -37.34 -4.23
CA THR C 207 0.17 -37.91 -4.52
C THR C 207 1.24 -36.93 -4.06
N CYS C 208 2.21 -37.42 -3.30
CA CYS C 208 3.27 -36.59 -2.76
C CYS C 208 4.62 -37.18 -3.16
N VAL C 209 5.51 -36.32 -3.66
CA VAL C 209 6.88 -36.71 -4.02
C VAL C 209 7.81 -35.99 -3.07
N CYS C 210 8.64 -36.73 -2.35
CA CYS C 210 9.39 -36.22 -1.22
C CYS C 210 10.90 -36.32 -1.46
N ARG C 211 11.67 -36.02 -0.43
CA ARG C 211 13.13 -36.01 -0.49
C ARG C 211 13.69 -37.10 0.41
N ASP C 212 14.59 -37.91 -0.12
CA ASP C 212 15.30 -38.92 0.65
C ASP C 212 16.68 -38.37 0.99
N ASN C 213 16.87 -38.04 2.26
CA ASN C 213 18.11 -37.43 2.74
C ASN C 213 18.99 -38.47 3.43
N TRP C 214 18.66 -39.75 3.30
CA TRP C 214 19.38 -40.82 3.97
C TRP C 214 19.98 -41.83 3.02
N HIS C 215 19.18 -42.37 2.08
CA HIS C 215 19.61 -43.47 1.23
C HIS C 215 19.70 -43.10 -0.24
N GLY C 216 18.61 -42.61 -0.83
CA GLY C 216 18.44 -42.63 -2.26
C GLY C 216 18.73 -41.32 -2.95
N SER C 217 19.24 -41.42 -4.17
CA SER C 217 19.36 -40.29 -5.08
C SER C 217 18.16 -40.12 -5.98
N ASN C 218 17.21 -41.07 -5.96
CA ASN C 218 15.91 -40.90 -6.59
C ASN C 218 14.91 -40.43 -5.53
N ARG C 219 13.67 -40.26 -5.95
CA ARG C 219 12.70 -39.64 -5.06
C ARG C 219 11.59 -40.61 -4.68
N PRO C 220 11.24 -40.68 -3.40
CA PRO C 220 10.10 -41.51 -2.99
C PRO C 220 8.78 -40.81 -3.22
N TRP C 221 7.71 -41.59 -3.14
CA TRP C 221 6.36 -41.05 -3.31
C TRP C 221 5.39 -41.78 -2.39
N VAL C 222 4.24 -41.17 -2.18
CA VAL C 222 3.16 -41.76 -1.40
C VAL C 222 1.84 -41.24 -1.95
N SER C 223 0.85 -42.12 -2.03
CA SER C 223 -0.47 -41.77 -2.53
C SER C 223 -1.52 -42.32 -1.59
N PHE C 224 -2.53 -41.52 -1.27
CA PHE C 224 -3.55 -41.91 -0.33
C PHE C 224 -4.88 -41.27 -0.70
N ASN C 225 -5.97 -41.88 -0.25
CA ASN C 225 -7.30 -41.35 -0.46
C ASN C 225 -7.71 -40.51 0.75
N GLN C 226 -9.00 -40.17 0.84
CA GLN C 226 -9.47 -39.30 1.91
C GLN C 226 -9.52 -40.03 3.25
N ASN C 227 -9.45 -41.35 3.27
CA ASN C 227 -9.40 -42.12 4.50
C ASN C 227 -7.99 -42.45 4.93
N LEU C 228 -6.98 -41.88 4.26
CA LEU C 228 -5.57 -42.09 4.57
C LEU C 228 -5.20 -43.57 4.46
N GLU C 229 -5.44 -44.13 3.29
CA GLU C 229 -5.00 -45.48 2.93
C GLU C 229 -3.87 -45.30 1.91
N TYR C 230 -2.64 -45.48 2.36
CA TYR C 230 -1.47 -45.03 1.62
C TYR C 230 -0.80 -46.18 0.88
N GLN C 231 -0.08 -45.81 -0.18
CA GLN C 231 0.79 -46.70 -0.94
C GLN C 231 2.14 -46.03 -1.08
N ILE C 232 3.22 -46.78 -0.87
CA ILE C 232 4.55 -46.20 -0.81
C ILE C 232 5.44 -46.84 -1.87
N GLY C 233 6.50 -46.14 -2.22
CA GLY C 233 7.43 -46.64 -3.20
C GLY C 233 8.43 -45.57 -3.59
N TYR C 234 9.21 -45.87 -4.63
CA TYR C 234 10.16 -44.94 -5.21
C TYR C 234 9.89 -44.79 -6.69
N ILE C 235 10.31 -43.65 -7.26
CA ILE C 235 10.14 -43.39 -8.68
C ILE C 235 11.19 -44.21 -9.40
N CYS C 236 10.73 -45.20 -10.17
CA CYS C 236 11.61 -46.20 -10.77
C CYS C 236 12.11 -45.75 -12.14
N SER C 237 12.92 -44.71 -12.20
CA SER C 237 13.39 -44.18 -13.48
C SER C 237 14.89 -43.97 -13.41
N GLY C 238 15.55 -44.07 -14.56
CA GLY C 238 16.98 -43.84 -14.64
C GLY C 238 17.33 -42.37 -14.69
N VAL C 239 16.31 -41.52 -14.75
CA VAL C 239 16.49 -40.07 -14.69
C VAL C 239 16.30 -39.68 -13.23
N PHE C 240 17.41 -39.63 -12.49
CA PHE C 240 17.35 -39.42 -11.05
C PHE C 240 16.91 -37.99 -10.73
N GLY C 241 16.38 -37.82 -9.53
CA GLY C 241 15.79 -36.55 -9.14
C GLY C 241 16.60 -35.67 -8.20
N ASP C 242 17.20 -36.25 -7.17
CA ASP C 242 17.90 -35.44 -6.19
C ASP C 242 19.14 -34.77 -6.80
N ASN C 243 19.62 -33.74 -6.12
CA ASN C 243 20.73 -32.96 -6.65
C ASN C 243 22.06 -33.68 -6.44
N PRO C 244 22.34 -34.25 -5.24
CA PRO C 244 23.48 -35.16 -5.15
C PRO C 244 23.12 -36.53 -5.69
N ARG C 245 23.26 -36.71 -7.00
CA ARG C 245 22.86 -37.91 -7.70
C ARG C 245 24.00 -38.39 -8.58
N PRO C 246 23.99 -39.66 -8.98
CA PRO C 246 25.02 -40.17 -9.89
C PRO C 246 24.68 -39.82 -11.33
N ASN C 247 25.52 -40.30 -12.24
CA ASN C 247 25.22 -40.19 -13.66
C ASN C 247 24.10 -41.14 -14.04
N ASP C 248 23.39 -40.81 -15.11
CA ASP C 248 22.20 -41.57 -15.49
C ASP C 248 22.56 -43.01 -15.81
N LYS C 249 21.79 -43.93 -15.25
CA LYS C 249 21.92 -45.37 -15.50
C LYS C 249 20.59 -46.01 -15.16
N THR C 250 20.57 -47.34 -15.07
CA THR C 250 19.33 -48.05 -14.76
C THR C 250 18.95 -47.79 -13.31
N GLY C 251 17.71 -47.36 -13.09
CA GLY C 251 17.22 -47.09 -11.75
C GLY C 251 16.79 -48.35 -11.02
N SER C 252 16.17 -48.13 -9.87
CA SER C 252 15.72 -49.23 -9.02
C SER C 252 14.41 -48.84 -8.36
N CYS C 253 13.65 -49.85 -7.94
CA CYS C 253 12.39 -49.65 -7.23
C CYS C 253 12.59 -49.26 -5.77
N GLY C 254 13.70 -49.65 -5.16
CA GLY C 254 14.02 -49.24 -3.82
C GLY C 254 15.01 -48.09 -3.83
N PRO C 255 15.44 -47.65 -2.66
CA PRO C 255 16.41 -46.55 -2.60
C PRO C 255 17.71 -46.89 -3.30
N VAL C 256 18.07 -46.13 -4.33
CA VAL C 256 19.35 -46.32 -5.01
C VAL C 256 20.44 -45.59 -4.21
N SER C 257 21.32 -46.35 -3.58
CA SER C 257 22.33 -45.80 -2.69
C SER C 257 23.67 -45.77 -3.42
N SER C 258 23.82 -44.76 -4.27
CA SER C 258 25.09 -44.53 -4.95
C SER C 258 25.71 -43.19 -4.58
N ASN C 259 24.96 -42.10 -4.74
CA ASN C 259 25.39 -40.79 -4.28
C ASN C 259 24.34 -40.14 -3.38
N GLY C 260 23.41 -40.93 -2.85
CA GLY C 260 22.34 -40.38 -2.06
C GLY C 260 22.64 -40.30 -0.58
N ALA C 261 23.10 -39.13 -0.14
CA ALA C 261 23.24 -38.85 1.28
C ALA C 261 22.66 -37.50 1.68
N ASN C 262 22.50 -36.58 0.75
CA ASN C 262 21.79 -35.32 0.97
C ASN C 262 20.71 -35.25 -0.09
N GLY C 263 20.10 -34.08 -0.24
CA GLY C 263 19.12 -33.92 -1.29
C GLY C 263 18.65 -32.49 -1.36
N VAL C 264 17.77 -32.23 -2.32
CA VAL C 264 17.13 -30.95 -2.49
C VAL C 264 15.64 -31.18 -2.68
N LYS C 265 14.83 -30.21 -2.28
CA LYS C 265 13.38 -30.34 -2.40
C LYS C 265 12.98 -30.30 -3.87
N GLY C 266 12.16 -31.27 -4.28
CA GLY C 266 11.76 -31.37 -5.67
C GLY C 266 10.35 -31.87 -5.86
N PHE C 267 10.00 -32.26 -7.08
CA PHE C 267 8.64 -32.68 -7.39
C PHE C 267 8.67 -33.57 -8.62
N SER C 268 7.49 -34.06 -9.00
CA SER C 268 7.24 -34.85 -10.19
C SER C 268 5.74 -35.03 -10.34
N PHE C 269 5.29 -35.19 -11.57
CA PHE C 269 3.88 -35.37 -11.88
C PHE C 269 3.68 -36.73 -12.52
N LYS C 270 2.70 -37.48 -12.02
CA LYS C 270 2.41 -38.82 -12.50
C LYS C 270 1.31 -38.76 -13.55
N TYR C 271 1.52 -39.45 -14.67
CA TYR C 271 0.58 -39.49 -15.79
C TYR C 271 0.35 -40.93 -16.21
N GLY C 272 0.03 -41.79 -15.25
CA GLY C 272 -0.09 -43.21 -15.52
C GLY C 272 1.21 -43.92 -15.24
N ASN C 273 1.99 -44.18 -16.29
CA ASN C 273 3.34 -44.67 -16.13
C ASN C 273 4.40 -43.60 -16.36
N GLY C 274 4.00 -42.44 -16.89
CA GLY C 274 4.96 -41.40 -17.18
C GLY C 274 5.17 -40.45 -16.03
N VAL C 275 6.23 -39.65 -16.15
CA VAL C 275 6.60 -38.66 -15.15
C VAL C 275 7.06 -37.39 -15.84
N TRP C 276 6.90 -36.27 -15.16
CA TRP C 276 7.46 -34.99 -15.56
C TRP C 276 8.48 -34.60 -14.49
N ILE C 277 9.72 -35.03 -14.67
CA ILE C 277 10.77 -34.87 -13.67
C ILE C 277 11.35 -33.47 -13.77
N GLY C 278 11.38 -32.76 -12.65
CA GLY C 278 12.08 -31.48 -12.58
C GLY C 278 13.31 -31.57 -11.71
N ARG C 279 14.48 -31.40 -12.30
CA ARG C 279 15.75 -31.61 -11.60
C ARG C 279 16.73 -30.52 -12.01
N THR C 280 17.89 -30.51 -11.35
CA THR C 280 18.95 -29.58 -11.67
C THR C 280 19.89 -30.16 -12.72
N LYS C 281 20.61 -29.28 -13.41
CA LYS C 281 21.51 -29.71 -14.46
C LYS C 281 22.85 -30.21 -13.95
N SER C 282 23.20 -29.94 -12.70
CA SER C 282 24.47 -30.33 -12.12
C SER C 282 24.24 -31.44 -11.11
N ILE C 283 25.00 -32.54 -11.24
CA ILE C 283 24.81 -33.70 -10.38
C ILE C 283 25.49 -33.56 -9.02
N SER C 284 26.15 -32.43 -8.77
CA SER C 284 26.85 -32.24 -7.51
C SER C 284 26.45 -30.96 -6.79
N SER C 285 26.16 -29.89 -7.51
CA SER C 285 25.78 -28.62 -6.93
C SER C 285 24.43 -28.17 -7.51
N ARG C 286 23.79 -27.24 -6.80
CA ARG C 286 22.45 -26.78 -7.18
C ARG C 286 22.56 -25.72 -8.28
N LYS C 287 22.88 -26.18 -9.48
CA LYS C 287 23.05 -25.31 -10.64
C LYS C 287 22.19 -25.80 -11.78
N GLY C 288 21.43 -24.90 -12.39
CA GLY C 288 20.60 -25.23 -13.52
C GLY C 288 19.28 -25.86 -13.11
N PHE C 289 18.40 -26.03 -14.10
CA PHE C 289 17.12 -26.68 -13.88
C PHE C 289 16.54 -27.08 -15.24
N GLU C 290 15.77 -28.16 -15.24
CA GLU C 290 15.17 -28.66 -16.47
C GLU C 290 13.98 -29.53 -16.13
N MET C 291 13.08 -29.69 -17.10
CA MET C 291 11.95 -30.59 -17.00
C MET C 291 12.06 -31.69 -18.05
N ILE C 292 11.90 -32.93 -17.63
CA ILE C 292 12.11 -34.09 -18.49
C ILE C 292 10.85 -34.94 -18.47
N TRP C 293 10.39 -35.35 -19.66
CA TRP C 293 9.21 -36.19 -19.80
C TRP C 293 9.65 -37.62 -20.12
N ASP C 294 9.49 -38.52 -19.17
CA ASP C 294 9.79 -39.93 -19.37
C ASP C 294 8.49 -40.69 -19.56
N PRO C 295 8.24 -41.27 -20.73
CA PRO C 295 6.93 -41.90 -20.98
C PRO C 295 6.59 -43.04 -20.04
N ASN C 296 7.58 -43.78 -19.53
CA ASN C 296 7.35 -44.89 -18.62
C ASN C 296 8.26 -44.77 -17.41
N GLY C 297 8.45 -43.54 -16.91
CA GLY C 297 9.40 -43.31 -15.83
C GLY C 297 8.93 -43.75 -14.46
N TRP C 298 7.62 -43.75 -14.22
CA TRP C 298 7.13 -44.07 -12.88
C TRP C 298 7.37 -45.52 -12.50
N THR C 299 7.45 -46.42 -13.48
CA THR C 299 7.65 -47.85 -13.19
C THR C 299 8.77 -48.51 -13.97
N GLY C 300 9.24 -47.93 -15.07
CA GLY C 300 10.24 -48.58 -15.90
C GLY C 300 11.63 -47.99 -15.66
N THR C 301 12.56 -48.86 -15.27
CA THR C 301 13.90 -48.45 -14.87
C THR C 301 14.81 -48.41 -16.08
N ASP C 302 14.80 -47.28 -16.78
CA ASP C 302 15.76 -47.02 -17.84
C ASP C 302 15.97 -45.52 -17.92
N ASN C 303 17.09 -45.12 -18.54
CA ASN C 303 17.49 -43.73 -18.59
C ASN C 303 17.03 -43.01 -19.84
N ASN C 304 16.20 -43.64 -20.68
CA ASN C 304 15.73 -43.01 -21.89
C ASN C 304 14.49 -42.16 -21.61
N PHE C 305 14.47 -40.97 -22.19
CA PHE C 305 13.34 -40.06 -22.06
C PHE C 305 12.96 -39.53 -23.44
N SER C 306 11.98 -38.64 -23.48
CA SER C 306 11.44 -38.12 -24.73
C SER C 306 11.65 -36.62 -24.90
N ILE C 307 11.24 -35.81 -23.92
CA ILE C 307 11.25 -34.36 -24.05
C ILE C 307 12.08 -33.78 -22.91
N LYS C 308 12.87 -32.75 -23.23
CA LYS C 308 13.62 -31.99 -22.25
C LYS C 308 13.45 -30.50 -22.53
N GLN C 309 13.19 -29.73 -21.49
CA GLN C 309 13.03 -28.28 -21.60
C GLN C 309 13.99 -27.60 -20.63
N ASP C 310 14.68 -26.57 -21.13
CA ASP C 310 15.67 -25.86 -20.34
C ASP C 310 15.01 -24.67 -19.64
N ILE C 311 15.24 -24.55 -18.33
CA ILE C 311 14.59 -23.49 -17.57
C ILE C 311 15.61 -22.58 -16.90
N VAL C 312 16.76 -23.13 -16.53
CA VAL C 312 17.87 -22.35 -15.98
C VAL C 312 19.16 -22.92 -16.55
N GLY C 313 20.08 -22.05 -16.94
CA GLY C 313 21.32 -22.52 -17.52
C GLY C 313 22.19 -23.26 -16.53
N ILE C 314 23.08 -24.10 -17.06
CA ILE C 314 23.91 -24.96 -16.22
C ILE C 314 24.90 -24.16 -15.38
N ASN C 315 25.15 -22.90 -15.74
CA ASN C 315 26.09 -22.06 -15.01
C ASN C 315 25.40 -21.08 -14.07
N GLU C 316 24.09 -21.19 -13.90
CA GLU C 316 23.33 -20.29 -13.05
C GLU C 316 22.81 -21.04 -11.84
N TRP C 317 22.76 -20.33 -10.71
CA TRP C 317 22.41 -20.96 -9.44
C TRP C 317 20.93 -21.29 -9.38
N SER C 318 20.62 -22.44 -8.75
CA SER C 318 19.25 -22.91 -8.58
C SER C 318 19.02 -23.25 -7.12
N GLY C 319 17.91 -23.92 -6.82
CA GLY C 319 17.63 -24.29 -5.44
C GLY C 319 16.43 -25.21 -5.28
N TYR C 320 15.60 -24.90 -4.29
CA TYR C 320 14.41 -25.70 -4.03
C TYR C 320 13.42 -25.59 -5.18
N SER C 321 12.64 -26.66 -5.35
CA SER C 321 11.62 -26.70 -6.39
C SER C 321 10.39 -27.41 -5.85
N GLY C 322 9.21 -26.89 -6.19
CA GLY C 322 7.97 -27.44 -5.72
C GLY C 322 6.87 -27.24 -6.74
N SER C 323 5.72 -27.84 -6.46
CA SER C 323 4.61 -27.86 -7.40
C SER C 323 3.35 -27.32 -6.75
N PHE C 324 2.58 -26.55 -7.51
CA PHE C 324 1.26 -26.09 -7.08
C PHE C 324 0.26 -26.39 -8.18
N VAL C 325 -1.00 -26.08 -7.91
CA VAL C 325 -2.14 -26.53 -8.72
C VAL C 325 -3.14 -25.41 -8.88
N GLN C 326 -3.68 -25.27 -10.09
CA GLN C 326 -4.76 -24.35 -10.38
C GLN C 326 -6.03 -25.16 -10.66
N HIS C 327 -7.03 -25.02 -9.79
CA HIS C 327 -8.24 -25.82 -9.86
C HIS C 327 -9.19 -25.29 -10.93
N PRO C 328 -10.13 -26.12 -11.40
CA PRO C 328 -11.10 -25.64 -12.40
C PRO C 328 -11.96 -24.49 -11.91
N GLU C 329 -12.14 -24.35 -10.59
CA GLU C 329 -12.90 -23.24 -10.04
C GLU C 329 -12.22 -21.90 -10.26
N LEU C 330 -10.95 -21.89 -10.65
CA LEU C 330 -10.21 -20.68 -10.93
C LEU C 330 -9.90 -20.51 -12.42
N THR C 331 -9.30 -21.52 -13.04
CA THR C 331 -8.96 -21.43 -14.45
C THR C 331 -10.21 -21.44 -15.33
N GLY C 332 -11.21 -22.24 -14.97
CA GLY C 332 -12.39 -22.41 -15.78
C GLY C 332 -12.37 -23.62 -16.70
N LEU C 333 -11.29 -24.38 -16.71
CA LEU C 333 -11.19 -25.58 -17.54
C LEU C 333 -11.99 -26.70 -16.88
N ASP C 334 -11.87 -27.92 -17.41
CA ASP C 334 -12.56 -29.08 -16.88
C ASP C 334 -11.63 -30.02 -16.15
N CYS C 335 -10.37 -29.64 -15.94
CA CYS C 335 -9.40 -30.52 -15.30
C CYS C 335 -8.43 -29.67 -14.47
N ILE C 336 -7.50 -30.36 -13.83
CA ILE C 336 -6.54 -29.74 -12.93
C ILE C 336 -5.24 -29.46 -13.69
N ARG C 337 -4.75 -28.21 -13.61
CA ARG C 337 -3.59 -27.77 -14.39
C ARG C 337 -2.32 -27.88 -13.55
N PRO C 338 -1.29 -28.57 -14.04
CA PRO C 338 -0.01 -28.62 -13.33
C PRO C 338 0.74 -27.30 -13.40
N CYS C 339 1.40 -26.96 -12.29
CA CYS C 339 2.27 -25.80 -12.22
C CYS C 339 3.40 -26.10 -11.25
N PHE C 340 4.47 -25.33 -11.34
CA PHE C 340 5.60 -25.50 -10.42
C PHE C 340 6.35 -24.20 -10.27
N TRP C 341 7.18 -24.14 -9.23
CA TRP C 341 8.01 -22.98 -8.92
C TRP C 341 9.44 -23.42 -8.64
N VAL C 342 10.38 -22.51 -8.87
CA VAL C 342 11.80 -22.75 -8.60
C VAL C 342 12.34 -21.58 -7.79
N GLU C 343 13.22 -21.89 -6.83
CA GLU C 343 13.88 -20.86 -6.03
C GLU C 343 15.33 -20.76 -6.45
N LEU C 344 15.82 -19.52 -6.60
CA LEU C 344 17.17 -19.25 -7.08
C LEU C 344 17.98 -18.71 -5.91
N ILE C 345 18.77 -19.58 -5.29
CA ILE C 345 19.49 -19.26 -4.06
C ILE C 345 20.81 -18.56 -4.42
N ARG C 346 21.07 -17.43 -3.78
CA ARG C 346 22.32 -16.71 -3.94
C ARG C 346 22.76 -16.19 -2.57
N GLY C 347 23.96 -16.56 -2.15
CA GLY C 347 24.43 -16.13 -0.85
C GLY C 347 25.62 -16.96 -0.39
N ARG C 348 25.74 -17.08 0.94
CA ARG C 348 26.96 -17.60 1.56
C ARG C 348 27.32 -19.02 1.15
N PRO C 349 26.41 -20.02 1.15
CA PRO C 349 26.89 -21.41 1.07
C PRO C 349 27.71 -21.72 -0.18
N GLU C 350 27.62 -20.86 -1.19
CA GLU C 350 28.43 -21.02 -2.39
C GLU C 350 29.13 -19.75 -2.85
N GLU C 351 28.87 -18.60 -2.23
CA GLU C 351 29.49 -17.34 -2.63
C GLU C 351 30.03 -16.63 -1.40
N ASN C 352 30.84 -15.60 -1.64
CA ASN C 352 31.56 -14.91 -0.57
C ASN C 352 30.78 -13.67 -0.12
N THR C 353 29.64 -13.94 0.48
CA THR C 353 28.80 -12.91 1.08
C THR C 353 28.58 -13.25 2.56
N ILE C 354 27.79 -12.43 3.25
CA ILE C 354 27.45 -12.67 4.64
C ILE C 354 26.02 -13.17 4.82
N TRP C 355 25.22 -13.20 3.76
CA TRP C 355 23.80 -13.51 3.85
C TRP C 355 23.47 -14.66 2.90
N THR C 356 22.18 -14.97 2.81
CA THR C 356 21.69 -16.01 1.90
C THR C 356 20.22 -15.73 1.63
N SER C 357 19.89 -15.42 0.38
CA SER C 357 18.52 -15.13 -0.01
C SER C 357 18.25 -15.73 -1.38
N GLY C 358 16.98 -15.91 -1.68
CA GLY C 358 16.58 -16.54 -2.93
C GLY C 358 15.40 -15.85 -3.57
N SER C 359 15.47 -15.74 -4.90
CA SER C 359 14.35 -15.25 -5.71
C SER C 359 13.53 -16.45 -6.19
N SER C 360 12.56 -16.20 -7.07
CA SER C 360 11.67 -17.27 -7.51
C SER C 360 11.19 -17.02 -8.93
N ILE C 361 10.86 -18.12 -9.62
CA ILE C 361 10.19 -18.10 -10.91
C ILE C 361 9.11 -19.17 -10.91
N SER C 362 8.14 -19.01 -11.81
CA SER C 362 6.99 -19.91 -11.85
C SER C 362 6.67 -20.28 -13.29
N PHE C 363 6.20 -21.50 -13.50
CA PHE C 363 5.82 -21.99 -14.82
C PHE C 363 4.49 -22.72 -14.74
N CYS C 364 3.74 -22.69 -15.84
CA CYS C 364 2.46 -23.35 -15.95
C CYS C 364 2.45 -24.29 -17.15
N GLY C 365 1.80 -25.44 -16.98
CA GLY C 365 1.76 -26.44 -18.03
C GLY C 365 0.67 -26.15 -19.05
N VAL C 366 1.04 -26.21 -20.33
CA VAL C 366 0.14 -25.88 -21.42
C VAL C 366 0.28 -26.93 -22.53
N ASN C 367 -0.72 -26.96 -23.41
CA ASN C 367 -0.72 -27.80 -24.60
C ASN C 367 -0.45 -26.98 -25.87
N SER C 368 0.34 -25.92 -25.75
CA SER C 368 0.63 -25.03 -26.86
C SER C 368 2.14 -25.05 -27.14
N ASP C 369 2.57 -24.15 -28.02
CA ASP C 369 3.97 -24.05 -28.39
C ASP C 369 4.74 -23.26 -27.33
N THR C 370 5.82 -23.86 -26.82
CA THR C 370 6.63 -23.24 -25.78
C THR C 370 8.10 -23.40 -26.12
N VAL C 371 8.92 -22.54 -25.52
CA VAL C 371 10.35 -22.48 -25.79
C VAL C 371 11.11 -22.67 -24.50
N GLY C 372 12.34 -23.18 -24.62
CA GLY C 372 13.23 -23.33 -23.48
C GLY C 372 14.31 -22.27 -23.51
N TRP C 373 14.58 -21.70 -22.35
CA TRP C 373 15.54 -20.60 -22.24
C TRP C 373 16.18 -20.69 -20.85
N SER C 374 16.83 -19.61 -20.44
CA SER C 374 17.39 -19.50 -19.10
C SER C 374 16.86 -18.22 -18.47
N TRP C 375 16.22 -18.34 -17.31
CA TRP C 375 15.65 -17.21 -16.58
C TRP C 375 16.29 -17.16 -15.20
N PRO C 376 17.56 -16.74 -15.11
CA PRO C 376 18.25 -16.80 -13.83
C PRO C 376 18.02 -15.57 -12.98
N ASP C 377 18.69 -15.51 -11.84
CA ASP C 377 18.69 -14.32 -10.99
C ASP C 377 19.88 -13.46 -11.40
N GLY C 378 19.60 -12.25 -11.90
CA GLY C 378 20.65 -11.42 -12.44
C GLY C 378 21.31 -10.51 -11.43
N ALA C 379 21.43 -10.98 -10.19
CA ALA C 379 22.08 -10.19 -9.16
C ALA C 379 23.58 -10.14 -9.39
N GLU C 380 24.20 -9.07 -8.91
CA GLU C 380 25.63 -8.81 -9.08
C GLU C 380 26.25 -8.75 -7.69
N LEU C 381 26.68 -9.90 -7.19
CA LEU C 381 27.25 -9.98 -5.86
C LEU C 381 28.75 -9.72 -5.92
N PRO C 382 29.36 -9.27 -4.81
CA PRO C 382 28.78 -8.97 -3.48
C PRO C 382 28.12 -7.60 -3.40
N PHE C 383 27.33 -7.39 -2.36
CA PHE C 383 26.65 -6.12 -2.13
C PHE C 383 27.58 -5.17 -1.37
N THR C 384 27.04 -4.07 -0.88
CA THR C 384 27.83 -3.08 -0.15
C THR C 384 27.94 -3.39 1.34
N ILE C 385 27.36 -4.49 1.80
CA ILE C 385 27.39 -4.83 3.22
C ILE C 385 28.39 -5.94 3.48
N VAL D 1 -20.65 -5.85 -18.01
CA VAL D 1 -21.07 -5.85 -19.41
C VAL D 1 -19.90 -5.51 -20.32
N LYS D 2 -19.84 -6.17 -21.47
CA LYS D 2 -18.71 -6.00 -22.39
C LYS D 2 -18.79 -4.68 -23.14
N LEU D 3 -17.63 -4.16 -23.51
CA LEU D 3 -17.57 -2.97 -24.34
C LEU D 3 -18.06 -3.27 -25.74
N ALA D 4 -18.73 -2.29 -26.35
CA ALA D 4 -19.42 -2.52 -27.61
C ALA D 4 -18.78 -1.82 -28.81
N GLY D 5 -17.92 -0.82 -28.60
CA GLY D 5 -17.48 0.00 -29.70
C GLY D 5 -18.67 0.73 -30.28
N ASN D 6 -19.04 0.41 -31.52
CA ASN D 6 -20.39 0.67 -32.04
C ASN D 6 -20.63 2.15 -32.29
N SER D 7 -19.72 3.02 -31.86
CA SER D 7 -19.91 4.46 -31.96
C SER D 7 -18.68 5.10 -32.56
N SER D 8 -18.89 6.28 -33.15
CA SER D 8 -17.83 6.97 -33.87
C SER D 8 -16.90 7.70 -32.91
N LEU D 9 -15.79 8.17 -33.46
CA LEU D 9 -14.77 8.86 -32.67
C LEU D 9 -15.17 10.32 -32.46
N CYS D 10 -14.99 10.81 -31.24
CA CYS D 10 -15.40 12.18 -30.91
C CYS D 10 -14.59 13.19 -31.70
N PRO D 11 -15.24 14.15 -32.37
CA PRO D 11 -14.49 15.26 -32.98
C PRO D 11 -13.97 16.20 -31.90
N VAL D 12 -12.69 16.56 -32.00
CA VAL D 12 -12.04 17.38 -30.99
C VAL D 12 -11.35 18.55 -31.69
N SER D 13 -11.06 19.58 -30.89
CA SER D 13 -10.31 20.74 -31.37
C SER D 13 -9.14 21.10 -30.48
N GLY D 14 -8.86 20.31 -29.44
CA GLY D 14 -7.77 20.61 -28.53
C GLY D 14 -7.53 19.44 -27.61
N TRP D 15 -6.47 19.55 -26.81
CA TRP D 15 -6.04 18.49 -25.92
C TRP D 15 -5.75 19.08 -24.54
N ALA D 16 -6.27 18.42 -23.51
CA ALA D 16 -6.14 18.89 -22.13
C ALA D 16 -5.22 17.96 -21.36
N ILE D 17 -4.32 18.55 -20.57
CA ILE D 17 -3.37 17.75 -19.79
C ILE D 17 -4.13 16.86 -18.82
N TYR D 18 -3.88 15.56 -18.90
CA TYR D 18 -4.60 14.57 -18.11
C TYR D 18 -3.81 14.08 -16.91
N SER D 19 -2.60 13.58 -17.12
CA SER D 19 -1.80 13.04 -16.03
C SER D 19 -0.33 13.34 -16.30
N LYS D 20 0.46 13.26 -15.23
CA LYS D 20 1.90 13.49 -15.32
C LYS D 20 2.54 12.89 -14.08
N ASP D 21 3.41 11.91 -14.26
CA ASP D 21 4.19 11.34 -13.17
C ASP D 21 5.63 11.80 -13.29
N ASN D 22 6.19 12.29 -12.20
CA ASN D 22 7.57 12.77 -12.18
C ASN D 22 8.51 11.65 -11.73
N SER D 23 8.55 10.59 -12.53
CA SER D 23 9.24 9.37 -12.12
C SER D 23 10.74 9.59 -11.97
N VAL D 24 11.36 10.26 -12.95
CA VAL D 24 12.82 10.36 -12.95
C VAL D 24 13.31 11.31 -11.88
N ARG D 25 12.57 12.38 -11.59
CA ARG D 25 12.99 13.33 -10.56
C ARG D 25 12.45 12.99 -9.18
N ILE D 26 11.67 11.92 -9.05
CA ILE D 26 11.35 11.35 -7.75
C ILE D 26 12.24 10.15 -7.43
N GLY D 27 12.72 9.43 -8.43
CA GLY D 27 13.56 8.28 -8.25
C GLY D 27 15.00 8.55 -7.90
N SER D 28 15.41 9.82 -7.84
CA SER D 28 16.75 10.12 -7.36
C SER D 28 16.89 9.78 -5.88
N LYS D 29 15.81 9.90 -5.11
CA LYS D 29 15.79 9.51 -3.70
C LYS D 29 14.89 8.32 -3.43
N GLY D 30 13.69 8.29 -4.02
CA GLY D 30 12.77 7.20 -3.81
C GLY D 30 13.14 5.96 -4.59
N ASP D 31 12.34 4.91 -4.40
CA ASP D 31 12.53 3.64 -5.07
C ASP D 31 11.52 3.52 -6.20
N VAL D 32 11.96 3.81 -7.43
CA VAL D 32 11.12 3.64 -8.60
C VAL D 32 11.86 2.76 -9.60
N PHE D 33 11.10 2.09 -10.45
CA PHE D 33 11.68 1.20 -11.45
C PHE D 33 12.35 2.00 -12.57
N VAL D 34 13.24 1.31 -13.28
CA VAL D 34 13.81 1.84 -14.53
C VAL D 34 12.93 1.31 -15.65
N ILE D 35 11.92 2.10 -16.01
CA ILE D 35 10.89 1.66 -16.94
C ILE D 35 11.21 2.16 -18.33
N ARG D 36 10.58 1.53 -19.32
CA ARG D 36 10.66 1.95 -20.71
C ARG D 36 9.37 1.53 -21.41
N GLU D 37 9.01 2.29 -22.44
CA GLU D 37 7.80 2.07 -23.22
C GLU D 37 6.53 2.00 -22.37
N PRO D 38 6.17 3.08 -21.69
CA PRO D 38 4.90 3.11 -20.97
C PRO D 38 3.73 3.10 -21.94
N PHE D 39 2.57 2.65 -21.45
CA PHE D 39 1.33 2.92 -22.16
C PHE D 39 0.18 2.86 -21.16
N ILE D 40 -0.94 3.44 -21.56
CA ILE D 40 -2.10 3.61 -20.68
C ILE D 40 -3.28 2.87 -21.30
N SER D 41 -3.97 2.08 -20.49
CA SER D 41 -5.19 1.39 -20.90
C SER D 41 -6.25 1.66 -19.85
N CYS D 42 -7.48 1.89 -20.29
CA CYS D 42 -8.57 2.26 -19.39
C CYS D 42 -9.58 1.13 -19.29
N SER D 43 -10.05 0.89 -18.08
CA SER D 43 -11.11 -0.04 -17.77
C SER D 43 -12.38 0.72 -17.44
N PRO D 44 -13.54 0.05 -17.43
CA PRO D 44 -14.80 0.75 -17.10
C PRO D 44 -14.83 1.35 -15.70
N LEU D 45 -13.76 1.19 -14.93
CA LEU D 45 -13.67 1.78 -13.60
C LEU D 45 -12.46 2.69 -13.41
N GLU D 46 -11.35 2.42 -14.08
CA GLU D 46 -10.12 3.18 -13.86
C GLU D 46 -9.21 3.02 -15.07
N CYS D 47 -8.19 3.87 -15.13
CA CYS D 47 -7.17 3.81 -16.16
C CYS D 47 -5.83 3.46 -15.52
N ARG D 48 -5.12 2.50 -16.11
CA ARG D 48 -3.86 2.02 -15.58
C ARG D 48 -2.73 2.39 -16.52
N THR D 49 -1.52 2.53 -15.96
CA THR D 49 -0.32 2.75 -16.75
C THR D 49 0.50 1.45 -16.75
N PHE D 50 0.81 0.95 -17.94
CA PHE D 50 1.60 -0.26 -18.10
C PHE D 50 3.01 0.10 -18.55
N PHE D 51 4.01 -0.52 -17.94
CA PHE D 51 5.40 -0.25 -18.27
C PHE D 51 6.18 -1.55 -18.29
N LEU D 52 7.38 -1.50 -18.86
CA LEU D 52 8.26 -2.65 -18.98
C LEU D 52 9.49 -2.41 -18.11
N THR D 53 9.43 -2.87 -16.87
CA THR D 53 10.56 -2.74 -15.97
C THR D 53 11.71 -3.61 -16.44
N GLN D 54 12.93 -3.20 -16.07
CA GLN D 54 14.13 -3.94 -16.44
C GLN D 54 14.68 -4.74 -15.26
N GLY D 55 13.92 -4.87 -14.18
CA GLY D 55 14.35 -5.62 -13.01
C GLY D 55 15.21 -4.86 -12.04
N ALA D 56 15.40 -3.56 -12.23
CA ALA D 56 16.31 -2.79 -11.39
C ALA D 56 15.65 -1.47 -11.00
N LEU D 57 16.10 -0.92 -9.89
CA LEU D 57 15.61 0.35 -9.40
C LEU D 57 16.47 1.50 -9.91
N LEU D 58 15.88 2.69 -9.96
CA LEU D 58 16.59 3.87 -10.43
C LEU D 58 17.60 4.32 -9.39
N ASN D 59 18.74 4.84 -9.87
CA ASN D 59 19.85 5.24 -9.02
C ASN D 59 20.40 4.05 -8.23
N ASP D 60 20.75 3.00 -8.95
CA ASP D 60 21.22 1.76 -8.37
C ASP D 60 22.28 1.15 -9.28
N LYS D 61 23.11 0.27 -8.71
CA LYS D 61 24.19 -0.33 -9.49
C LYS D 61 23.68 -1.32 -10.53
N HIS D 62 22.44 -1.78 -10.40
CA HIS D 62 21.85 -2.69 -11.38
C HIS D 62 21.18 -1.95 -12.53
N SER D 63 21.25 -0.62 -12.53
CA SER D 63 20.79 0.18 -13.66
C SER D 63 21.85 0.30 -14.75
N ASN D 64 23.03 -0.26 -14.54
CA ASN D 64 24.11 -0.16 -15.52
C ASN D 64 23.71 -0.85 -16.82
N GLY D 65 23.89 -0.15 -17.92
CA GLY D 65 23.62 -0.72 -19.23
C GLY D 65 22.19 -1.16 -19.45
N THR D 66 21.23 -0.35 -19.01
CA THR D 66 19.82 -0.66 -19.26
C THR D 66 19.43 -0.20 -20.65
N ILE D 67 20.21 -0.58 -21.66
CA ILE D 67 19.87 -0.34 -23.05
C ILE D 67 19.66 -1.65 -23.80
N LYS D 68 20.12 -2.78 -23.26
CA LYS D 68 19.79 -4.10 -23.77
C LYS D 68 18.30 -4.35 -23.50
N ASP D 69 17.49 -4.26 -24.54
CA ASP D 69 16.04 -4.26 -24.40
C ASP D 69 15.42 -5.66 -24.45
N ARG D 70 16.20 -6.72 -24.56
CA ARG D 70 15.68 -8.08 -24.60
C ARG D 70 16.50 -8.94 -23.64
N SER D 71 16.09 -8.98 -22.39
CA SER D 71 16.76 -9.71 -21.33
C SER D 71 15.75 -10.55 -20.58
N PRO D 72 16.18 -11.63 -19.93
CA PRO D 72 15.24 -12.48 -19.18
C PRO D 72 14.74 -11.87 -17.88
N TYR D 73 15.03 -10.60 -17.62
CA TYR D 73 14.58 -9.93 -16.40
C TYR D 73 13.45 -8.95 -16.63
N ARG D 74 13.19 -8.56 -17.87
CA ARG D 74 12.12 -7.61 -18.15
C ARG D 74 10.76 -8.22 -17.84
N THR D 75 9.93 -7.45 -17.13
CA THR D 75 8.59 -7.89 -16.78
C THR D 75 7.61 -6.77 -17.09
N LEU D 76 6.37 -7.14 -17.37
CA LEU D 76 5.30 -6.16 -17.58
C LEU D 76 4.58 -5.93 -16.26
N MET D 77 4.43 -4.67 -15.87
CA MET D 77 3.77 -4.31 -14.63
C MET D 77 2.77 -3.20 -14.92
N SER D 78 1.98 -2.85 -13.92
CA SER D 78 0.99 -1.79 -14.07
C SER D 78 0.80 -1.08 -12.74
N CYS D 79 0.52 0.21 -12.81
CA CYS D 79 0.25 1.06 -11.66
C CYS D 79 -0.86 2.02 -12.02
N PRO D 80 -1.56 2.57 -11.03
CA PRO D 80 -2.59 3.56 -11.34
C PRO D 80 -2.01 4.78 -12.02
N ILE D 81 -2.83 5.40 -12.88
CA ILE D 81 -2.34 6.50 -13.71
C ILE D 81 -1.90 7.66 -12.83
N GLY D 82 -0.83 8.34 -13.26
CA GLY D 82 -0.31 9.47 -12.54
C GLY D 82 0.59 9.16 -11.37
N GLU D 83 0.86 7.88 -11.10
CA GLU D 83 1.69 7.48 -9.97
C GLU D 83 3.00 6.89 -10.48
N VAL D 84 4.05 7.06 -9.68
CA VAL D 84 5.39 6.61 -10.06
C VAL D 84 5.43 5.09 -10.09
N PRO D 85 6.18 4.49 -11.01
CA PRO D 85 6.32 3.03 -11.01
C PRO D 85 7.21 2.58 -9.86
N SER D 86 6.62 2.01 -8.82
CA SER D 86 7.37 1.66 -7.63
C SER D 86 7.10 0.21 -7.25
N PRO D 87 8.06 -0.45 -6.61
CA PRO D 87 7.81 -1.85 -6.18
C PRO D 87 6.68 -1.98 -5.18
N TYR D 88 6.32 -0.91 -4.47
CA TYR D 88 5.33 -0.98 -3.41
C TYR D 88 3.93 -0.56 -3.85
N ASN D 89 3.75 -0.08 -5.07
CA ASN D 89 2.41 0.31 -5.51
C ASN D 89 2.11 -0.13 -6.94
N SER D 90 2.81 -1.12 -7.47
CA SER D 90 2.59 -1.59 -8.83
C SER D 90 2.28 -3.08 -8.81
N ARG D 91 1.45 -3.52 -9.76
CA ARG D 91 1.01 -4.91 -9.85
C ARG D 91 1.70 -5.62 -11.01
N PHE D 92 2.09 -6.87 -10.76
CA PHE D 92 2.77 -7.68 -11.76
C PHE D 92 1.76 -8.25 -12.75
N GLU D 93 2.08 -8.14 -14.04
CA GLU D 93 1.20 -8.61 -15.11
C GLU D 93 1.75 -9.83 -15.84
N SER D 94 2.99 -9.75 -16.34
CA SER D 94 3.57 -10.84 -17.11
C SER D 94 5.07 -10.66 -17.19
N VAL D 95 5.75 -11.69 -17.70
CA VAL D 95 7.19 -11.65 -17.97
C VAL D 95 7.35 -11.48 -19.47
N ALA D 96 7.89 -10.34 -19.89
CA ALA D 96 7.96 -10.03 -21.31
C ALA D 96 9.00 -8.95 -21.56
N TRP D 97 9.56 -8.96 -22.78
CA TRP D 97 10.30 -7.82 -23.29
C TRP D 97 9.55 -7.13 -24.43
N SER D 98 8.31 -7.53 -24.69
CA SER D 98 7.44 -6.87 -25.66
C SER D 98 6.01 -7.28 -25.33
N ALA D 99 5.19 -6.30 -24.95
CA ALA D 99 3.90 -6.62 -24.36
C ALA D 99 2.83 -5.64 -24.80
N SER D 100 1.58 -6.03 -24.57
CA SER D 100 0.41 -5.16 -24.76
C SER D 100 -0.71 -5.67 -23.87
N ALA D 101 -1.61 -4.77 -23.49
CA ALA D 101 -2.67 -5.12 -22.54
C ALA D 101 -3.95 -4.42 -22.94
N CYS D 102 -5.08 -5.03 -22.58
CA CYS D 102 -6.39 -4.53 -22.95
C CYS D 102 -7.43 -4.97 -21.92
N HIS D 103 -8.59 -4.33 -21.98
CA HIS D 103 -9.72 -4.65 -21.12
C HIS D 103 -10.99 -4.69 -21.96
N ASP D 104 -11.62 -5.85 -22.03
CA ASP D 104 -12.80 -6.06 -22.87
C ASP D 104 -14.10 -5.73 -22.15
N GLY D 105 -14.04 -4.99 -21.05
CA GLY D 105 -15.22 -4.66 -20.27
C GLY D 105 -15.52 -5.62 -19.14
N ILE D 106 -14.84 -6.77 -19.09
CA ILE D 106 -15.03 -7.75 -18.04
C ILE D 106 -13.71 -8.08 -17.32
N ASN D 107 -12.66 -8.34 -18.08
CA ASN D 107 -11.39 -8.74 -17.49
C ASN D 107 -10.24 -8.21 -18.33
N TRP D 108 -9.06 -8.17 -17.71
CA TRP D 108 -7.85 -7.68 -18.37
C TRP D 108 -7.23 -8.77 -19.21
N LEU D 109 -6.84 -8.43 -20.43
CA LEU D 109 -6.08 -9.32 -21.30
C LEU D 109 -4.69 -8.73 -21.52
N THR D 110 -3.66 -9.53 -21.25
CA THR D 110 -2.28 -9.09 -21.44
C THR D 110 -1.54 -10.09 -22.30
N ILE D 111 -0.84 -9.59 -23.32
CA ILE D 111 0.03 -10.41 -24.16
C ILE D 111 1.47 -10.08 -23.80
N GLY D 112 2.29 -11.09 -23.62
CA GLY D 112 3.68 -10.87 -23.28
C GLY D 112 4.64 -11.81 -23.97
N ILE D 113 5.65 -11.28 -24.63
CA ILE D 113 6.61 -12.07 -25.40
C ILE D 113 7.92 -12.14 -24.64
N SER D 114 8.41 -13.35 -24.41
CA SER D 114 9.69 -13.56 -23.76
C SER D 114 10.30 -14.86 -24.26
N GLY D 115 11.56 -14.82 -24.64
CA GLY D 115 12.25 -15.98 -25.13
C GLY D 115 13.46 -15.59 -25.96
N PRO D 116 14.08 -16.57 -26.61
CA PRO D 116 15.23 -16.27 -27.47
C PRO D 116 14.80 -15.43 -28.67
N ASP D 117 15.78 -14.78 -29.29
CA ASP D 117 15.48 -13.97 -30.48
C ASP D 117 14.92 -14.84 -31.59
N SER D 118 15.46 -16.04 -31.75
CA SER D 118 14.97 -17.01 -32.73
C SER D 118 14.16 -18.06 -31.99
N GLY D 119 12.87 -17.79 -31.79
CA GLY D 119 12.03 -18.71 -31.06
C GLY D 119 11.26 -18.10 -29.91
N ALA D 120 11.09 -16.78 -29.92
CA ALA D 120 10.34 -16.12 -28.85
C ALA D 120 8.89 -16.60 -28.86
N VAL D 121 8.29 -16.61 -27.66
CA VAL D 121 6.96 -17.17 -27.45
C VAL D 121 6.10 -16.14 -26.71
N ALA D 122 4.91 -15.89 -27.23
CA ALA D 122 3.98 -14.94 -26.62
C ALA D 122 2.97 -15.69 -25.76
N VAL D 123 2.81 -15.24 -24.51
CA VAL D 123 1.92 -15.87 -23.55
C VAL D 123 0.74 -14.94 -23.31
N LEU D 124 -0.46 -15.43 -23.54
CA LEU D 124 -1.69 -14.66 -23.38
C LEU D 124 -2.31 -14.99 -22.04
N LYS D 125 -2.68 -13.97 -21.28
CA LYS D 125 -3.26 -14.12 -19.96
C LYS D 125 -4.60 -13.42 -19.89
N TYR D 126 -5.61 -14.11 -19.39
CA TYR D 126 -6.93 -13.54 -19.17
C TYR D 126 -7.27 -13.65 -17.69
N ASN D 127 -7.43 -12.50 -17.03
CA ASN D 127 -7.66 -12.44 -15.59
C ASN D 127 -6.54 -13.13 -14.82
N GLY D 128 -5.31 -12.97 -15.31
CA GLY D 128 -4.15 -13.51 -14.63
C GLY D 128 -3.92 -14.99 -14.82
N ILE D 129 -4.66 -15.64 -15.71
CA ILE D 129 -4.53 -17.07 -15.95
C ILE D 129 -4.08 -17.26 -17.40
N ILE D 130 -3.06 -18.09 -17.61
CA ILE D 130 -2.57 -18.34 -18.96
C ILE D 130 -3.63 -19.10 -19.74
N THR D 131 -4.11 -18.51 -20.83
CA THR D 131 -5.16 -19.09 -21.63
C THR D 131 -4.72 -19.57 -23.00
N ASP D 132 -3.76 -18.89 -23.62
CA ASP D 132 -3.28 -19.30 -24.93
C ASP D 132 -1.81 -18.91 -25.05
N THR D 133 -1.14 -19.52 -26.03
CA THR D 133 0.29 -19.34 -26.20
C THR D 133 0.62 -19.51 -27.67
N ILE D 134 1.38 -18.58 -28.24
CA ILE D 134 1.68 -18.58 -29.66
C ILE D 134 3.18 -18.36 -29.85
N LYS D 135 3.70 -18.88 -30.95
CA LYS D 135 5.15 -18.95 -31.17
C LYS D 135 5.52 -18.21 -32.45
N SER D 136 6.81 -17.89 -32.56
CA SER D 136 7.31 -17.17 -33.72
C SER D 136 7.24 -18.04 -34.96
N TRP D 137 7.19 -17.39 -36.13
CA TRP D 137 7.03 -18.07 -37.40
C TRP D 137 8.30 -18.06 -38.24
N ARG D 138 8.85 -16.88 -38.49
CA ARG D 138 10.04 -16.71 -39.30
C ARG D 138 11.31 -16.75 -38.48
N ASN D 139 11.21 -17.04 -37.18
CA ASN D 139 12.36 -17.20 -36.29
C ASN D 139 13.22 -15.94 -36.26
N ASN D 140 12.56 -14.80 -36.16
CA ASN D 140 13.20 -13.52 -35.88
C ASN D 140 12.55 -12.91 -34.65
N ILE D 141 12.84 -11.64 -34.40
CA ILE D 141 12.37 -10.99 -33.18
C ILE D 141 10.87 -10.77 -33.32
N LEU D 142 10.09 -11.42 -32.47
CA LEU D 142 8.64 -11.28 -32.49
C LEU D 142 8.22 -10.04 -31.70
N ARG D 143 7.55 -9.10 -32.35
CA ARG D 143 7.15 -7.85 -31.73
C ARG D 143 5.63 -7.76 -31.60
N THR D 144 5.18 -6.98 -30.62
CA THR D 144 3.78 -6.65 -30.43
C THR D 144 3.67 -5.12 -30.55
N GLN D 145 2.48 -4.59 -30.22
CA GLN D 145 2.20 -3.17 -30.46
C GLN D 145 3.01 -2.27 -29.56
N GLU D 146 3.31 -2.71 -28.33
CA GLU D 146 3.82 -1.89 -27.24
C GLU D 146 2.79 -0.91 -26.72
N SER D 147 1.54 -1.02 -27.17
CA SER D 147 0.45 -0.14 -26.76
C SER D 147 -0.79 -1.00 -26.54
N GLU D 148 -1.85 -0.37 -26.05
CA GLU D 148 -3.08 -1.12 -25.84
C GLU D 148 -3.72 -1.49 -27.18
N CYS D 149 -4.43 -2.60 -27.19
CA CYS D 149 -5.13 -3.04 -28.40
C CYS D 149 -6.57 -2.52 -28.38
N ALA D 150 -7.34 -2.88 -29.39
CA ALA D 150 -8.71 -2.42 -29.54
C ALA D 150 -9.67 -3.58 -29.34
N CYS D 151 -10.62 -3.41 -28.42
CA CYS D 151 -11.60 -4.43 -28.12
C CYS D 151 -12.98 -3.95 -28.56
N VAL D 152 -13.62 -4.73 -29.42
CA VAL D 152 -14.94 -4.41 -29.96
C VAL D 152 -15.84 -5.61 -29.78
N ASN D 153 -16.96 -5.42 -29.09
CA ASN D 153 -17.97 -6.47 -28.89
C ASN D 153 -17.39 -7.71 -28.23
N GLY D 154 -16.46 -7.53 -27.29
CA GLY D 154 -15.89 -8.64 -26.56
C GLY D 154 -14.71 -9.32 -27.23
N SER D 155 -14.27 -8.84 -28.39
CA SER D 155 -13.11 -9.38 -29.09
C SER D 155 -12.05 -8.31 -29.19
N CYS D 156 -10.81 -8.66 -28.88
CA CYS D 156 -9.70 -7.71 -28.89
C CYS D 156 -8.74 -8.06 -30.01
N PHE D 157 -8.29 -7.04 -30.75
CA PHE D 157 -7.52 -7.21 -31.98
C PHE D 157 -6.13 -6.63 -31.80
N THR D 158 -5.11 -7.41 -32.15
CA THR D 158 -3.72 -7.00 -32.05
C THR D 158 -2.98 -7.37 -33.34
N ILE D 159 -1.80 -6.78 -33.52
CA ILE D 159 -0.94 -7.05 -34.67
C ILE D 159 0.45 -7.41 -34.17
N MET D 160 1.01 -8.49 -34.72
CA MET D 160 2.36 -8.91 -34.38
C MET D 160 3.21 -8.96 -35.64
N THR D 161 4.50 -8.66 -35.48
CA THR D 161 5.46 -8.63 -36.56
C THR D 161 6.54 -9.68 -36.30
N ASP D 162 7.10 -10.23 -37.37
CA ASP D 162 8.13 -11.25 -37.26
C ASP D 162 8.99 -11.22 -38.51
N GLY D 163 10.25 -10.82 -38.37
CA GLY D 163 11.14 -10.74 -39.49
C GLY D 163 12.17 -9.64 -39.31
N PRO D 164 12.88 -9.31 -40.39
CA PRO D 164 13.92 -8.28 -40.29
C PRO D 164 13.34 -6.93 -39.91
N SER D 165 14.14 -6.14 -39.19
CA SER D 165 13.77 -4.79 -38.83
C SER D 165 14.23 -3.77 -39.86
N ASP D 166 14.98 -4.19 -40.87
CA ASP D 166 15.41 -3.32 -41.96
C ASP D 166 15.14 -3.95 -43.32
N GLY D 167 14.18 -4.86 -43.39
CA GLY D 167 13.84 -5.54 -44.63
C GLY D 167 12.36 -5.86 -44.63
N GLN D 168 11.98 -6.89 -45.38
CA GLN D 168 10.59 -7.29 -45.49
C GLN D 168 10.28 -8.32 -44.41
N ALA D 169 9.30 -8.02 -43.58
CA ALA D 169 8.91 -8.88 -42.47
C ALA D 169 7.57 -9.56 -42.78
N SER D 170 7.03 -10.26 -41.80
CA SER D 170 5.73 -10.89 -41.89
C SER D 170 4.81 -10.29 -40.84
N TYR D 171 3.59 -9.93 -41.23
CA TYR D 171 2.66 -9.22 -40.37
C TYR D 171 1.41 -10.06 -40.20
N LYS D 172 0.87 -10.09 -38.99
CA LYS D 172 -0.31 -10.92 -38.70
C LYS D 172 -1.29 -10.14 -37.84
N ILE D 173 -2.57 -10.39 -38.07
CA ILE D 173 -3.66 -9.80 -37.30
C ILE D 173 -4.34 -10.91 -36.52
N PHE D 174 -4.63 -10.65 -35.25
CA PHE D 174 -5.24 -11.65 -34.37
C PHE D 174 -6.53 -11.13 -33.79
N ARG D 175 -7.51 -12.02 -33.67
CA ARG D 175 -8.73 -11.76 -32.92
C ARG D 175 -8.77 -12.68 -31.71
N ILE D 176 -8.91 -12.09 -30.53
CA ILE D 176 -8.81 -12.80 -29.26
C ILE D 176 -10.13 -12.66 -28.52
N GLU D 177 -10.74 -13.79 -28.18
CA GLU D 177 -12.01 -13.82 -27.45
C GLU D 177 -11.79 -14.53 -26.12
N LYS D 178 -11.81 -13.77 -25.03
CA LYS D 178 -11.63 -14.31 -23.68
C LYS D 178 -10.30 -15.05 -23.55
N GLY D 179 -9.26 -14.51 -24.19
CA GLY D 179 -7.91 -15.01 -24.04
C GLY D 179 -7.50 -16.08 -25.03
N LYS D 180 -8.43 -16.63 -25.81
CA LYS D 180 -8.12 -17.65 -26.80
C LYS D 180 -8.12 -17.04 -28.19
N ILE D 181 -7.09 -17.34 -28.97
CA ILE D 181 -7.00 -16.82 -30.33
C ILE D 181 -8.03 -17.52 -31.20
N VAL D 182 -8.94 -16.74 -31.77
CA VAL D 182 -10.05 -17.27 -32.56
C VAL D 182 -9.72 -17.28 -34.04
N LYS D 183 -9.26 -16.16 -34.59
CA LYS D 183 -8.97 -16.05 -36.00
C LYS D 183 -7.67 -15.28 -36.19
N SER D 184 -6.83 -15.79 -37.09
CA SER D 184 -5.56 -15.14 -37.42
C SER D 184 -5.47 -15.00 -38.94
N VAL D 185 -5.00 -13.83 -39.38
CA VAL D 185 -4.86 -13.52 -40.80
C VAL D 185 -3.51 -12.88 -41.03
N GLU D 186 -2.78 -13.37 -42.04
CA GLU D 186 -1.47 -12.83 -42.36
C GLU D 186 -1.61 -11.78 -43.45
N MET D 187 -1.11 -10.57 -43.16
CA MET D 187 -1.21 -9.46 -44.09
C MET D 187 -0.35 -9.70 -45.33
N ASN D 188 -0.87 -9.36 -46.49
CA ASN D 188 -0.13 -9.42 -47.75
C ASN D 188 0.16 -7.98 -48.16
N ALA D 189 1.29 -7.46 -47.70
CA ALA D 189 1.69 -6.07 -47.92
C ALA D 189 3.11 -6.00 -48.43
N PRO D 190 3.32 -6.28 -49.72
CA PRO D 190 4.67 -6.12 -50.29
C PRO D 190 5.11 -4.67 -50.26
N ASN D 191 6.40 -4.46 -50.00
CA ASN D 191 7.00 -3.13 -49.94
C ASN D 191 6.34 -2.26 -48.86
N TYR D 192 6.02 -2.89 -47.73
CA TYR D 192 5.46 -2.21 -46.57
C TYR D 192 6.21 -2.65 -45.32
N HIS D 193 6.17 -1.82 -44.29
CA HIS D 193 6.74 -2.19 -43.00
C HIS D 193 5.81 -1.73 -41.90
N TYR D 194 5.33 -2.68 -41.10
CA TYR D 194 4.45 -2.41 -39.98
C TYR D 194 5.14 -2.83 -38.69
N GLU D 195 5.12 -1.94 -37.70
CA GLU D 195 5.87 -2.17 -36.47
C GLU D 195 5.34 -1.22 -35.41
N GLU D 196 5.15 -1.73 -34.19
CA GLU D 196 4.75 -0.92 -33.03
C GLU D 196 3.54 -0.05 -33.36
N CYS D 197 2.42 -0.72 -33.61
CA CYS D 197 1.22 -0.05 -34.10
C CYS D 197 0.36 0.44 -32.95
N SER D 198 -0.34 1.55 -33.19
CA SER D 198 -1.29 2.11 -32.24
C SER D 198 -2.69 1.97 -32.82
N CYS D 199 -3.53 1.18 -32.15
CA CYS D 199 -4.83 0.81 -32.68
C CYS D 199 -5.95 1.35 -31.80
N TYR D 200 -7.01 1.84 -32.44
CA TYR D 200 -8.18 2.36 -31.75
C TYR D 200 -9.44 1.90 -32.48
N PRO D 201 -10.52 1.67 -31.76
CA PRO D 201 -11.78 1.31 -32.41
C PRO D 201 -12.60 2.53 -32.81
N ASP D 202 -13.30 2.40 -33.94
CA ASP D 202 -14.10 3.49 -34.48
C ASP D 202 -15.17 2.90 -35.37
N SER D 203 -16.44 3.06 -34.97
CA SER D 203 -17.58 2.53 -35.71
C SER D 203 -17.46 1.02 -35.92
N SER D 204 -17.09 0.31 -34.85
CA SER D 204 -16.97 -1.14 -34.83
C SER D 204 -15.90 -1.65 -35.80
N GLU D 205 -14.92 -0.82 -36.12
CA GLU D 205 -13.77 -1.22 -36.93
C GLU D 205 -12.50 -0.70 -36.26
N ILE D 206 -11.38 -1.31 -36.63
CA ILE D 206 -10.09 -1.05 -35.99
C ILE D 206 -9.19 -0.36 -36.99
N THR D 207 -8.52 0.72 -36.56
CA THR D 207 -7.55 1.42 -37.36
C THR D 207 -6.23 1.50 -36.60
N CYS D 208 -5.14 1.13 -37.27
CA CYS D 208 -3.82 1.08 -36.65
C CYS D 208 -2.86 1.93 -37.45
N VAL D 209 -2.02 2.70 -36.75
CA VAL D 209 -0.97 3.50 -37.38
C VAL D 209 0.37 3.03 -36.82
N CYS D 210 1.30 2.70 -37.72
CA CYS D 210 2.50 1.95 -37.36
C CYS D 210 3.73 2.80 -37.66
N ARG D 211 4.91 2.20 -37.50
CA ARG D 211 6.17 2.83 -37.88
C ARG D 211 6.81 2.04 -39.01
N ASP D 212 7.39 2.74 -39.97
CA ASP D 212 8.14 2.12 -41.05
C ASP D 212 9.62 2.24 -40.72
N ASN D 213 10.23 1.14 -40.30
CA ASN D 213 11.61 1.11 -39.88
C ASN D 213 12.58 0.76 -41.00
N TRP D 214 12.09 0.66 -42.24
CA TRP D 214 12.90 0.18 -43.35
C TRP D 214 13.15 1.26 -44.39
N HIS D 215 12.11 1.81 -45.02
CA HIS D 215 12.34 2.84 -46.04
C HIS D 215 11.29 3.94 -46.08
N GLY D 216 10.54 4.16 -45.02
CA GLY D 216 9.47 5.15 -45.02
C GLY D 216 9.67 6.20 -43.94
N SER D 217 9.45 7.46 -44.31
CA SER D 217 9.48 8.55 -43.35
C SER D 217 8.10 9.07 -42.97
N ASN D 218 7.05 8.65 -43.68
CA ASN D 218 5.68 8.82 -43.23
C ASN D 218 5.24 7.55 -42.52
N ARG D 219 3.96 7.47 -42.16
CA ARG D 219 3.48 6.37 -41.35
C ARG D 219 2.46 5.53 -42.09
N PRO D 220 2.58 4.20 -42.06
CA PRO D 220 1.57 3.35 -42.68
C PRO D 220 0.37 3.15 -41.76
N TRP D 221 -0.70 2.62 -42.34
CA TRP D 221 -1.90 2.34 -41.58
C TRP D 221 -2.57 1.09 -42.12
N VAL D 222 -3.44 0.51 -41.30
CA VAL D 222 -4.23 -0.65 -41.67
C VAL D 222 -5.56 -0.58 -40.94
N SER D 223 -6.64 -0.92 -41.65
CA SER D 223 -7.97 -0.90 -41.07
C SER D 223 -8.70 -2.20 -41.43
N PHE D 224 -9.38 -2.78 -40.45
CA PHE D 224 -10.04 -4.07 -40.65
C PHE D 224 -11.28 -4.14 -39.78
N ASN D 225 -12.21 -5.00 -40.20
CA ASN D 225 -13.43 -5.24 -39.43
C ASN D 225 -13.22 -6.46 -38.52
N GLN D 226 -14.30 -6.97 -37.94
CA GLN D 226 -14.21 -8.09 -37.02
C GLN D 226 -13.89 -9.42 -37.71
N ASN D 227 -14.00 -9.49 -39.03
CA ASN D 227 -13.62 -10.68 -39.78
C ASN D 227 -12.22 -10.57 -40.37
N LEU D 228 -11.46 -9.56 -39.95
CA LEU D 228 -10.08 -9.35 -40.41
C LEU D 228 -10.02 -9.22 -41.93
N GLU D 229 -10.78 -8.26 -42.46
CA GLU D 229 -10.73 -7.88 -43.86
C GLU D 229 -10.04 -6.51 -43.91
N TYR D 230 -8.76 -6.51 -44.27
CA TYR D 230 -7.89 -5.37 -44.06
C TYR D 230 -7.73 -4.52 -45.31
N GLN D 231 -7.40 -3.25 -45.09
CA GLN D 231 -7.04 -2.31 -46.13
C GLN D 231 -5.75 -1.61 -45.70
N ILE D 232 -4.81 -1.48 -46.64
CA ILE D 232 -3.47 -1.01 -46.30
C ILE D 232 -3.15 0.25 -47.11
N GLY D 233 -2.20 1.01 -46.60
CA GLY D 233 -1.78 2.23 -47.28
C GLY D 233 -0.84 3.03 -46.40
N TYR D 234 -0.57 4.25 -46.82
CA TYR D 234 0.25 5.20 -46.08
C TYR D 234 -0.52 6.50 -45.89
N ILE D 235 -0.16 7.25 -44.85
CA ILE D 235 -0.79 8.53 -44.57
C ILE D 235 -0.23 9.52 -45.58
N CYS D 236 -1.09 10.00 -46.47
CA CYS D 236 -0.68 10.79 -47.62
C CYS D 236 -0.66 12.28 -47.28
N SER D 237 0.27 12.71 -46.44
CA SER D 237 0.32 14.11 -46.01
C SER D 237 1.75 14.61 -46.07
N GLY D 238 1.91 15.90 -46.24
CA GLY D 238 3.22 16.52 -46.26
C GLY D 238 3.76 16.79 -44.87
N VAL D 239 2.94 16.52 -43.86
CA VAL D 239 3.33 16.62 -42.46
C VAL D 239 3.76 15.23 -42.04
N PHE D 240 5.05 14.95 -42.16
CA PHE D 240 5.56 13.61 -41.93
C PHE D 240 5.51 13.25 -40.45
N GLY D 241 5.53 11.95 -40.16
CA GLY D 241 5.32 11.48 -38.80
C GLY D 241 6.54 10.95 -38.06
N ASP D 242 7.41 10.20 -38.73
CA ASP D 242 8.53 9.60 -38.02
C ASP D 242 9.53 10.67 -37.57
N ASN D 243 10.40 10.27 -36.64
CA ASN D 243 11.36 11.23 -36.10
C ASN D 243 12.51 11.47 -37.07
N PRO D 244 13.14 10.43 -37.65
CA PRO D 244 14.00 10.70 -38.81
C PRO D 244 13.16 10.96 -40.04
N ARG D 245 13.09 12.21 -40.46
CA ARG D 245 12.22 12.60 -41.56
C ARG D 245 12.82 13.83 -42.24
N PRO D 246 12.50 14.06 -43.50
CA PRO D 246 12.98 15.27 -44.18
C PRO D 246 12.15 16.49 -43.78
N ASN D 247 12.52 17.63 -44.34
CA ASN D 247 11.73 18.84 -44.14
C ASN D 247 10.40 18.71 -44.88
N ASP D 248 9.41 19.46 -44.41
CA ASP D 248 8.06 19.35 -44.94
C ASP D 248 8.03 19.70 -46.42
N LYS D 249 7.37 18.85 -47.20
CA LYS D 249 7.18 19.03 -48.63
C LYS D 249 5.99 18.18 -49.05
N THR D 250 5.77 18.03 -50.35
CA THR D 250 4.65 17.24 -50.84
C THR D 250 4.90 15.77 -50.51
N GLY D 251 3.93 15.15 -49.86
CA GLY D 251 4.03 13.75 -49.47
C GLY D 251 3.70 12.81 -50.61
N SER D 252 3.57 11.54 -50.26
CA SER D 252 3.29 10.49 -51.24
C SER D 252 2.38 9.45 -50.62
N CYS D 253 1.70 8.71 -51.47
CA CYS D 253 0.81 7.63 -51.05
C CYS D 253 1.56 6.34 -50.73
N GLY D 254 2.83 6.27 -51.07
CA GLY D 254 3.64 5.11 -50.77
C GLY D 254 4.73 5.43 -49.78
N PRO D 255 5.68 4.53 -49.61
CA PRO D 255 6.76 4.75 -48.64
C PRO D 255 7.76 5.78 -49.12
N VAL D 256 7.51 7.06 -48.86
CA VAL D 256 8.45 8.12 -49.19
C VAL D 256 9.78 7.84 -48.50
N SER D 257 10.85 7.80 -49.28
CA SER D 257 12.17 7.38 -48.81
C SER D 257 13.14 8.53 -48.98
N SER D 258 13.17 9.40 -47.99
CA SER D 258 14.18 10.45 -47.91
C SER D 258 15.08 10.27 -46.69
N ASN D 259 14.50 10.20 -45.49
CA ASN D 259 15.23 9.92 -44.26
C ASN D 259 14.53 8.81 -43.50
N GLY D 260 14.04 7.81 -44.21
CA GLY D 260 13.17 6.82 -43.61
C GLY D 260 13.84 5.55 -43.12
N ALA D 261 15.15 5.59 -42.92
CA ALA D 261 15.86 4.38 -42.51
C ALA D 261 15.48 3.91 -41.10
N ASN D 262 14.93 4.79 -40.27
CA ASN D 262 14.56 4.45 -38.90
C ASN D 262 13.18 5.03 -38.62
N GLY D 263 12.81 5.06 -37.35
CA GLY D 263 11.54 5.64 -36.96
C GLY D 263 11.38 5.65 -35.46
N VAL D 264 10.25 6.18 -35.02
CA VAL D 264 9.86 6.17 -33.62
C VAL D 264 8.38 5.83 -33.55
N LYS D 265 7.97 5.22 -32.45
CA LYS D 265 6.58 4.82 -32.29
C LYS D 265 5.68 6.04 -32.19
N GLY D 266 4.60 6.07 -32.97
CA GLY D 266 3.71 7.20 -33.00
C GLY D 266 2.27 6.82 -33.24
N PHE D 267 1.44 7.81 -33.58
CA PHE D 267 0.00 7.58 -33.75
C PHE D 267 -0.56 8.66 -34.66
N SER D 268 -1.87 8.55 -34.93
CA SER D 268 -2.65 9.51 -35.68
C SER D 268 -4.11 9.09 -35.61
N PHE D 269 -5.01 10.06 -35.68
CA PHE D 269 -6.44 9.83 -35.65
C PHE D 269 -7.07 10.28 -36.96
N LYS D 270 -7.89 9.42 -37.55
CA LYS D 270 -8.56 9.72 -38.80
C LYS D 270 -9.95 10.28 -38.52
N TYR D 271 -10.28 11.39 -39.17
CA TYR D 271 -11.58 12.04 -39.03
C TYR D 271 -12.20 12.26 -40.41
N GLY D 272 -12.22 11.21 -41.22
CA GLY D 272 -12.68 11.32 -42.58
C GLY D 272 -11.51 11.41 -43.53
N ASN D 273 -11.21 12.61 -44.02
CA ASN D 273 -9.98 12.86 -44.75
C ASN D 273 -8.92 13.56 -43.91
N GLY D 274 -9.26 13.97 -42.69
CA GLY D 274 -8.34 14.69 -41.84
C GLY D 274 -7.58 13.77 -40.91
N VAL D 275 -6.51 14.33 -40.32
CA VAL D 275 -5.65 13.61 -39.39
C VAL D 275 -5.29 14.52 -38.23
N TRP D 276 -5.01 13.91 -37.08
CA TRP D 276 -4.45 14.58 -35.92
C TRP D 276 -3.06 14.00 -35.71
N ILE D 277 -2.06 14.59 -36.36
CA ILE D 277 -0.71 14.04 -36.36
C ILE D 277 0.02 14.44 -35.08
N GLY D 278 0.56 13.46 -34.37
CA GLY D 278 1.41 13.74 -33.23
C GLY D 278 2.86 13.36 -33.53
N ARG D 279 3.74 14.35 -33.58
CA ARG D 279 5.12 14.14 -33.99
C ARG D 279 6.05 14.94 -33.10
N THR D 280 7.35 14.73 -33.26
CA THR D 280 8.37 15.47 -32.55
C THR D 280 8.76 16.73 -33.32
N LYS D 281 9.29 17.71 -32.59
CA LYS D 281 9.66 18.98 -33.19
C LYS D 281 11.01 18.96 -33.88
N SER D 282 11.83 17.94 -33.64
CA SER D 282 13.15 17.84 -34.24
C SER D 282 13.15 16.73 -35.28
N ILE D 283 13.64 17.04 -36.49
CA ILE D 283 13.63 16.06 -37.57
C ILE D 283 14.80 15.10 -37.52
N SER D 284 15.67 15.22 -36.52
CA SER D 284 16.84 14.35 -36.38
C SER D 284 16.80 13.54 -35.10
N SER D 285 16.63 14.18 -33.95
CA SER D 285 16.57 13.52 -32.66
C SER D 285 15.17 13.63 -32.06
N ARG D 286 14.93 12.84 -31.02
CA ARG D 286 13.62 12.79 -30.37
C ARG D 286 13.54 13.93 -29.34
N LYS D 287 13.27 15.13 -29.85
CA LYS D 287 13.16 16.31 -29.01
C LYS D 287 11.91 17.08 -29.39
N GLY D 288 11.11 17.44 -28.38
CA GLY D 288 9.88 18.17 -28.60
C GLY D 288 8.73 17.26 -28.97
N PHE D 289 7.53 17.85 -29.01
CA PHE D 289 6.33 17.14 -29.41
C PHE D 289 5.24 18.14 -29.71
N GLU D 290 4.36 17.80 -30.65
CA GLU D 290 3.28 18.68 -31.05
C GLU D 290 2.17 17.88 -31.69
N MET D 291 0.96 18.44 -31.70
CA MET D 291 -0.18 17.87 -32.38
C MET D 291 -0.63 18.81 -33.48
N ILE D 292 -0.83 18.26 -34.68
CA ILE D 292 -1.13 19.04 -35.87
C ILE D 292 -2.42 18.51 -36.48
N TRP D 293 -3.35 19.41 -36.82
CA TRP D 293 -4.61 19.04 -37.44
C TRP D 293 -4.56 19.41 -38.92
N ASP D 294 -4.48 18.40 -39.77
CA ASP D 294 -4.50 18.59 -41.23
C ASP D 294 -5.89 18.25 -41.74
N PRO D 295 -6.64 19.21 -42.29
CA PRO D 295 -8.04 18.92 -42.69
C PRO D 295 -8.17 17.83 -43.74
N ASN D 296 -7.20 17.68 -44.64
CA ASN D 296 -7.24 16.66 -45.68
C ASN D 296 -5.95 15.87 -45.71
N GLY D 297 -5.40 15.56 -44.54
CA GLY D 297 -4.10 14.94 -44.47
C GLY D 297 -4.09 13.46 -44.78
N TRP D 298 -5.20 12.76 -44.57
CA TRP D 298 -5.21 11.32 -44.77
C TRP D 298 -5.09 10.93 -46.24
N THR D 299 -5.47 11.81 -47.15
CA THR D 299 -5.42 11.50 -48.58
C THR D 299 -4.81 12.59 -49.45
N GLY D 300 -4.68 13.83 -48.96
CA GLY D 300 -4.18 14.93 -49.77
C GLY D 300 -2.73 15.23 -49.45
N THR D 301 -1.89 15.14 -50.47
CA THR D 301 -0.43 15.26 -50.32
C THR D 301 -0.02 16.73 -50.45
N ASP D 302 -0.13 17.44 -49.34
CA ASP D 302 0.39 18.80 -49.24
C ASP D 302 0.80 19.05 -47.80
N ASN D 303 1.67 20.04 -47.61
CA ASN D 303 2.24 20.34 -46.31
C ASN D 303 1.47 21.41 -45.54
N ASN D 304 0.30 21.82 -46.03
CA ASN D 304 -0.48 22.85 -45.36
C ASN D 304 -1.37 22.24 -44.29
N PHE D 305 -1.31 22.79 -43.08
CA PHE D 305 -2.19 22.37 -42.01
C PHE D 305 -2.96 23.57 -41.47
N SER D 306 -3.73 23.38 -40.40
CA SER D 306 -4.58 24.46 -39.92
C SER D 306 -4.41 24.75 -38.43
N ILE D 307 -4.09 23.74 -37.63
CA ILE D 307 -3.98 23.89 -36.19
C ILE D 307 -2.70 23.21 -35.72
N LYS D 308 -1.98 23.86 -34.80
CA LYS D 308 -0.82 23.27 -34.15
C LYS D 308 -0.86 23.58 -32.66
N GLN D 309 -0.56 22.56 -31.84
CA GLN D 309 -0.52 22.72 -30.40
C GLN D 309 0.82 22.22 -29.88
N ASP D 310 1.40 22.97 -28.94
CA ASP D 310 2.72 22.67 -28.40
C ASP D 310 2.58 21.87 -27.12
N ILE D 311 3.30 20.76 -27.02
CA ILE D 311 3.15 19.89 -25.87
C ILE D 311 4.49 19.70 -25.14
N VAL D 312 5.59 19.74 -25.89
CA VAL D 312 6.93 19.68 -25.31
C VAL D 312 7.81 20.64 -26.10
N GLY D 313 8.65 21.39 -25.42
CA GLY D 313 9.51 22.34 -26.10
C GLY D 313 10.55 21.67 -26.96
N ILE D 314 11.04 22.42 -27.95
CA ILE D 314 11.97 21.87 -28.93
C ILE D 314 13.31 21.51 -28.30
N ASN D 315 13.61 22.02 -27.11
CA ASN D 315 14.88 21.75 -26.44
C ASN D 315 14.75 20.70 -25.34
N GLU D 316 13.59 20.06 -25.23
CA GLU D 316 13.35 19.06 -24.20
C GLU D 316 13.20 17.69 -24.83
N TRP D 317 13.69 16.67 -24.12
CA TRP D 317 13.73 15.33 -24.66
C TRP D 317 12.35 14.70 -24.72
N SER D 318 12.11 13.93 -25.78
CA SER D 318 10.85 13.24 -25.99
C SER D 318 11.12 11.77 -26.28
N GLY D 319 10.11 11.04 -26.75
CA GLY D 319 10.30 9.63 -27.05
C GLY D 319 9.11 8.99 -27.73
N TYR D 320 8.76 7.79 -27.28
CA TYR D 320 7.65 7.05 -27.85
C TYR D 320 6.33 7.77 -27.60
N SER D 321 5.38 7.57 -28.50
CA SER D 321 4.06 8.16 -28.38
C SER D 321 3.01 7.17 -28.86
N GLY D 322 1.90 7.10 -28.14
CA GLY D 322 0.84 6.17 -28.48
C GLY D 322 -0.51 6.74 -28.09
N SER D 323 -1.56 6.01 -28.46
CA SER D 323 -2.92 6.49 -28.31
C SER D 323 -3.76 5.46 -27.56
N PHE D 324 -4.63 5.95 -26.68
CA PHE D 324 -5.61 5.10 -26.00
C PHE D 324 -6.97 5.75 -26.12
N VAL D 325 -7.99 5.07 -25.61
CA VAL D 325 -9.39 5.38 -25.86
C VAL D 325 -10.19 5.26 -24.57
N GLN D 326 -11.10 6.20 -24.34
CA GLN D 326 -12.06 6.13 -23.25
C GLN D 326 -13.44 5.87 -23.83
N HIS D 327 -14.01 4.72 -23.51
CA HIS D 327 -15.27 4.29 -24.08
C HIS D 327 -16.46 4.98 -23.40
N PRO D 328 -17.63 5.02 -24.06
CA PRO D 328 -18.80 5.62 -23.42
C PRO D 328 -19.22 4.93 -22.14
N GLU D 329 -18.87 3.66 -21.96
CA GLU D 329 -19.20 2.95 -20.73
C GLU D 329 -18.45 3.50 -19.53
N LEU D 330 -17.43 4.33 -19.74
CA LEU D 330 -16.66 4.94 -18.67
C LEU D 330 -16.88 6.44 -18.58
N THR D 331 -16.75 7.16 -19.69
CA THR D 331 -16.94 8.60 -19.67
C THR D 331 -18.40 8.97 -19.47
N GLY D 332 -19.31 8.24 -20.13
CA GLY D 332 -20.72 8.56 -20.09
C GLY D 332 -21.23 9.34 -21.29
N LEU D 333 -20.37 9.67 -22.23
CA LEU D 333 -20.78 10.38 -23.44
C LEU D 333 -21.45 9.41 -24.40
N ASP D 334 -21.74 9.87 -25.61
CA ASP D 334 -22.37 9.03 -26.63
C ASP D 334 -21.41 8.61 -27.73
N CYS D 335 -20.12 8.92 -27.59
CA CYS D 335 -19.14 8.59 -28.60
C CYS D 335 -17.82 8.23 -27.93
N ILE D 336 -16.84 7.88 -28.75
CA ILE D 336 -15.54 7.44 -28.28
C ILE D 336 -14.58 8.63 -28.23
N ARG D 337 -13.96 8.84 -27.07
CA ARG D 337 -13.07 9.98 -26.85
C ARG D 337 -11.62 9.57 -27.11
N PRO D 338 -10.90 10.30 -27.96
CA PRO D 338 -9.49 9.99 -28.20
C PRO D 338 -8.55 10.65 -27.20
N CYS D 339 -7.56 9.87 -26.76
CA CYS D 339 -6.51 10.35 -25.86
C CYS D 339 -5.19 9.78 -26.32
N PHE D 340 -4.09 10.33 -25.80
CA PHE D 340 -2.77 9.85 -26.16
C PHE D 340 -1.80 10.07 -25.00
N TRP D 341 -0.66 9.38 -25.08
CA TRP D 341 0.40 9.47 -24.09
C TRP D 341 1.73 9.71 -24.78
N VAL D 342 2.68 10.31 -24.04
CA VAL D 342 4.03 10.56 -24.53
C VAL D 342 5.01 10.08 -23.47
N GLU D 343 6.11 9.49 -23.91
CA GLU D 343 7.19 9.06 -23.02
C GLU D 343 8.38 9.99 -23.18
N LEU D 344 8.95 10.41 -22.05
CA LEU D 344 10.04 11.36 -22.01
C LEU D 344 11.32 10.61 -21.63
N ILE D 345 12.09 10.22 -22.63
CA ILE D 345 13.26 9.37 -22.43
C ILE D 345 14.45 10.23 -21.99
N ARG D 346 15.12 9.81 -20.93
CA ARG D 346 16.33 10.47 -20.45
C ARG D 346 17.33 9.42 -19.99
N GLY D 347 18.52 9.45 -20.53
CA GLY D 347 19.52 8.50 -20.09
C GLY D 347 20.62 8.32 -21.13
N ARG D 348 21.10 7.08 -21.21
CA ARG D 348 22.36 6.78 -21.88
C ARG D 348 22.43 7.16 -23.35
N PRO D 349 21.45 6.85 -24.20
CA PRO D 349 21.66 7.05 -25.65
C PRO D 349 22.00 8.47 -26.04
N GLU D 350 21.54 9.46 -25.27
CA GLU D 350 21.76 10.86 -25.60
C GLU D 350 22.46 11.65 -24.51
N GLU D 351 22.67 11.09 -23.32
CA GLU D 351 23.30 11.78 -22.21
C GLU D 351 24.38 10.90 -21.60
N ASN D 352 25.17 11.51 -20.72
CA ASN D 352 26.35 10.85 -20.16
C ASN D 352 26.00 10.18 -18.83
N THR D 353 25.13 9.18 -18.91
CA THR D 353 24.76 8.40 -17.75
C THR D 353 25.05 6.92 -18.01
N ILE D 354 24.66 6.06 -17.07
CA ILE D 354 24.81 4.61 -17.24
C ILE D 354 23.48 3.92 -17.48
N TRP D 355 22.36 4.62 -17.37
CA TRP D 355 21.03 4.02 -17.42
C TRP D 355 20.20 4.70 -18.48
N THR D 356 18.95 4.25 -18.62
CA THR D 356 17.99 4.84 -19.54
C THR D 356 16.60 4.60 -18.99
N SER D 357 15.89 5.68 -18.67
CA SER D 357 14.54 5.57 -18.12
C SER D 357 13.70 6.71 -18.67
N GLY D 358 12.38 6.52 -18.64
CA GLY D 358 11.49 7.53 -19.16
C GLY D 358 10.24 7.78 -18.33
N SER D 359 9.91 9.05 -18.14
CA SER D 359 8.67 9.45 -17.51
C SER D 359 7.56 9.49 -18.56
N SER D 360 6.37 9.97 -18.17
CA SER D 360 5.25 9.98 -19.11
C SER D 360 4.32 11.13 -18.82
N ILE D 361 3.59 11.56 -19.85
CA ILE D 361 2.50 12.51 -19.75
C ILE D 361 1.35 12.00 -20.61
N SER D 362 0.16 12.50 -20.33
CA SER D 362 -1.03 12.02 -21.00
C SER D 362 -1.99 13.18 -21.26
N PHE D 363 -2.65 13.16 -22.43
CA PHE D 363 -3.58 14.18 -22.83
C PHE D 363 -4.85 13.54 -23.36
N CYS D 364 -5.98 14.25 -23.21
CA CYS D 364 -7.25 13.81 -23.75
C CYS D 364 -7.90 14.94 -24.54
N GLY D 365 -8.58 14.57 -25.62
CA GLY D 365 -9.16 15.56 -26.52
C GLY D 365 -10.49 16.09 -26.03
N VAL D 366 -10.67 17.40 -26.18
CA VAL D 366 -11.87 18.09 -25.71
C VAL D 366 -12.33 19.08 -26.77
N ASN D 367 -13.59 19.49 -26.65
CA ASN D 367 -14.17 20.55 -27.48
C ASN D 367 -14.25 21.89 -26.76
N SER D 368 -13.28 22.17 -25.90
CA SER D 368 -13.28 23.38 -25.09
C SER D 368 -11.98 24.16 -25.34
N ASP D 369 -11.75 25.18 -24.51
CA ASP D 369 -10.59 26.03 -24.65
C ASP D 369 -9.37 25.37 -24.01
N THR D 370 -8.29 25.25 -24.77
CA THR D 370 -7.06 24.62 -24.31
C THR D 370 -5.87 25.48 -24.73
N VAL D 371 -4.75 25.28 -24.03
CA VAL D 371 -3.55 26.06 -24.25
C VAL D 371 -2.39 25.12 -24.55
N GLY D 372 -1.42 25.62 -25.30
CA GLY D 372 -0.20 24.89 -25.58
C GLY D 372 0.94 25.38 -24.71
N TRP D 373 1.70 24.44 -24.16
CA TRP D 373 2.79 24.76 -23.24
C TRP D 373 3.87 23.71 -23.43
N SER D 374 4.78 23.63 -22.47
CA SER D 374 5.82 22.59 -22.45
C SER D 374 5.78 21.93 -21.09
N TRP D 375 5.51 20.62 -21.07
CA TRP D 375 5.46 19.82 -19.85
C TRP D 375 6.58 18.78 -19.91
N PRO D 376 7.83 19.21 -19.72
CA PRO D 376 8.95 18.28 -19.90
C PRO D 376 9.25 17.47 -18.66
N ASP D 377 10.32 16.69 -18.71
CA ASP D 377 10.84 15.99 -17.53
C ASP D 377 11.87 16.87 -16.85
N GLY D 378 11.63 17.22 -15.60
CA GLY D 378 12.48 18.15 -14.91
C GLY D 378 13.64 17.54 -14.16
N ALA D 379 14.11 16.38 -14.62
CA ALA D 379 15.22 15.71 -13.97
C ALA D 379 16.52 16.48 -14.20
N GLU D 380 17.46 16.29 -13.28
CA GLU D 380 18.75 16.97 -13.30
C GLU D 380 19.85 15.93 -13.31
N LEU D 381 20.21 15.46 -14.49
CA LEU D 381 21.24 14.45 -14.66
C LEU D 381 22.63 15.09 -14.67
N PRO D 382 23.68 14.34 -14.32
CA PRO D 382 23.71 12.94 -13.89
C PRO D 382 23.34 12.73 -12.42
N PHE D 383 23.00 11.50 -12.06
CA PHE D 383 22.67 11.14 -10.69
C PHE D 383 23.95 10.84 -9.92
N THR D 384 23.81 10.28 -8.72
CA THR D 384 24.96 9.95 -7.88
C THR D 384 25.56 8.59 -8.20
N ILE D 385 25.01 7.87 -9.17
CA ILE D 385 25.51 6.55 -9.51
C ILE D 385 26.34 6.59 -10.78
#